data_6JJE
# 
_entry.id   6JJE 
# 
_audit_conform.dict_name       mmcif_pdbx.dic 
_audit_conform.dict_version    5.380 
_audit_conform.dict_location   http://mmcif.pdb.org/dictionaries/ascii/mmcif_pdbx.dic 
# 
loop_
_database_2.database_id 
_database_2.database_code 
_database_2.pdbx_database_accession 
_database_2.pdbx_DOI 
PDB   6JJE         pdb_00006jje 10.2210/pdb6jje/pdb 
WWPDB D_1300011173 ?            ?                   
# 
_pdbx_database_status.status_code                     REL 
_pdbx_database_status.status_code_sf                  REL 
_pdbx_database_status.status_code_mr                  ? 
_pdbx_database_status.entry_id                        6JJE 
_pdbx_database_status.recvd_initial_deposition_date   2019-02-25 
_pdbx_database_status.SG_entry                        N 
_pdbx_database_status.deposit_site                    PDBJ 
_pdbx_database_status.process_site                    PDBJ 
_pdbx_database_status.status_code_cs                  ? 
_pdbx_database_status.methods_development_category    ? 
_pdbx_database_status.pdb_format_compatible           Y 
_pdbx_database_status.status_code_nmr_data            ? 
# 
loop_
_audit_author.name 
_audit_author.pdbx_ordinal 
_audit_author.identifier_ORCID 
'Zhang, Y.S.' 1 0000-0002-4948-6449 
'Wei, D.G.'   2 0000-0001-7776-7320 
# 
_citation.abstract                  ? 
_citation.abstract_id_CAS           ? 
_citation.book_id_ISBN              ? 
_citation.book_publisher            ? 
_citation.book_publisher_city       ? 
_citation.book_title                ? 
_citation.coordinate_linkage        ? 
_citation.country                   ? 
_citation.database_id_Medline       ? 
_citation.details                   ? 
_citation.id                        primary 
_citation.journal_abbrev            'To Be Published' 
_citation.journal_id_ASTM           ? 
_citation.journal_id_CSD            0353 
_citation.journal_id_ISSN           ? 
_citation.journal_full              ? 
_citation.journal_issue             ? 
_citation.journal_volume            ? 
_citation.language                  ? 
_citation.page_first                ? 
_citation.page_last                 ? 
_citation.title                     'Crystal structure of a two-quartet DNA mixed-parallel/antiparallel G-quadruplex (BrU)' 
_citation.year                      ? 
_citation.database_id_CSD           ? 
_citation.pdbx_database_id_DOI      ? 
_citation.pdbx_database_id_PubMed   ? 
_citation.unpublished_flag          ? 
# 
loop_
_citation_author.citation_id 
_citation_author.name 
_citation_author.ordinal 
_citation_author.identifier_ORCID 
primary 'Zhang, Y.S.'     1 0000-0002-4948-6449 
primary 'Parkinson, G.N.' 2 ?                   
primary 'Wagner, A.'      3 ?                   
primary 'Wei, D.G.'       4 0000-0001-7776-7320 
# 
_cell.angle_alpha                  90.000 
_cell.angle_alpha_esd              ? 
_cell.angle_beta                   109.960 
_cell.angle_beta_esd               ? 
_cell.angle_gamma                  90.000 
_cell.angle_gamma_esd              ? 
_cell.entry_id                     6JJE 
_cell.details                      ? 
_cell.formula_units_Z              ? 
_cell.length_a                     44.786 
_cell.length_a_esd                 ? 
_cell.length_b                     47.454 
_cell.length_b_esd                 ? 
_cell.length_c                     37.782 
_cell.length_c_esd                 ? 
_cell.volume                       ? 
_cell.volume_esd                   ? 
_cell.Z_PDB                        8 
_cell.reciprocal_angle_alpha       ? 
_cell.reciprocal_angle_beta        ? 
_cell.reciprocal_angle_gamma       ? 
_cell.reciprocal_angle_alpha_esd   ? 
_cell.reciprocal_angle_beta_esd    ? 
_cell.reciprocal_angle_gamma_esd   ? 
_cell.reciprocal_length_a          ? 
_cell.reciprocal_length_b          ? 
_cell.reciprocal_length_c          ? 
_cell.reciprocal_length_a_esd      ? 
_cell.reciprocal_length_b_esd      ? 
_cell.reciprocal_length_c_esd      ? 
_cell.pdbx_unique_axis             ? 
# 
_symmetry.entry_id                         6JJE 
_symmetry.cell_setting                     ? 
_symmetry.Int_Tables_number                5 
_symmetry.space_group_name_Hall            ? 
_symmetry.space_group_name_H-M             'C 1 2 1' 
_symmetry.pdbx_full_space_group_name_H-M   ? 
# 
loop_
_entity.id 
_entity.type 
_entity.src_method 
_entity.pdbx_description 
_entity.formula_weight 
_entity.pdbx_number_of_molecules 
_entity.pdbx_ec 
_entity.pdbx_mutation 
_entity.pdbx_fragment 
_entity.details 
1 polymer     syn 
;DNA (5'-D(*GP*GP*CP*(BRU)P*CP*GP*GP*CP*GP*GP*CP*GP*GP*A)-3')
;
4427.686 2  ? ? ? ? 
2 non-polymer syn 'POTASSIUM ION'                                                39.098   3  ? ? ? ? 
3 non-polymer syn 'COBALT HEXAMMINE(III)'                                        161.116  3  ? ? ? ? 
4 non-polymer syn 'SODIUM ION'                                                   22.990   1  ? ? ? ? 
5 water       nat water                                                          18.015   95 ? ? ? ? 
# 
_entity_poly.entity_id                      1 
_entity_poly.type                           polydeoxyribonucleotide 
_entity_poly.nstd_linkage                   no 
_entity_poly.nstd_monomer                   yes 
_entity_poly.pdbx_seq_one_letter_code       '(DG)(DG)(DC)(BRU)(DC)(DG)(DG)(DC)(DG)(DG)(DC)(DG)(DG)(DA)' 
_entity_poly.pdbx_seq_one_letter_code_can   GGCUCGGCGGCGGA 
_entity_poly.pdbx_strand_id                 A,B 
_entity_poly.pdbx_target_identifier         ? 
# 
loop_
_entity_poly_seq.entity_id 
_entity_poly_seq.num 
_entity_poly_seq.mon_id 
_entity_poly_seq.hetero 
1 1  DG  n 
1 2  DG  n 
1 3  DC  n 
1 4  BRU n 
1 5  DC  n 
1 6  DG  n 
1 7  DG  n 
1 8  DC  n 
1 9  DG  n 
1 10 DG  n 
1 11 DC  n 
1 12 DG  n 
1 13 DG  n 
1 14 DA  n 
# 
_pdbx_entity_src_syn.entity_id              1 
_pdbx_entity_src_syn.pdbx_src_id            1 
_pdbx_entity_src_syn.pdbx_alt_source_flag   sample 
_pdbx_entity_src_syn.pdbx_beg_seq_num       1 
_pdbx_entity_src_syn.pdbx_end_seq_num       14 
_pdbx_entity_src_syn.organism_scientific    'Pseudorabies virus Ea' 
_pdbx_entity_src_syn.organism_common_name   ? 
_pdbx_entity_src_syn.ncbi_taxonomy_id       101947 
_pdbx_entity_src_syn.details                ? 
# 
_struct_ref.id                         1 
_struct_ref.db_name                    PDB 
_struct_ref.db_code                    6JJE 
_struct_ref.pdbx_db_accession          6JJE 
_struct_ref.pdbx_db_isoform            ? 
_struct_ref.entity_id                  1 
_struct_ref.pdbx_seq_one_letter_code   ? 
_struct_ref.pdbx_align_begin           1 
# 
loop_
_struct_ref_seq.align_id 
_struct_ref_seq.ref_id 
_struct_ref_seq.pdbx_PDB_id_code 
_struct_ref_seq.pdbx_strand_id 
_struct_ref_seq.seq_align_beg 
_struct_ref_seq.pdbx_seq_align_beg_ins_code 
_struct_ref_seq.seq_align_end 
_struct_ref_seq.pdbx_seq_align_end_ins_code 
_struct_ref_seq.pdbx_db_accession 
_struct_ref_seq.db_align_beg 
_struct_ref_seq.pdbx_db_align_beg_ins_code 
_struct_ref_seq.db_align_end 
_struct_ref_seq.pdbx_db_align_end_ins_code 
_struct_ref_seq.pdbx_auth_seq_align_beg 
_struct_ref_seq.pdbx_auth_seq_align_end 
1 1 6JJE A 1 ? 14 ? 6JJE 1 ? 14 ? 1 14 
2 1 6JJE B 1 ? 14 ? 6JJE 1 ? 14 ? 1 14 
# 
loop_
_chem_comp.id 
_chem_comp.type 
_chem_comp.mon_nstd_flag 
_chem_comp.name 
_chem_comp.pdbx_synonyms 
_chem_comp.formula 
_chem_comp.formula_weight 
BRU 'DNA linking' n "5-BROMO-2'-DEOXYURIDINE-5'-MONOPHOSPHATE" ? 'C9 H12 Br N2 O8 P' 387.078 
DA  'DNA linking' y "2'-DEOXYADENOSINE-5'-MONOPHOSPHATE"       ? 'C10 H14 N5 O6 P'   331.222 
DC  'DNA linking' y "2'-DEOXYCYTIDINE-5'-MONOPHOSPHATE"        ? 'C9 H14 N3 O7 P'    307.197 
DG  'DNA linking' y "2'-DEOXYGUANOSINE-5'-MONOPHOSPHATE"       ? 'C10 H14 N5 O7 P'   347.221 
HOH non-polymer   . WATER                                      ? 'H2 O'              18.015  
K   non-polymer   . 'POTASSIUM ION'                            ? 'K 1'               39.098  
NA  non-polymer   . 'SODIUM ION'                               ? 'Na 1'              22.990  
NCO non-polymer   . 'COBALT HEXAMMINE(III)'                    ? 'Co H18 N6 3'       161.116 
# 
_exptl.absorpt_coefficient_mu     ? 
_exptl.absorpt_correction_T_max   ? 
_exptl.absorpt_correction_T_min   ? 
_exptl.absorpt_correction_type    ? 
_exptl.absorpt_process_details    ? 
_exptl.entry_id                   6JJE 
_exptl.crystals_number            1 
_exptl.details                    ? 
_exptl.method                     'X-RAY DIFFRACTION' 
_exptl.method_details             ? 
# 
_exptl_crystal.colour                      ? 
_exptl_crystal.density_diffrn              ? 
_exptl_crystal.density_Matthews            2.13 
_exptl_crystal.density_method              ? 
_exptl_crystal.density_percent_sol         42.27 
_exptl_crystal.description                 square 
_exptl_crystal.F_000                       ? 
_exptl_crystal.id                          1 
_exptl_crystal.preparation                 ? 
_exptl_crystal.size_max                    ? 
_exptl_crystal.size_mid                    ? 
_exptl_crystal.size_min                    ? 
_exptl_crystal.size_rad                    ? 
_exptl_crystal.colour_lustre               ? 
_exptl_crystal.colour_modifier             ? 
_exptl_crystal.colour_primary              ? 
_exptl_crystal.density_meas                ? 
_exptl_crystal.density_meas_esd            ? 
_exptl_crystal.density_meas_gt             ? 
_exptl_crystal.density_meas_lt             ? 
_exptl_crystal.density_meas_temp           ? 
_exptl_crystal.density_meas_temp_esd       ? 
_exptl_crystal.density_meas_temp_gt        ? 
_exptl_crystal.density_meas_temp_lt        ? 
_exptl_crystal.pdbx_crystal_image_url      ? 
_exptl_crystal.pdbx_crystal_image_format   ? 
_exptl_crystal.pdbx_mosaicity              ? 
_exptl_crystal.pdbx_mosaicity_esd          ? 
# 
_exptl_crystal_grow.apparatus       ? 
_exptl_crystal_grow.atmosphere      ? 
_exptl_crystal_grow.crystal_id      1 
_exptl_crystal_grow.details         ? 
_exptl_crystal_grow.method          'VAPOR DIFFUSION, HANGING DROP' 
_exptl_crystal_grow.method_ref      ? 
_exptl_crystal_grow.pH              ? 
_exptl_crystal_grow.pressure        ? 
_exptl_crystal_grow.pressure_esd    ? 
_exptl_crystal_grow.seeding         ? 
_exptl_crystal_grow.seeding_ref     ? 
_exptl_crystal_grow.temp            283 
_exptl_crystal_grow.temp_details    ? 
_exptl_crystal_grow.temp_esd        ? 
_exptl_crystal_grow.time            ? 
_exptl_crystal_grow.pdbx_details    
'Potassium cacodylate,Sodium cacodylate,Potassium chloride,Sodium chloride,hexammine cobalt(III) chloride,MPD' 
_exptl_crystal_grow.pdbx_pH_range   ? 
# 
_diffrn.ambient_environment              ? 
_diffrn.ambient_temp                     100 
_diffrn.ambient_temp_details             ? 
_diffrn.ambient_temp_esd                 ? 
_diffrn.crystal_id                       1 
_diffrn.crystal_support                  ? 
_diffrn.crystal_treatment                ? 
_diffrn.details                          ? 
_diffrn.id                               1 
_diffrn.ambient_pressure                 ? 
_diffrn.ambient_pressure_esd             ? 
_diffrn.ambient_pressure_gt              ? 
_diffrn.ambient_pressure_lt              ? 
_diffrn.ambient_temp_gt                  ? 
_diffrn.ambient_temp_lt                  ? 
_diffrn.pdbx_serial_crystal_experiment   N 
# 
_diffrn_detector.details                      ? 
_diffrn_detector.detector                     PIXEL 
_diffrn_detector.diffrn_id                    1 
_diffrn_detector.type                         'DECTRIS PILATUS3 6M' 
_diffrn_detector.area_resol_mean              ? 
_diffrn_detector.dtime                        ? 
_diffrn_detector.pdbx_frames_total            ? 
_diffrn_detector.pdbx_collection_time_total   ? 
_diffrn_detector.pdbx_collection_date         2018-05-05 
_diffrn_detector.pdbx_frequency               ? 
# 
_diffrn_radiation.collimation                      ? 
_diffrn_radiation.diffrn_id                        1 
_diffrn_radiation.filter_edge                      ? 
_diffrn_radiation.inhomogeneity                    ? 
_diffrn_radiation.monochromator                    ? 
_diffrn_radiation.polarisn_norm                    ? 
_diffrn_radiation.polarisn_ratio                   ? 
_diffrn_radiation.probe                            ? 
_diffrn_radiation.type                             ? 
_diffrn_radiation.xray_symbol                      ? 
_diffrn_radiation.wavelength_id                    1 
_diffrn_radiation.pdbx_monochromatic_or_laue_m_l   M 
_diffrn_radiation.pdbx_wavelength_list             ? 
_diffrn_radiation.pdbx_wavelength                  ? 
_diffrn_radiation.pdbx_diffrn_protocol             'SINGLE WAVELENGTH' 
_diffrn_radiation.pdbx_analyzer                    ? 
_diffrn_radiation.pdbx_scattering_type             x-ray 
# 
_diffrn_radiation_wavelength.id           1 
_diffrn_radiation_wavelength.wavelength   0.91944 
_diffrn_radiation_wavelength.wt           1.0 
# 
_diffrn_source.current                     ? 
_diffrn_source.details                     ? 
_diffrn_source.diffrn_id                   1 
_diffrn_source.power                       ? 
_diffrn_source.size                        ? 
_diffrn_source.source                      SYNCHROTRON 
_diffrn_source.target                      ? 
_diffrn_source.type                        'SSRF BEAMLINE BL19U1' 
_diffrn_source.voltage                     ? 
_diffrn_source.take-off_angle              ? 
_diffrn_source.pdbx_wavelength_list        0.91944 
_diffrn_source.pdbx_wavelength             ? 
_diffrn_source.pdbx_synchrotron_beamline   BL19U1 
_diffrn_source.pdbx_synchrotron_site       SSRF 
# 
_reflns.B_iso_Wilson_estimate            ? 
_reflns.entry_id                         6JJE 
_reflns.data_reduction_details           ? 
_reflns.data_reduction_method            ? 
_reflns.d_resolution_high                1.378 
_reflns.d_resolution_low                 50 
_reflns.details                          ? 
_reflns.limit_h_max                      ? 
_reflns.limit_h_min                      ? 
_reflns.limit_k_max                      ? 
_reflns.limit_k_min                      ? 
_reflns.limit_l_max                      ? 
_reflns.limit_l_min                      ? 
_reflns.number_all                       ? 
_reflns.number_obs                       15296 
_reflns.observed_criterion               ? 
_reflns.observed_criterion_F_max         ? 
_reflns.observed_criterion_F_min         ? 
_reflns.observed_criterion_I_max         ? 
_reflns.observed_criterion_I_min         ? 
_reflns.observed_criterion_sigma_F       ? 
_reflns.observed_criterion_sigma_I       ? 
_reflns.percent_possible_obs             99.2 
_reflns.R_free_details                   ? 
_reflns.Rmerge_F_all                     ? 
_reflns.Rmerge_F_obs                     ? 
_reflns.Friedel_coverage                 ? 
_reflns.number_gt                        ? 
_reflns.threshold_expression             ? 
_reflns.pdbx_redundancy                  6.5 
_reflns.pdbx_Rmerge_I_obs                0.063 
_reflns.pdbx_Rmerge_I_all                ? 
_reflns.pdbx_Rsym_value                  ? 
_reflns.pdbx_netI_over_av_sigmaI         ? 
_reflns.pdbx_netI_over_sigmaI            11.536 
_reflns.pdbx_res_netI_over_av_sigmaI_2   ? 
_reflns.pdbx_res_netI_over_sigmaI_2      ? 
_reflns.pdbx_chi_squared                 ? 
_reflns.pdbx_scaling_rejects             ? 
_reflns.pdbx_d_res_high_opt              ? 
_reflns.pdbx_d_res_low_opt               ? 
_reflns.pdbx_d_res_opt_method            ? 
_reflns.phase_calculation_details        ? 
_reflns.pdbx_Rrim_I_all                  ? 
_reflns.pdbx_Rpim_I_all                  ? 
_reflns.pdbx_d_opt                       ? 
_reflns.pdbx_number_measured_all         ? 
_reflns.pdbx_diffrn_id                   1 
_reflns.pdbx_ordinal                     1 
_reflns.pdbx_CC_half                     ? 
_reflns.pdbx_R_split                     ? 
# 
_reflns_shell.d_res_high                  1.378 
_reflns_shell.d_res_low                   1.428 
_reflns_shell.meanI_over_sigI_all         ? 
_reflns_shell.meanI_over_sigI_obs         ? 
_reflns_shell.number_measured_all         ? 
_reflns_shell.number_measured_obs         ? 
_reflns_shell.number_possible             ? 
_reflns_shell.number_unique_all           ? 
_reflns_shell.number_unique_obs           ? 
_reflns_shell.percent_possible_all        99.6 
_reflns_shell.percent_possible_obs        ? 
_reflns_shell.Rmerge_F_all                ? 
_reflns_shell.Rmerge_F_obs                ? 
_reflns_shell.Rmerge_I_all                ? 
_reflns_shell.Rmerge_I_obs                0.289 
_reflns_shell.meanI_over_sigI_gt          ? 
_reflns_shell.meanI_over_uI_all           ? 
_reflns_shell.meanI_over_uI_gt            ? 
_reflns_shell.number_measured_gt          ? 
_reflns_shell.number_unique_gt            ? 
_reflns_shell.percent_possible_gt         ? 
_reflns_shell.Rmerge_F_gt                 ? 
_reflns_shell.Rmerge_I_gt                 ? 
_reflns_shell.pdbx_redundancy             ? 
_reflns_shell.pdbx_Rsym_value             ? 
_reflns_shell.pdbx_chi_squared            ? 
_reflns_shell.pdbx_netI_over_sigmaI_all   ? 
_reflns_shell.pdbx_netI_over_sigmaI_obs   ? 
_reflns_shell.pdbx_Rrim_I_all             ? 
_reflns_shell.pdbx_Rpim_I_all             ? 
_reflns_shell.pdbx_rejects                ? 
_reflns_shell.pdbx_ordinal                1 
_reflns_shell.pdbx_diffrn_id              1 
_reflns_shell.pdbx_CC_half                ? 
_reflns_shell.pdbx_R_split                ? 
# 
_refine.aniso_B[1][1]                            ? 
_refine.aniso_B[1][2]                            ? 
_refine.aniso_B[1][3]                            ? 
_refine.aniso_B[2][2]                            ? 
_refine.aniso_B[2][3]                            ? 
_refine.aniso_B[3][3]                            ? 
_refine.B_iso_max                                84.410 
_refine.B_iso_mean                               19.3874 
_refine.B_iso_min                                6.240 
_refine.correlation_coeff_Fo_to_Fc               ? 
_refine.correlation_coeff_Fo_to_Fc_free          ? 
_refine.details                                  ? 
_refine.diff_density_max                         ? 
_refine.diff_density_max_esd                     ? 
_refine.diff_density_min                         ? 
_refine.diff_density_min_esd                     ? 
_refine.diff_density_rms                         ? 
_refine.diff_density_rms_esd                     ? 
_refine.entry_id                                 6JJE 
_refine.pdbx_refine_id                           'X-RAY DIFFRACTION' 
_refine.ls_abs_structure_details                 ? 
_refine.ls_abs_structure_Flack                   ? 
_refine.ls_abs_structure_Flack_esd               ? 
_refine.ls_abs_structure_Rogers                  ? 
_refine.ls_abs_structure_Rogers_esd              ? 
_refine.ls_d_res_high                            1.3780 
_refine.ls_d_res_low                             31.49 
_refine.ls_extinction_coef                       ? 
_refine.ls_extinction_coef_esd                   ? 
_refine.ls_extinction_expression                 ? 
_refine.ls_extinction_method                     ? 
_refine.ls_goodness_of_fit_all                   ? 
_refine.ls_goodness_of_fit_all_esd               ? 
_refine.ls_goodness_of_fit_obs                   ? 
_refine.ls_goodness_of_fit_obs_esd               ? 
_refine.ls_hydrogen_treatment                    ? 
_refine.ls_matrix_type                           ? 
_refine.ls_number_constraints                    ? 
_refine.ls_number_parameters                     ? 
_refine.ls_number_reflns_all                     ? 
_refine.ls_number_reflns_obs                     15259 
_refine.ls_number_reflns_R_free                  762 
_refine.ls_number_reflns_R_work                  ? 
_refine.ls_number_restraints                     ? 
_refine.ls_percent_reflns_obs                    98.8500 
_refine.ls_percent_reflns_R_free                 4.9900 
_refine.ls_R_factor_all                          ? 
_refine.ls_R_factor_obs                          0.1976 
_refine.ls_R_factor_R_free                       0.2250 
_refine.ls_R_factor_R_free_error                 ? 
_refine.ls_R_factor_R_free_error_details         ? 
_refine.ls_R_factor_R_work                       0.1962 
_refine.ls_R_Fsqd_factor_obs                     ? 
_refine.ls_R_I_factor_obs                        ? 
_refine.ls_redundancy_reflns_all                 ? 
_refine.ls_redundancy_reflns_obs                 ? 
_refine.ls_restrained_S_all                      ? 
_refine.ls_restrained_S_obs                      ? 
_refine.ls_shift_over_esd_max                    ? 
_refine.ls_shift_over_esd_mean                   ? 
_refine.ls_structure_factor_coef                 ? 
_refine.ls_weighting_details                     ? 
_refine.ls_weighting_scheme                      ? 
_refine.ls_wR_factor_all                         ? 
_refine.ls_wR_factor_obs                         ? 
_refine.ls_wR_factor_R_free                      ? 
_refine.ls_wR_factor_R_work                      ? 
_refine.occupancy_max                            ? 
_refine.occupancy_min                            ? 
_refine.solvent_model_details                    ? 
_refine.solvent_model_param_bsol                 ? 
_refine.solvent_model_param_ksol                 ? 
_refine.ls_R_factor_gt                           ? 
_refine.ls_goodness_of_fit_gt                    ? 
_refine.ls_goodness_of_fit_ref                   ? 
_refine.ls_shift_over_su_max                     ? 
_refine.ls_shift_over_su_max_lt                  ? 
_refine.ls_shift_over_su_mean                    ? 
_refine.ls_shift_over_su_mean_lt                 ? 
_refine.pdbx_ls_sigma_I                          ? 
_refine.pdbx_ls_sigma_F                          1.420 
_refine.pdbx_ls_sigma_Fsqd                       ? 
_refine.pdbx_data_cutoff_high_absF               ? 
_refine.pdbx_data_cutoff_high_rms_absF           ? 
_refine.pdbx_data_cutoff_low_absF                ? 
_refine.pdbx_isotropic_thermal_model             ? 
_refine.pdbx_ls_cross_valid_method               THROUGHOUT 
_refine.pdbx_method_to_determine_struct          'MOLECULAR REPLACEMENT' 
_refine.pdbx_starting_model                      6JJF 
_refine.pdbx_stereochemistry_target_values       ? 
_refine.pdbx_R_Free_selection_details            ? 
_refine.pdbx_stereochem_target_val_spec_case     ? 
_refine.pdbx_overall_ESU_R                       ? 
_refine.pdbx_overall_ESU_R_Free                  ? 
_refine.pdbx_solvent_vdw_probe_radii             1.1100 
_refine.pdbx_solvent_ion_probe_radii             ? 
_refine.pdbx_solvent_shrinkage_radii             0.9000 
_refine.pdbx_real_space_R                        ? 
_refine.pdbx_density_correlation                 ? 
_refine.pdbx_pd_number_of_powder_patterns        ? 
_refine.pdbx_pd_number_of_points                 ? 
_refine.pdbx_pd_meas_number_of_points            ? 
_refine.pdbx_pd_proc_ls_prof_R_factor            ? 
_refine.pdbx_pd_proc_ls_prof_wR_factor           ? 
_refine.pdbx_pd_Marquardt_correlation_coeff      ? 
_refine.pdbx_pd_Fsqrd_R_factor                   ? 
_refine.pdbx_pd_ls_matrix_band_width             ? 
_refine.pdbx_overall_phase_error                 24.4800 
_refine.pdbx_overall_SU_R_free_Cruickshank_DPI   ? 
_refine.pdbx_overall_SU_R_free_Blow_DPI          ? 
_refine.pdbx_overall_SU_R_Blow_DPI               ? 
_refine.pdbx_TLS_residual_ADP_flag               ? 
_refine.pdbx_diffrn_id                           1 
_refine.overall_SU_B                             ? 
_refine.overall_SU_ML                            0.1600 
_refine.overall_SU_R_Cruickshank_DPI             ? 
_refine.overall_SU_R_free                        ? 
_refine.overall_FOM_free_R_set                   ? 
_refine.overall_FOM_work_R_set                   ? 
_refine.pdbx_average_fsc_overall                 ? 
_refine.pdbx_average_fsc_work                    ? 
_refine.pdbx_average_fsc_free                    ? 
# 
_refine_hist.cycle_id                         final 
_refine_hist.pdbx_refine_id                   'X-RAY DIFFRACTION' 
_refine_hist.d_res_high                       1.3780 
_refine_hist.d_res_low                        31.49 
_refine_hist.pdbx_number_atoms_ligand         25 
_refine_hist.number_atoms_solvent             95 
_refine_hist.number_atoms_total               700 
_refine_hist.pdbx_number_residues_total       28 
_refine_hist.pdbx_B_iso_mean_ligand           31.50 
_refine_hist.pdbx_B_iso_mean_solvent          28.93 
_refine_hist.pdbx_number_atoms_protein        0 
_refine_hist.pdbx_number_atoms_nucleic_acid   580 
# 
loop_
_refine_ls_shell.pdbx_refine_id 
_refine_ls_shell.d_res_high 
_refine_ls_shell.d_res_low 
_refine_ls_shell.number_reflns_all 
_refine_ls_shell.number_reflns_obs 
_refine_ls_shell.number_reflns_R_free 
_refine_ls_shell.number_reflns_R_work 
_refine_ls_shell.percent_reflns_obs 
_refine_ls_shell.percent_reflns_R_free 
_refine_ls_shell.R_factor_all 
_refine_ls_shell.R_factor_obs 
_refine_ls_shell.R_factor_R_free 
_refine_ls_shell.R_factor_R_free_error 
_refine_ls_shell.R_factor_R_work 
_refine_ls_shell.redundancy_reflns_all 
_refine_ls_shell.redundancy_reflns_obs 
_refine_ls_shell.wR_factor_all 
_refine_ls_shell.wR_factor_obs 
_refine_ls_shell.wR_factor_R_free 
_refine_ls_shell.wR_factor_R_work 
_refine_ls_shell.pdbx_total_number_of_bins_used 
_refine_ls_shell.pdbx_phase_error 
_refine_ls_shell.pdbx_fsc_work 
_refine_ls_shell.pdbx_fsc_free 
'X-RAY DIFFRACTION' 1.3783 1.4847  3041 . 161 2880 99.0000  . . . 0.2497 0.0000 0.2248 . . . . . . 5 . . . 
'X-RAY DIFFRACTION' 1.4847 1.6341  3063 . 130 2933 100.0000 . . . 0.2293 0.0000 0.1973 . . . . . . 5 . . . 
'X-RAY DIFFRACTION' 1.6341 1.8706  3038 . 153 2885 99.0000  . . . 0.2019 0.0000 0.1722 . . . . . . 5 . . . 
'X-RAY DIFFRACTION' 1.8706 2.3566  3075 . 153 2922 100.0000 . . . 0.2061 0.0000 0.2029 . . . . . . 5 . . . 
'X-RAY DIFFRACTION' 2.3566 35.5240 3042 . 165 2877 97.0000  . . . 0.2372 0.0000 0.1964 . . . . . . 5 . . . 
# 
_struct.entry_id                     6JJE 
_struct.title                        'Crystal structure of a two-quartet DNA mixed-parallel/antiparallel G-quadruplex (BrU)' 
_struct.pdbx_model_details           ? 
_struct.pdbx_formula_weight          ? 
_struct.pdbx_formula_weight_method   ? 
_struct.pdbx_model_type_details      ? 
_struct.pdbx_CASP_flag               N 
# 
_struct_keywords.entry_id        6JJE 
_struct_keywords.text            'G-quadruplex, two-quartet, mixed-parallel/antiparallel, DNA' 
_struct_keywords.pdbx_keywords   DNA 
# 
loop_
_struct_asym.id 
_struct_asym.pdbx_blank_PDB_chainid_flag 
_struct_asym.pdbx_modified 
_struct_asym.entity_id 
_struct_asym.details 
A N N 1 ? 
B N N 1 ? 
C N N 2 ? 
D N N 2 ? 
E N N 2 ? 
F N N 3 ? 
G N N 4 ? 
H N N 3 ? 
I N N 3 ? 
J N N 5 ? 
K N N 5 ? 
# 
loop_
_struct_conn.id 
_struct_conn.conn_type_id 
_struct_conn.pdbx_leaving_atom_flag 
_struct_conn.pdbx_PDB_id 
_struct_conn.ptnr1_label_asym_id 
_struct_conn.ptnr1_label_comp_id 
_struct_conn.ptnr1_label_seq_id 
_struct_conn.ptnr1_label_atom_id 
_struct_conn.pdbx_ptnr1_label_alt_id 
_struct_conn.pdbx_ptnr1_PDB_ins_code 
_struct_conn.pdbx_ptnr1_standard_comp_id 
_struct_conn.ptnr1_symmetry 
_struct_conn.ptnr2_label_asym_id 
_struct_conn.ptnr2_label_comp_id 
_struct_conn.ptnr2_label_seq_id 
_struct_conn.ptnr2_label_atom_id 
_struct_conn.pdbx_ptnr2_label_alt_id 
_struct_conn.pdbx_ptnr2_PDB_ins_code 
_struct_conn.ptnr1_auth_asym_id 
_struct_conn.ptnr1_auth_comp_id 
_struct_conn.ptnr1_auth_seq_id 
_struct_conn.ptnr2_auth_asym_id 
_struct_conn.ptnr2_auth_comp_id 
_struct_conn.ptnr2_auth_seq_id 
_struct_conn.ptnr2_symmetry 
_struct_conn.pdbx_ptnr3_label_atom_id 
_struct_conn.pdbx_ptnr3_label_seq_id 
_struct_conn.pdbx_ptnr3_label_comp_id 
_struct_conn.pdbx_ptnr3_label_asym_id 
_struct_conn.pdbx_ptnr3_label_alt_id 
_struct_conn.pdbx_ptnr3_PDB_ins_code 
_struct_conn.details 
_struct_conn.pdbx_dist_value 
_struct_conn.pdbx_value_order 
_struct_conn.pdbx_role 
covale1  covale both ? A DC  3  "O3'" ? ? ? 1_555 A BRU 4  P  ? ? A DC  3   A BRU 4   1_555 ? ? ? ? ? ? ?            1.607 ? ? 
covale2  covale both ? A BRU 4  "O3'" ? ? ? 1_555 A DC  5  P  ? ? A BRU 4   A DC  5   1_555 ? ? ? ? ? ? ?            1.595 ? ? 
covale3  covale both ? B DC  3  "O3'" ? ? ? 1_555 B BRU 4  P  ? ? B DC  3   B BRU 4   1_555 ? ? ? ? ? ? ?            1.605 ? ? 
covale4  covale both ? B BRU 4  "O3'" ? ? ? 1_555 B DC  5  P  ? ? B BRU 4   B DC  5   1_555 ? ? ? ? ? ? ?            1.601 ? ? 
metalc1  metalc ?    ? A DG  1  O6    ? ? ? 1_555 C K   .  K  ? ? A DG  1   A K   101 1_555 ? ? ? ? ? ? ?            2.852 ? ? 
metalc2  metalc ?    ? A DG  1  O6    ? ? ? 1_555 D K   .  K  ? ? A DG  1   A K   102 1_555 ? ? ? ? ? ? ?            2.772 ? ? 
metalc3  metalc ?    ? A DG  2  O6    ? ? ? 1_555 C K   .  K  ? ? A DG  2   A K   101 1_555 ? ? ? ? ? ? ?            2.719 ? ? 
metalc4  metalc ?    ? A DG  6  O6    ? ? ? 1_555 C K   .  K  ? ? A DG  6   A K   101 1_555 ? ? ? ? ? ? ?            2.664 ? ? 
metalc5  metalc ?    ? A DG  7  O6    ? ? ? 1_555 C K   .  K  ? ? A DG  7   A K   101 1_555 ? ? ? ? ? ? ?            2.847 ? ? 
metalc6  metalc ?    ? A DG  7  O6    ? ? ? 1_555 D K   .  K  ? ? A DG  7   A K   102 1_555 ? ? ? ? ? ? ?            2.867 ? ? 
metalc7  metalc ?    ? A DG  9  O6    ? ? ? 1_555 D K   .  K  ? ? A DG  9   A K   102 1_555 ? ? ? ? ? ? ?            2.782 ? ? 
metalc8  metalc ?    ? A DG  9  O6    ? ? ? 1_555 E K   .  K  ? ? A DG  9   A K   103 1_555 ? ? ? ? ? ? ?            2.924 ? ? 
metalc9  metalc ?    ? A DG  10 O6    ? ? ? 1_555 E K   .  K  ? ? A DG  10  A K   103 1_555 ? ? ? ? ? ? ?            2.812 ? ? 
metalc10 metalc ?    ? A DG  10 O6    ? ? ? 1_555 G NA  .  NA ? ? A DG  10  A NA  105 1_555 ? ? ? ? ? ? ?            3.109 ? ? 
metalc11 metalc ?    ? A DG  12 O6    ? ? ? 1_555 D K   .  K  ? ? A DG  12  A K   102 1_555 ? ? ? ? ? ? ?            2.798 ? ? 
metalc12 metalc ?    ? A DG  12 O6    ? ? ? 1_555 E K   .  K  ? ? A DG  12  A K   103 1_555 ? ? ? ? ? ? ?            2.806 ? ? 
metalc13 metalc ?    ? A DG  13 O6    ? ? ? 1_555 E K   .  K  ? ? A DG  13  A K   103 1_555 ? ? ? ? ? ? ?            2.761 ? ? 
metalc14 metalc ?    ? A DG  13 O6    ? ? ? 1_555 G NA  .  NA ? ? A DG  13  A NA  105 1_555 ? ? ? ? ? ? ?            2.921 ? ? 
metalc15 metalc ?    ? C K   .  K     ? ? ? 1_555 B DG  1  O6 ? ? A K   101 B DG  1   1_555 ? ? ? ? ? ? ?            2.874 ? ? 
metalc16 metalc ?    ? C K   .  K     ? ? ? 1_555 B DG  2  O6 ? ? A K   101 B DG  2   1_555 ? ? ? ? ? ? ?            2.737 ? ? 
metalc17 metalc ?    ? C K   .  K     ? ? ? 1_555 B DG  6  O6 ? ? A K   101 B DG  6   1_555 ? ? ? ? ? ? ?            2.632 ? ? 
metalc18 metalc ?    ? C K   .  K     ? ? ? 1_555 B DG  7  O6 ? ? A K   101 B DG  7   1_555 ? ? ? ? ? ? ?            2.960 ? ? 
metalc19 metalc ?    ? D K   .  K     ? ? ? 1_555 B DG  1  O6 ? ? A K   102 B DG  1   1_555 ? ? ? ? ? ? ?            2.810 ? ? 
metalc20 metalc ?    ? D K   .  K     ? ? ? 1_555 B DG  7  O6 ? ? A K   102 B DG  7   1_555 ? ? ? ? ? ? ?            2.773 ? ? 
metalc21 metalc ?    ? D K   .  K     ? ? ? 1_555 B DG  9  O6 ? ? A K   102 B DG  9   1_555 ? ? ? ? ? ? ?            2.810 ? ? 
metalc22 metalc ?    ? D K   .  K     ? ? ? 1_555 B DG  12 O6 ? ? A K   102 B DG  12  1_555 ? ? ? ? ? ? ?            2.811 ? ? 
metalc23 metalc ?    ? E K   .  K     ? ? ? 1_555 B DG  9  O6 ? ? A K   103 B DG  9   1_555 ? ? ? ? ? ? ?            2.885 ? ? 
metalc24 metalc ?    ? E K   .  K     ? ? ? 1_555 B DG  10 O6 ? ? A K   103 B DG  10  1_555 ? ? ? ? ? ? ?            2.843 ? ? 
metalc25 metalc ?    ? E K   .  K     ? ? ? 1_555 B DG  12 O6 ? ? A K   103 B DG  12  1_555 ? ? ? ? ? ? ?            2.859 ? ? 
metalc26 metalc ?    ? E K   .  K     ? ? ? 1_555 B DG  13 O6 ? ? A K   103 B DG  13  1_555 ? ? ? ? ? ? ?            2.744 ? ? 
metalc27 metalc ?    ? G NA  .  NA    ? ? ? 1_555 B DG  10 O6 ? ? A NA  105 B DG  10  1_555 ? ? ? ? ? ? ?            3.062 ? ? 
metalc28 metalc ?    ? G NA  .  NA    ? ? ? 1_555 B DG  13 O6 ? ? A NA  105 B DG  13  1_555 ? ? ? ? ? ? ?            2.977 ? ? 
hydrog1  hydrog ?    ? A DG  1  N7    ? ? ? 1_555 A DG  7  N2 ? ? A DG  1   A DG  7   1_555 ? ? ? ? ? ? TYPE_6_PAIR  ?     ? ? 
hydrog2  hydrog ?    ? A DG  1  O6    ? ? ? 1_555 A DG  7  N1 ? ? A DG  1   A DG  7   1_555 ? ? ? ? ? ? TYPE_6_PAIR  ?     ? ? 
hydrog3  hydrog ?    ? A DG  1  N1    ? ? ? 1_555 B DG  7  O6 ? ? A DG  1   B DG  7   1_555 ? ? ? ? ? ? TYPE_6_PAIR  ?     ? ? 
hydrog4  hydrog ?    ? A DG  1  N2    ? ? ? 1_555 B DG  7  N7 ? ? A DG  1   B DG  7   1_555 ? ? ? ? ? ? TYPE_6_PAIR  ?     ? ? 
hydrog5  hydrog ?    ? A DG  2  N1    ? ? ? 1_555 A DG  6  O6 ? ? A DG  2   A DG  6   1_555 ? ? ? ? ? ? TYPE_6_PAIR  ?     ? ? 
hydrog6  hydrog ?    ? A DG  2  N2    ? ? ? 1_555 A DG  6  N7 ? ? A DG  2   A DG  6   1_555 ? ? ? ? ? ? TYPE_6_PAIR  ?     ? ? 
hydrog7  hydrog ?    ? A DG  2  N7    ? ? ? 1_555 B DG  6  N2 ? ? A DG  2   B DG  6   1_555 ? ? ? ? ? ? TYPE_6_PAIR  ?     ? ? 
hydrog8  hydrog ?    ? A DG  2  O6    ? ? ? 1_555 B DG  6  N1 ? ? A DG  2   B DG  6   1_555 ? ? ? ? ? ? TYPE_6_PAIR  ?     ? ? 
hydrog9  hydrog ?    ? A DC  5  N4    ? ? ? 1_555 B DC  5  O2 ? ? A DC  5   B DC  5   1_555 ? ? ? ? ? ? TYPE_15_PAIR ?     ? ? 
hydrog10 hydrog ?    ? A DC  5  O2    ? ? ? 1_555 B DC  5  N4 ? ? A DC  5   B DC  5   1_555 ? ? ? ? ? ? TYPE_15_PAIR ?     ? ? 
hydrog11 hydrog ?    ? A DG  6  N1    ? ? ? 1_555 B DG  2  O6 ? ? A DG  6   B DG  2   1_555 ? ? ? ? ? ? TYPE_6_PAIR  ?     ? ? 
hydrog12 hydrog ?    ? A DG  6  N2    ? ? ? 1_555 B DG  2  N7 ? ? A DG  6   B DG  2   1_555 ? ? ? ? ? ? TYPE_6_PAIR  ?     ? ? 
hydrog13 hydrog ?    ? A DG  7  N7    ? ? ? 1_555 B DG  1  N2 ? ? A DG  7   B DG  1   1_555 ? ? ? ? ? ? TYPE_6_PAIR  ?     ? ? 
hydrog14 hydrog ?    ? A DG  7  O6    ? ? ? 1_555 B DG  1  N1 ? ? A DG  7   B DG  1   1_555 ? ? ? ? ? ? TYPE_6_PAIR  ?     ? ? 
hydrog15 hydrog ?    ? A DG  9  N1    ? ? ? 1_555 A DG  12 O6 ? ? A DG  9   A DG  12  1_555 ? ? ? ? ? ? TYPE_6_PAIR  ?     ? ? 
hydrog16 hydrog ?    ? A DG  9  N2    ? ? ? 1_555 A DG  12 N7 ? ? A DG  9   A DG  12  1_555 ? ? ? ? ? ? TYPE_6_PAIR  ?     ? ? 
hydrog17 hydrog ?    ? A DG  9  N7    ? ? ? 1_555 B DG  12 N2 ? ? A DG  9   B DG  12  1_555 ? ? ? ? ? ? TYPE_6_PAIR  ?     ? ? 
hydrog18 hydrog ?    ? A DG  9  O6    ? ? ? 1_555 B DG  12 N1 ? ? A DG  9   B DG  12  1_555 ? ? ? ? ? ? TYPE_6_PAIR  ?     ? ? 
hydrog19 hydrog ?    ? A DG  10 N1    ? ? ? 1_555 A DG  13 O6 ? ? A DG  10  A DG  13  1_555 ? ? ? ? ? ? TYPE_6_PAIR  ?     ? ? 
hydrog20 hydrog ?    ? A DG  10 N2    ? ? ? 1_555 A DG  13 N7 ? ? A DG  10  A DG  13  1_555 ? ? ? ? ? ? TYPE_6_PAIR  ?     ? ? 
hydrog21 hydrog ?    ? A DG  10 N7    ? ? ? 1_555 B DG  13 N2 ? ? A DG  10  B DG  13  1_555 ? ? ? ? ? ? TYPE_6_PAIR  ?     ? ? 
hydrog22 hydrog ?    ? A DG  10 O6    ? ? ? 1_555 B DG  13 N1 ? ? A DG  10  B DG  13  1_555 ? ? ? ? ? ? TYPE_6_PAIR  ?     ? ? 
hydrog23 hydrog ?    ? A DG  12 N1    ? ? ? 1_555 B DG  9  O6 ? ? A DG  12  B DG  9   1_555 ? ? ? ? ? ? TYPE_6_PAIR  ?     ? ? 
hydrog24 hydrog ?    ? A DG  12 N2    ? ? ? 1_555 B DG  9  N7 ? ? A DG  12  B DG  9   1_555 ? ? ? ? ? ? TYPE_6_PAIR  ?     ? ? 
hydrog25 hydrog ?    ? A DG  13 N1    ? ? ? 1_555 B DG  10 O6 ? ? A DG  13  B DG  10  1_555 ? ? ? ? ? ? TYPE_6_PAIR  ?     ? ? 
hydrog26 hydrog ?    ? A DG  13 N2    ? ? ? 1_555 B DG  10 N7 ? ? A DG  13  B DG  10  1_555 ? ? ? ? ? ? TYPE_6_PAIR  ?     ? ? 
hydrog27 hydrog ?    ? B DG  1  N7    ? ? ? 1_555 B DG  7  N2 ? ? B DG  1   B DG  7   1_555 ? ? ? ? ? ? TYPE_6_PAIR  ?     ? ? 
hydrog28 hydrog ?    ? B DG  1  O6    ? ? ? 1_555 B DG  7  N1 ? ? B DG  1   B DG  7   1_555 ? ? ? ? ? ? TYPE_6_PAIR  ?     ? ? 
hydrog29 hydrog ?    ? B DG  2  N1    ? ? ? 1_555 B DG  6  O6 ? ? B DG  2   B DG  6   1_555 ? ? ? ? ? ? TYPE_6_PAIR  ?     ? ? 
hydrog30 hydrog ?    ? B DG  2  N2    ? ? ? 1_555 B DG  6  N7 ? ? B DG  2   B DG  6   1_555 ? ? ? ? ? ? TYPE_6_PAIR  ?     ? ? 
hydrog31 hydrog ?    ? B DG  9  N1    ? ? ? 1_555 B DG  12 O6 ? ? B DG  9   B DG  12  1_555 ? ? ? ? ? ? TYPE_6_PAIR  ?     ? ? 
hydrog32 hydrog ?    ? B DG  9  N2    ? ? ? 1_555 B DG  12 N7 ? ? B DG  9   B DG  12  1_555 ? ? ? ? ? ? TYPE_6_PAIR  ?     ? ? 
hydrog33 hydrog ?    ? B DG  10 N1    ? ? ? 1_555 B DG  13 O6 ? ? B DG  10  B DG  13  1_555 ? ? ? ? ? ? TYPE_6_PAIR  ?     ? ? 
hydrog34 hydrog ?    ? B DG  10 N2    ? ? ? 1_555 B DG  13 N7 ? ? B DG  10  B DG  13  1_555 ? ? ? ? ? ? TYPE_6_PAIR  ?     ? ? 
# 
loop_
_struct_conn_type.id 
_struct_conn_type.criteria 
_struct_conn_type.reference 
covale ? ? 
metalc ? ? 
hydrog ? ? 
# 
loop_
_struct_site.id 
_struct_site.pdbx_evidence_code 
_struct_site.pdbx_auth_asym_id 
_struct_site.pdbx_auth_comp_id 
_struct_site.pdbx_auth_seq_id 
_struct_site.pdbx_auth_ins_code 
_struct_site.pdbx_num_residues 
_struct_site.details 
AC1 Software A K   101 ? 9  'binding site for residue K A 101'                  
AC2 Software A K   102 ? 10 'binding site for residue K A 102'                  
AC3 Software A K   103 ? 10 'binding site for residue K A 103'                  
AC4 Software A NCO 104 ? 6  'binding site for residue NCO A 104'                
AC5 Software A NA  105 ? 9  'binding site for residue NA A 105'                 
AC6 Software B NCO 101 ? 7  'binding site for residue NCO B 101'                
AC7 Software B NCO 102 ? 6  'binding site for residue NCO B 102'                
AC8 Software B DC  3   ? 5  'binding site for Di-nucleotide DC B 3 and BRU B 4' 
AC9 Software B BRU 4   ? 8  'binding site for Di-nucleotide BRU B 4 and DC B 5' 
# 
loop_
_struct_site_gen.id 
_struct_site_gen.site_id 
_struct_site_gen.pdbx_num_res 
_struct_site_gen.label_comp_id 
_struct_site_gen.label_asym_id 
_struct_site_gen.label_seq_id 
_struct_site_gen.pdbx_auth_ins_code 
_struct_site_gen.auth_comp_id 
_struct_site_gen.auth_asym_id 
_struct_site_gen.auth_seq_id 
_struct_site_gen.label_atom_id 
_struct_site_gen.label_alt_id 
_struct_site_gen.symmetry 
_struct_site_gen.details 
1  AC1 9  DG  A 1  ? DG  A 1   . ? 1_555 ? 
2  AC1 9  DG  A 2  ? DG  A 2   . ? 1_555 ? 
3  AC1 9  DG  A 6  ? DG  A 6   . ? 1_555 ? 
4  AC1 9  DG  A 7  ? DG  A 7   . ? 1_555 ? 
5  AC1 9  K   D .  ? K   A 102 . ? 1_555 ? 
6  AC1 9  DG  B 1  ? DG  B 1   . ? 1_555 ? 
7  AC1 9  DG  B 2  ? DG  B 2   . ? 1_555 ? 
8  AC1 9  DG  B 6  ? DG  B 6   . ? 1_555 ? 
9  AC1 9  DG  B 7  ? DG  B 7   . ? 1_555 ? 
10 AC2 10 DG  A 1  ? DG  A 1   . ? 1_555 ? 
11 AC2 10 DG  A 7  ? DG  A 7   . ? 1_555 ? 
12 AC2 10 DG  A 9  ? DG  A 9   . ? 1_555 ? 
13 AC2 10 DG  A 12 ? DG  A 12  . ? 1_555 ? 
14 AC2 10 K   C .  ? K   A 101 . ? 1_555 ? 
15 AC2 10 K   E .  ? K   A 103 . ? 1_555 ? 
16 AC2 10 DG  B 1  ? DG  B 1   . ? 1_555 ? 
17 AC2 10 DG  B 7  ? DG  B 7   . ? 1_555 ? 
18 AC2 10 DG  B 9  ? DG  B 9   . ? 1_555 ? 
19 AC2 10 DG  B 12 ? DG  B 12  . ? 1_555 ? 
20 AC3 10 DG  A 9  ? DG  A 9   . ? 1_555 ? 
21 AC3 10 DG  A 10 ? DG  A 10  . ? 1_555 ? 
22 AC3 10 DG  A 12 ? DG  A 12  . ? 1_555 ? 
23 AC3 10 DG  A 13 ? DG  A 13  . ? 1_555 ? 
24 AC3 10 K   D .  ? K   A 102 . ? 1_555 ? 
25 AC3 10 NA  G .  ? NA  A 105 . ? 1_555 ? 
26 AC3 10 DG  B 9  ? DG  B 9   . ? 1_555 ? 
27 AC3 10 DG  B 10 ? DG  B 10  . ? 1_555 ? 
28 AC3 10 DG  B 12 ? DG  B 12  . ? 1_555 ? 
29 AC3 10 DG  B 13 ? DG  B 13  . ? 1_555 ? 
30 AC4 6  DC  A 3  ? DC  A 3   . ? 1_554 ? 
31 AC4 6  BRU A 4  ? BRU A 4   . ? 1_554 ? 
32 AC4 6  DA  A 14 ? DA  A 14  . ? 1_555 ? 
33 AC4 6  HOH J .  ? HOH A 201 . ? 1_555 ? 
34 AC4 6  DC  B 8  ? DC  B 8   . ? 1_555 ? 
35 AC4 6  DC  B 11 ? DC  B 11  . ? 4_554 ? 
36 AC5 9  DG  A 10 ? DG  A 10  . ? 1_555 ? 
37 AC5 9  DG  A 13 ? DG  A 13  . ? 1_555 ? 
38 AC5 9  DA  A 14 ? DA  A 14  . ? 1_555 ? 
39 AC5 9  DA  A 14 ? DA  A 14  . ? 2_554 ? 
40 AC5 9  K   E .  ? K   A 103 . ? 1_555 ? 
41 AC5 9  DG  B 10 ? DG  B 10  . ? 1_555 ? 
42 AC5 9  DG  B 13 ? DG  B 13  . ? 1_555 ? 
43 AC5 9  DA  B 14 ? DA  B 14  . ? 1_555 ? 
44 AC5 9  DA  B 14 ? DA  B 14  . ? 2_554 ? 
45 AC6 7  DG  B 7  ? DG  B 7   . ? 4_544 ? 
46 AC6 7  DC  B 11 ? DC  B 11  . ? 1_555 ? 
47 AC6 7  DA  B 14 ? DA  B 14  . ? 2_554 ? 
48 AC6 7  HOH K .  ? HOH B 202 . ? 1_555 ? 
49 AC6 7  HOH K .  ? HOH B 208 . ? 1_555 ? 
50 AC6 7  HOH K .  ? HOH B 214 . ? 1_555 ? 
51 AC6 7  HOH K .  ? HOH B 237 . ? 1_555 ? 
52 AC7 6  DA  A 14 ? DA  A 14  . ? 4_544 ? 
53 AC7 6  HOH J .  ? HOH A 206 . ? 4_544 ? 
54 AC7 6  DG  B 2  ? DG  B 2   . ? 1_555 ? 
55 AC7 6  HOH K .  ? HOH B 207 . ? 1_555 ? 
56 AC7 6  HOH K .  ? HOH B 228 . ? 1_555 ? 
57 AC7 6  HOH K .  ? HOH B 235 . ? 1_555 ? 
58 AC8 5  DC  A 11 ? DC  A 11  . ? 3_545 ? 
59 AC8 5  DG  B 2  ? DG  B 2   . ? 1_555 ? 
60 AC8 5  DC  B 5  ? DC  B 5   . ? 1_555 ? 
61 AC8 5  HOH K .  ? HOH B 231 . ? 1_555 ? 
62 AC8 5  HOH K .  ? HOH B 235 . ? 1_555 ? 
63 AC9 8  DG  A 2  ? DG  A 2   . ? 1_555 ? 
64 AC9 8  DC  A 5  ? DC  A 5   . ? 1_555 ? 
65 AC9 8  DG  A 6  ? DG  A 6   . ? 1_555 ? 
66 AC9 8  DG  B 2  ? DG  B 2   . ? 1_555 ? 
67 AC9 8  DC  B 3  ? DC  B 3   . ? 1_555 ? 
68 AC9 8  DG  B 6  ? DG  B 6   . ? 1_555 ? 
69 AC9 8  HOH K .  ? HOH B 231 . ? 1_555 ? 
70 AC9 8  HOH K .  ? HOH B 236 . ? 1_555 ? 
# 
_atom_sites.entry_id                    6JJE 
_atom_sites.fract_transf_matrix[1][1]   0.01151363 
_atom_sites.fract_transf_matrix[1][2]   -0.02077351 
_atom_sites.fract_transf_matrix[1][3]   -0.00043942 
_atom_sites.fract_transf_matrix[2][1]   0.00631166 
_atom_sites.fract_transf_matrix[2][2]   0.00307793 
_atom_sites.fract_transf_matrix[2][3]   0.01986859 
_atom_sites.fract_transf_matrix[3][1]   -0.01709234 
_atom_sites.fract_transf_matrix[3][2]   -0.02064782 
_atom_sites.fract_transf_matrix[3][3]   0.00862837 
_atom_sites.fract_transf_vector[1]      0.153768 
_atom_sites.fract_transf_vector[2]      -0.006869 
_atom_sites.fract_transf_vector[3]      -0.283571 
# 
loop_
_atom_type.symbol 
BR 
C  
CO 
K  
N  
NA 
O  
P  
# 
loop_
_atom_site.group_PDB 
_atom_site.id 
_atom_site.type_symbol 
_atom_site.label_atom_id 
_atom_site.label_alt_id 
_atom_site.label_comp_id 
_atom_site.label_asym_id 
_atom_site.label_entity_id 
_atom_site.label_seq_id 
_atom_site.pdbx_PDB_ins_code 
_atom_site.Cartn_x 
_atom_site.Cartn_y 
_atom_site.Cartn_z 
_atom_site.occupancy 
_atom_site.B_iso_or_equiv 
_atom_site.pdbx_formal_charge 
_atom_site.auth_seq_id 
_atom_site.auth_comp_id 
_atom_site.auth_asym_id 
_atom_site.auth_atom_id 
_atom_site.pdbx_PDB_model_num 
ATOM   1   O  "O5'" . DG  A 1 1  ? 1.539   1.376   8.520   1.00 17.45 ? 1   DG  A "O5'" 1 
ATOM   2   C  "C5'" . DG  A 1 1  ? 0.886   2.414   9.218   1.00 15.12 ? 1   DG  A "C5'" 1 
ATOM   3   C  "C4'" . DG  A 1 1  ? -0.525  2.013   9.596   1.00 14.68 ? 1   DG  A "C4'" 1 
ATOM   4   O  "O4'" . DG  A 1 1  ? -1.340  1.907   8.403   1.00 12.43 ? 1   DG  A "O4'" 1 
ATOM   5   C  "C3'" . DG  A 1 1  ? -0.654  0.672   10.307  1.00 16.69 ? 1   DG  A "C3'" 1 
ATOM   6   O  "O3'" . DG  A 1 1  ? -1.658  0.780   11.301  1.00 18.37 ? 1   DG  A "O3'" 1 
ATOM   7   C  "C2'" . DG  A 1 1  ? -1.066  -0.286  9.181   1.00 13.03 ? 1   DG  A "C2'" 1 
ATOM   8   C  "C1'" . DG  A 1 1  ? -1.941  0.623   8.338   1.00 14.58 ? 1   DG  A "C1'" 1 
ATOM   9   N  N9    . DG  A 1 1  ? -2.030  0.288   6.922   1.00 11.55 ? 1   DG  A N9    1 
ATOM   10  C  C8    . DG  A 1 1  ? -3.173  0.272   6.164   1.00 11.04 ? 1   DG  A C8    1 
ATOM   11  N  N7    . DG  A 1 1  ? -2.960  0.017   4.902   1.00 10.92 ? 1   DG  A N7    1 
ATOM   12  C  C5    . DG  A 1 1  ? -1.580  -0.133  4.813   1.00 8.74  ? 1   DG  A C5    1 
ATOM   13  C  C6    . DG  A 1 1  ? -0.758  -0.412  3.685   1.00 8.81  ? 1   DG  A C6    1 
ATOM   14  O  O6    . DG  A 1 1  ? -1.102  -0.578  2.499   1.00 9.13  ? 1   DG  A O6    1 
ATOM   15  N  N1    . DG  A 1 1  ? 0.589   -0.465  4.029   1.00 8.09  ? 1   DG  A N1    1 
ATOM   16  C  C2    . DG  A 1 1  ? 1.085   -0.274  5.299   1.00 8.62  ? 1   DG  A C2    1 
ATOM   17  N  N2    . DG  A 1 1  ? 2.408   -0.366  5.434   1.00 9.25  ? 1   DG  A N2    1 
ATOM   18  N  N3    . DG  A 1 1  ? 0.329   0.001   6.357   1.00 8.73  ? 1   DG  A N3    1 
ATOM   19  C  C4    . DG  A 1 1  ? -0.989  0.048   6.045   1.00 8.83  ? 1   DG  A C4    1 
ATOM   20  P  P     . DG  A 1 2  ? -1.884  -0.405  12.359  1.00 22.38 ? 2   DG  A P     1 
ATOM   21  O  OP1   . DG  A 1 2  ? -2.571  0.188   13.527  1.00 32.26 ? 2   DG  A OP1   1 
ATOM   22  O  OP2   . DG  A 1 2  ? -0.611  -1.136  12.523  1.00 23.60 ? 2   DG  A OP2   1 
ATOM   23  O  "O5'" . DG  A 1 2  ? -2.906  -1.377  11.623  1.00 19.80 ? 2   DG  A "O5'" 1 
ATOM   24  C  "C5'" . DG  A 1 2  ? -4.190  -0.918  11.280  1.00 17.07 ? 2   DG  A "C5'" 1 
ATOM   25  C  "C4'" . DG  A 1 2  ? -4.866  -1.915  10.377  1.00 14.59 ? 2   DG  A "C4'" 1 
ATOM   26  O  "O4'" . DG  A 1 2  ? -4.234  -1.884  9.072   1.00 15.13 ? 2   DG  A "O4'" 1 
ATOM   27  C  "C3'" . DG  A 1 2  ? -4.762  -3.369  10.860  1.00 19.94 ? 2   DG  A "C3'" 1 
ATOM   28  O  "O3'" . DG  A 1 2  ? -6.036  -3.969  10.852  1.00 20.61 ? 2   DG  A "O3'" 1 
ATOM   29  C  "C2'" . DG  A 1 2  ? -3.850  -4.024  9.826   1.00 18.30 ? 2   DG  A "C2'" 1 
ATOM   30  C  "C1'" . DG  A 1 2  ? -4.177  -3.196  8.602   1.00 14.79 ? 2   DG  A "C1'" 1 
ATOM   31  N  N9    . DG  A 1 2  ? -3.181  -3.293  7.551   1.00 13.45 ? 2   DG  A N9    1 
ATOM   32  C  C8    . DG  A 1 2  ? -1.822  -3.407  7.703   1.00 14.06 ? 2   DG  A C8    1 
ATOM   33  N  N7    . DG  A 1 2  ? -1.185  -3.500  6.569   1.00 10.98 ? 2   DG  A N7    1 
ATOM   34  C  C5    . DG  A 1 2  ? -2.185  -3.456  5.612   1.00 9.08  ? 2   DG  A C5    1 
ATOM   35  C  C6    . DG  A 1 2  ? -2.101  -3.510  4.202   1.00 10.30 ? 2   DG  A C6    1 
ATOM   36  O  O6    . DG  A 1 2  ? -1.093  -3.613  3.500   1.00 10.37 ? 2   DG  A O6    1 
ATOM   37  N  N1    . DG  A 1 2  ? -3.350  -3.441  3.607   1.00 9.95  ? 2   DG  A N1    1 
ATOM   38  C  C2    . DG  A 1 2  ? -4.538  -3.303  4.289   1.00 10.97 ? 2   DG  A C2    1 
ATOM   39  N  N2    . DG  A 1 2  ? -5.641  -3.244  3.546   1.00 11.68 ? 2   DG  A N2    1 
ATOM   40  N  N3    . DG  A 1 2  ? -4.630  -3.246  5.609   1.00 12.07 ? 2   DG  A N3    1 
ATOM   41  C  C4    . DG  A 1 2  ? -3.418  -3.325  6.203   1.00 12.29 ? 2   DG  A C4    1 
ATOM   42  P  P     . DC  A 1 3  ? -7.019  -3.803  12.111  1.00 26.50 ? 3   DC  A P     1 
ATOM   43  O  OP1   . DC  A 1 3  ? -8.107  -2.914  11.649  1.00 28.12 ? 3   DC  A OP1   1 
ATOM   44  O  OP2   . DC  A 1 3  ? -6.212  -3.442  13.297  1.00 31.42 ? 3   DC  A OP2   1 
ATOM   45  O  "O5'" . DC  A 1 3  ? -7.635  -5.265  12.308  1.00 23.93 ? 3   DC  A "O5'" 1 
ATOM   46  C  "C5'" . DC  A 1 3  ? -6.787  -6.374  12.548  1.00 21.40 ? 3   DC  A "C5'" 1 
ATOM   47  C  "C4'" . DC  A 1 3  ? -7.089  -7.498  11.576  1.00 23.63 ? 3   DC  A "C4'" 1 
ATOM   48  O  "O4'" . DC  A 1 3  ? -8.415  -8.035  11.841  1.00 19.39 ? 3   DC  A "O4'" 1 
ATOM   49  C  "C3'" . DC  A 1 3  ? -7.087  -7.100  10.105  1.00 19.80 ? 3   DC  A "C3'" 1 
ATOM   50  O  "O3'" . DC  A 1 3  ? -6.541  -8.156  9.334   1.00 19.66 ? 3   DC  A "O3'" 1 
ATOM   51  C  "C2'" . DC  A 1 3  ? -8.573  -6.888  9.802   1.00 18.01 ? 3   DC  A "C2'" 1 
ATOM   52  C  "C1'" . DC  A 1 3  ? -9.220  -7.946  10.682  1.00 19.25 ? 3   DC  A "C1'" 1 
ATOM   53  N  N1    . DC  A 1 3  ? -10.613 -7.611  11.119  1.00 18.65 ? 3   DC  A N1    1 
ATOM   54  C  C2    . DC  A 1 3  ? -11.658 -8.506  10.853  1.00 18.67 ? 3   DC  A C2    1 
ATOM   55  O  O2    . DC  A 1 3  ? -11.414 -9.550  10.242  1.00 25.32 ? 3   DC  A O2    1 
ATOM   56  N  N3    . DC  A 1 3  ? -12.911 -8.196  11.273  1.00 21.50 ? 3   DC  A N3    1 
ATOM   57  C  C4    . DC  A 1 3  ? -13.131 -7.058  11.933  1.00 17.80 ? 3   DC  A C4    1 
ATOM   58  N  N4    . DC  A 1 3  ? -14.380 -6.795  12.327  1.00 25.05 ? 3   DC  A N4    1 
ATOM   59  C  C5    . DC  A 1 3  ? -12.078 -6.136  12.217  1.00 21.92 ? 3   DC  A C5    1 
ATOM   60  C  C6    . DC  A 1 3  ? -10.848 -6.452  11.799  1.00 21.41 ? 3   DC  A C6    1 
HETATM 61  N  N1    . BRU A 1 4  ? -11.861 -7.746  7.127   1.00 15.44 ? 4   BRU A N1    1 
HETATM 62  C  C2    . BRU A 1 4  ? -13.276 -8.060  7.438   1.00 15.14 ? 4   BRU A C2    1 
HETATM 63  N  N3    . BRU A 1 4  ? -14.081 -7.087  8.243   1.00 17.29 ? 4   BRU A N3    1 
HETATM 64  C  C4    . BRU A 1 4  ? -13.477 -5.861  8.728   1.00 16.35 ? 4   BRU A C4    1 
HETATM 65  C  C5    . BRU A 1 4  ? -12.046 -5.579  8.402   1.00 13.12 ? 4   BRU A C5    1 
HETATM 66  C  C6    . BRU A 1 4  ? -11.248 -6.534  7.608   1.00 17.44 ? 4   BRU A C6    1 
HETATM 67  O  O2    . BRU A 1 4  ? -13.747 -9.060  7.035   1.00 17.28 ? 4   BRU A O2    1 
HETATM 68  O  O4    . BRU A 1 4  ? -14.120 -5.088  9.359   1.00 18.68 ? 4   BRU A O4    1 
HETATM 69  BR BR    . BRU A 1 4  ? -11.179 -3.962  9.012   1.00 30.09 ? 4   BRU A BR    1 
HETATM 70  C  "C1'" . BRU A 1 4  ? -11.074 -8.735  6.355   1.00 16.83 ? 4   BRU A "C1'" 1 
HETATM 71  C  "C2'" . BRU A 1 4  ? -10.070 -8.072  5.332   1.00 17.27 ? 4   BRU A "C2'" 1 
HETATM 72  C  "C3'" . BRU A 1 4  ? -9.201  -9.270  5.094   1.00 21.04 ? 4   BRU A "C3'" 1 
HETATM 73  C  "C4'" . BRU A 1 4  ? -9.123  -9.930  6.253   1.00 21.75 ? 4   BRU A "C4'" 1 
HETATM 74  O  "O3'" . BRU A 1 4  ? -9.976  -10.150 4.198   1.00 23.75 ? 4   BRU A "O3'" 1 
HETATM 75  O  "O4'" . BRU A 1 4  ? -10.287 -9.301  7.177   1.00 19.73 ? 4   BRU A "O4'" 1 
HETATM 76  C  "C5'" . BRU A 1 4  ? -7.800  -9.761  6.915   1.00 22.93 ? 4   BRU A "C5'" 1 
HETATM 77  O  "O5'" . BRU A 1 4  ? -7.479  -8.387  6.945   1.00 20.41 ? 4   BRU A "O5'" 1 
HETATM 78  P  P     . BRU A 1 4  ? -6.142  -7.926  7.795   1.00 21.10 ? 4   BRU A P     1 
HETATM 79  O  OP1   . BRU A 1 4  ? -4.968  -8.811  7.448   1.00 25.41 ? 4   BRU A OP1   1 
HETATM 80  O  OP2   . BRU A 1 4  ? -5.859  -6.462  7.540   1.00 20.44 ? 4   BRU A OP2   1 
ATOM   81  P  P     . DC  A 1 5  ? -9.278  -10.754 2.898   1.00 23.95 ? 5   DC  A P     1 
ATOM   82  O  OP1   . DC  A 1 5  ? -10.256 -11.683 2.283   1.00 28.34 ? 5   DC  A OP1   1 
ATOM   83  O  OP2   . DC  A 1 5  ? -7.930  -11.221 3.283   1.00 26.49 ? 5   DC  A OP2   1 
ATOM   84  O  "O5'" . DC  A 1 5  ? -9.122  -9.500  1.940   1.00 21.07 ? 5   DC  A "O5'" 1 
ATOM   85  C  "C5'" . DC  A 1 5  ? -10.266 -8.909  1.376   1.00 22.42 ? 5   DC  A "C5'" 1 
ATOM   86  C  "C4'" . DC  A 1 5  ? -9.878  -8.032  0.214   1.00 17.87 ? 5   DC  A "C4'" 1 
ATOM   87  O  "O4'" . DC  A 1 5  ? -9.148  -6.884  0.709   1.00 18.44 ? 5   DC  A "O4'" 1 
ATOM   88  C  "C3'" . DC  A 1 5  ? -8.977  -8.695  -0.816  1.00 15.27 ? 5   DC  A "C3'" 1 
ATOM   89  O  "O3'" . DC  A 1 5  ? -9.291  -8.201  -2.105  1.00 19.77 ? 5   DC  A "O3'" 1 
ATOM   90  C  "C2'" . DC  A 1 5  ? -7.570  -8.300  -0.368  1.00 16.50 ? 5   DC  A "C2'" 1 
ATOM   91  C  "C1'" . DC  A 1 5  ? -7.784  -6.967  0.356   1.00 18.91 ? 5   DC  A "C1'" 1 
ATOM   92  N  N1    . DC  A 1 5  ? -6.967  -6.820  1.607   1.00 13.32 ? 5   DC  A N1    1 
ATOM   93  C  C2    . DC  A 1 5  ? -5.574  -6.798  1.525   1.00 15.17 ? 5   DC  A C2    1 
ATOM   94  O  O2    . DC  A 1 5  ? -5.039  -6.904  0.419   1.00 15.26 ? 5   DC  A O2    1 
ATOM   95  N  N3    . DC  A 1 5  ? -4.849  -6.658  2.664   1.00 12.54 ? 5   DC  A N3    1 
ATOM   96  C  C4    . DC  A 1 5  ? -5.461  -6.550  3.844   1.00 12.51 ? 5   DC  A C4    1 
ATOM   97  N  N4    . DC  A 1 5  ? -4.702  -6.416  4.938   1.00 14.72 ? 5   DC  A N4    1 
ATOM   98  C  C5    . DC  A 1 5  ? -6.884  -6.571  3.951   1.00 13.05 ? 5   DC  A C5    1 
ATOM   99  C  C6    . DC  A 1 5  ? -7.587  -6.706  2.821   1.00 14.45 ? 5   DC  A C6    1 
ATOM   100 P  P     . DG  A 1 6  ? -8.428  -8.625  -3.390  1.00 21.59 ? 6   DG  A P     1 
ATOM   101 O  OP1   . DG  A 1 6  ? -9.336  -8.552  -4.556  1.00 27.46 ? 6   DG  A OP1   1 
ATOM   102 O  OP2   . DG  A 1 6  ? -7.719  -9.894  -3.104  1.00 21.67 ? 6   DG  A OP2   1 
ATOM   103 O  "O5'" . DG  A 1 6  ? -7.317  -7.470  -3.504  1.00 20.21 ? 6   DG  A "O5'" 1 
ATOM   104 C  "C5'" . DG  A 1 6  ? -7.567  -6.273  -4.255  1.00 21.63 ? 6   DG  A "C5'" 1 
ATOM   105 C  "C4'" . DG  A 1 6  ? -8.727  -5.482  -3.671  1.00 17.23 ? 6   DG  A "C4'" 1 
ATOM   106 O  "O4'" . DG  A 1 6  ? -8.474  -5.178  -2.278  1.00 17.74 ? 6   DG  A "O4'" 1 
ATOM   107 C  "C3'" . DG  A 1 6  ? -8.976  -4.130  -4.301  1.00 18.70 ? 6   DG  A "C3'" 1 
ATOM   108 O  "O3'" . DG  A 1 6  ? -10.295 -3.748  -3.981  1.00 19.12 ? 6   DG  A "O3'" 1 
ATOM   109 C  "C2'" . DG  A 1 6  ? -7.958  -3.271  -3.555  1.00 14.41 ? 6   DG  A "C2'" 1 
ATOM   110 C  "C1'" . DG  A 1 6  ? -8.167  -3.793  -2.143  1.00 15.74 ? 6   DG  A "C1'" 1 
ATOM   111 N  N9    . DG  A 1 6  ? -7.025  -3.699  -1.236  1.00 15.39 ? 6   DG  A N9    1 
ATOM   112 C  C8    . DG  A 1 6  ? -7.092  -3.387  0.094   1.00 12.68 ? 6   DG  A C8    1 
ATOM   113 N  N7    . DG  A 1 6  ? -5.947  -3.441  0.704   1.00 12.28 ? 6   DG  A N7    1 
ATOM   114 C  C5    . DG  A 1 6  ? -5.055  -3.833  -0.276  1.00 10.28 ? 6   DG  A C5    1 
ATOM   115 C  C6    . DG  A 1 6  ? -3.668  -4.052  -0.187  1.00 11.03 ? 6   DG  A C6    1 
ATOM   116 O  O6    . DG  A 1 6  ? -2.937  -3.934  0.798   1.00 12.38 ? 6   DG  A O6    1 
ATOM   117 N  N1    . DG  A 1 6  ? -3.127  -4.431  -1.403  1.00 10.87 ? 6   DG  A N1    1 
ATOM   118 C  C2    . DG  A 1 6  ? -3.837  -4.599  -2.559  1.00 11.44 ? 6   DG  A C2    1 
ATOM   119 N  N2    . DG  A 1 6  ? -3.127  -4.976  -3.629  1.00 12.70 ? 6   DG  A N2    1 
ATOM   120 N  N3    . DG  A 1 6  ? -5.147  -4.398  -2.664  1.00 12.00 ? 6   DG  A N3    1 
ATOM   121 C  C4    . DG  A 1 6  ? -5.694  -4.013  -1.482  1.00 14.03 ? 6   DG  A C4    1 
ATOM   122 P  P     . DG  A 1 7  ? -10.972 -2.456  -4.646  1.00 22.51 ? 7   DG  A P     1 
ATOM   123 O  OP1   . DG  A 1 7  ? -12.430 -2.606  -4.452  1.00 27.35 ? 7   DG  A OP1   1 
ATOM   124 O  OP2   . DG  A 1 7  ? -10.403 -2.247  -5.987  1.00 27.52 ? 7   DG  A OP2   1 
ATOM   125 O  "O5'" . DG  A 1 7  ? -10.472 -1.244  -3.736  1.00 16.28 ? 7   DG  A "O5'" 1 
ATOM   126 C  "C5'" . DG  A 1 7  ? -10.946 -1.112  -2.419  1.00 16.18 ? 7   DG  A "C5'" 1 
ATOM   127 C  "C4'" . DG  A 1 7  ? -10.090 -0.117  -1.675  1.00 15.72 ? 7   DG  A "C4'" 1 
ATOM   128 O  "O4'" . DG  A 1 7  ? -8.790  -0.707  -1.409  1.00 12.74 ? 7   DG  A "O4'" 1 
ATOM   129 C  "C3'" . DG  A 1 7  ? -9.805  1.188   -2.451  1.00 13.24 ? 7   DG  A "C3'" 1 
ATOM   130 O  "O3'" . DG  A 1 7  ? -10.221 2.322   -1.704  1.00 13.84 ? 7   DG  A "O3'" 1 
ATOM   131 C  "C2'" . DG  A 1 7  ? -8.286  1.180   -2.609  1.00 10.70 ? 7   DG  A "C2'" 1 
ATOM   132 C  "C1'" . DG  A 1 7  ? -7.882  0.337   -1.423  1.00 11.56 ? 7   DG  A "C1'" 1 
ATOM   133 N  N9    . DG  A 1 7  ? -6.513  -0.130  -1.502  1.00 9.26  ? 7   DG  A N9    1 
ATOM   134 C  C8    . DG  A 1 7  ? -5.792  -0.425  -2.636  1.00 8.72  ? 7   DG  A C8    1 
ATOM   135 N  N7    . DG  A 1 7  ? -4.546  -0.727  -2.382  1.00 9.75  ? 7   DG  A N7    1 
ATOM   136 C  C5    . DG  A 1 7  ? -4.438  -0.579  -1.008  1.00 9.43  ? 7   DG  A C5    1 
ATOM   137 C  C6    . DG  A 1 7  ? -3.327  -0.747  -0.156  1.00 8.80  ? 7   DG  A C6    1 
ATOM   138 O  O6    . DG  A 1 7  ? -2.177  -1.076  -0.454  1.00 10.49 ? 7   DG  A O6    1 
ATOM   139 N  N1    . DG  A 1 7  ? -3.655  -0.503  1.179   1.00 8.13  ? 7   DG  A N1    1 
ATOM   140 C  C2    . DG  A 1 7  ? -4.895  -0.117  1.625   1.00 9.00  ? 7   DG  A C2    1 
ATOM   141 N  N2    . DG  A 1 7  ? -5.023  0.066   2.953   1.00 9.19  ? 7   DG  A N2    1 
ATOM   142 N  N3    . DG  A 1 7  ? -5.943  0.039   0.834   1.00 8.87  ? 7   DG  A N3    1 
ATOM   143 C  C4    . DG  A 1 7  ? -5.636  -0.196  -0.462  1.00 8.40  ? 7   DG  A C4    1 
ATOM   144 P  P     . DC  A 1 8  ? -11.698 2.921   -1.876  1.00 13.58 ? 8   DC  A P     1 
ATOM   145 O  OP1   . DC  A 1 8  ? -12.631 1.818   -1.538  1.00 15.85 ? 8   DC  A OP1   1 
ATOM   146 O  OP2   . DC  A 1 8  ? -11.805 3.590   -3.182  1.00 15.69 ? 8   DC  A OP2   1 
ATOM   147 O  "O5'" . DC  A 1 8  ? -11.803 3.977   -0.689  1.00 14.75 ? 8   DC  A "O5'" 1 
ATOM   148 C  "C5'" . DC  A 1 8  ? -11.229 5.261   -0.787  1.00 13.59 ? 8   DC  A "C5'" 1 
ATOM   149 C  "C4'" . DC  A 1 8  ? -11.599 6.069   0.442   1.00 13.37 ? 8   DC  A "C4'" 1 
ATOM   150 O  "O4'" . DC  A 1 8  ? -13.046 6.208   0.497   1.00 16.70 ? 8   DC  A "O4'" 1 
ATOM   151 C  "C3'" . DC  A 1 8  ? -11.211 5.428   1.772   1.00 15.39 ? 8   DC  A "C3'" 1 
ATOM   152 O  "O3'" . DC  A 1 8  ? -10.996 6.436   2.734   1.00 13.51 ? 8   DC  A "O3'" 1 
ATOM   153 C  "C2'" . DC  A 1 8  ? -12.460 4.639   2.130   1.00 17.84 ? 8   DC  A "C2'" 1 
ATOM   154 C  "C1'" . DC  A 1 8  ? -13.529 5.624   1.694   1.00 15.99 ? 8   DC  A "C1'" 1 
ATOM   155 N  N1    . DC  A 1 8  ? -14.847 4.988   1.436   1.00 16.75 ? 8   DC  A N1    1 
ATOM   156 C  C2    . DC  A 1 8  ? -15.776 4.905   2.471   1.00 18.29 ? 8   DC  A C2    1 
ATOM   157 O  O2    . DC  A 1 8  ? -15.477 5.361   3.582   1.00 20.92 ? 8   DC  A O2    1 
ATOM   158 N  N3    . DC  A 1 8  ? -16.978 4.319   2.233   1.00 18.57 ? 8   DC  A N3    1 
ATOM   159 C  C4    . DC  A 1 8  ? -17.254 3.836   1.019   1.00 18.61 ? 8   DC  A C4    1 
ATOM   160 N  N4    . DC  A 1 8  ? -18.451 3.266   0.825   1.00 19.32 ? 8   DC  A N4    1 
ATOM   161 C  C5    . DC  A 1 8  ? -16.313 3.910   -0.049  1.00 20.50 ? 8   DC  A C5    1 
ATOM   162 C  C6    . DC  A 1 8  ? -15.131 4.486   0.203   1.00 19.97 ? 8   DC  A C6    1 
ATOM   163 P  P     . DG  A 1 9  ? -9.521  6.842   3.205   1.00 13.71 ? 9   DG  A P     1 
ATOM   164 O  OP1   . DG  A 1 9  ? -9.728  7.577   4.471   1.00 14.21 ? 9   DG  A OP1   1 
ATOM   165 O  OP2   . DG  A 1 9  ? -8.836  7.487   2.067   1.00 15.70 ? 9   DG  A OP2   1 
ATOM   166 O  "O5'" . DG  A 1 9  ? -8.792  5.444   3.452   1.00 13.01 ? 9   DG  A "O5'" 1 
ATOM   167 C  "C5'" . DG  A 1 9  ? -9.211  4.580   4.501   1.00 13.11 ? 9   DG  A "C5'" 1 
ATOM   168 C  "C4'" . DG  A 1 9  ? -8.044  4.266   5.411   1.00 14.30 ? 9   DG  A "C4'" 1 
ATOM   169 O  "O4'" . DG  A 1 9  ? -7.148  3.342   4.728   1.00 12.99 ? 9   DG  A "O4'" 1 
ATOM   170 C  "C3'" . DG  A 1 9  ? -7.202  5.491   5.788   1.00 12.76 ? 9   DG  A "C3'" 1 
ATOM   171 O  "O3'" . DG  A 1 9  ? -6.884  5.480   7.170   1.00 18.14 ? 9   DG  A "O3'" 1 
ATOM   172 C  "C2'" . DG  A 1 9  ? -5.959  5.336   4.938   1.00 13.01 ? 9   DG  A "C2'" 1 
ATOM   173 C  "C1'" . DG  A 1 9  ? -5.835  3.826   4.832   1.00 11.16 ? 9   DG  A "C1'" 1 
ATOM   174 N  N9    . DG  A 1 9  ? -5.074  3.460   3.656   1.00 10.74 ? 9   DG  A N9    1 
ATOM   175 C  C8    . DG  A 1 9  ? -5.512  3.375   2.358   1.00 11.44 ? 9   DG  A C8    1 
ATOM   176 N  N7    . DG  A 1 9  ? -4.556  3.112   1.509   1.00 8.84  ? 9   DG  A N7    1 
ATOM   177 C  C5    . DG  A 1 9  ? -3.414  3.064   2.297   1.00 10.42 ? 9   DG  A C5    1 
ATOM   178 C  C6    . DG  A 1 9  ? -2.068  2.824   1.939   1.00 8.14  ? 9   DG  A C6    1 
ATOM   179 O  O6    . DG  A 1 9  ? -1.603  2.602   0.810   1.00 8.45  ? 9   DG  A O6    1 
ATOM   180 N  N1    . DG  A 1 9  ? -1.221  2.867   3.041   1.00 7.52  ? 9   DG  A N1    1 
ATOM   181 C  C2    . DG  A 1 9  ? -1.628  3.108   4.331   1.00 7.90  ? 9   DG  A C2    1 
ATOM   182 N  N2    . DG  A 1 9  ? -0.665  3.116   5.257   1.00 9.09  ? 9   DG  A N2    1 
ATOM   183 N  N3    . DG  A 1 9  ? -2.882  3.332   4.679   1.00 8.64  ? 9   DG  A N3    1 
ATOM   184 C  C4    . DG  A 1 9  ? -3.718  3.298   3.613   1.00 9.00  ? 9   DG  A C4    1 
ATOM   185 P  P     . DG  A 1 10 ? -5.988  6.650   7.820   1.00 16.37 ? 10  DG  A P     1 
ATOM   186 O  OP1   . DG  A 1 10 ? -6.278  6.643   9.272   1.00 18.62 ? 10  DG  A OP1   1 
ATOM   187 O  OP2   . DG  A 1 10 ? -6.149  7.901   7.047   1.00 16.64 ? 10  DG  A OP2   1 
ATOM   188 O  "O5'" . DG  A 1 10 ? -4.484  6.174   7.564   1.00 17.34 ? 10  DG  A "O5'" 1 
ATOM   189 C  "C5'" . DG  A 1 10 ? -3.952  5.037   8.222   1.00 14.80 ? 10  DG  A "C5'" 1 
ATOM   190 C  "C4'" . DG  A 1 10 ? -2.499  5.278   8.614   1.00 14.16 ? 10  DG  A "C4'" 1 
ATOM   191 O  "O4'" . DG  A 1 10 ? -1.631  5.147   7.466   1.00 13.27 ? 10  DG  A "O4'" 1 
ATOM   192 C  "C3'" . DG  A 1 10 ? -2.182  6.645   9.162   1.00 15.88 ? 10  DG  A "C3'" 1 
ATOM   193 O  "O3'" . DG  A 1 10 ? -1.032  6.523   9.970   1.00 15.95 ? 10  DG  A "O3'" 1 
ATOM   194 C  "C2'" . DG  A 1 10 ? -1.885  7.444   7.883   1.00 14.91 ? 10  DG  A "C2'" 1 
ATOM   195 C  "C1'" . DG  A 1 10 ? -1.073  6.415   7.114   1.00 10.21 ? 10  DG  A "C1'" 1 
ATOM   196 N  N9    . DG  A 1 10 ? -1.164  6.438   5.671   1.00 10.47 ? 10  DG  A N9    1 
ATOM   197 C  C8    . DG  A 1 10 ? -2.306  6.383   4.910   1.00 11.10 ? 10  DG  A C8    1 
ATOM   198 N  N7    . DG  A 1 10 ? -2.065  6.267   3.628   1.00 9.71  ? 10  DG  A N7    1 
ATOM   199 C  C5    . DG  A 1 10 ? -0.685  6.176   3.557   1.00 8.51  ? 10  DG  A C5    1 
ATOM   200 C  C6    . DG  A 1 10 ? 0.157   6.006   2.438   1.00 9.37  ? 10  DG  A C6    1 
ATOM   201 O  O6    . DG  A 1 10 ? -0.162  5.890   1.243   1.00 9.52  ? 10  DG  A O6    1 
ATOM   202 N  N1    . DG  A 1 10 ? 1.494   5.954   2.803   1.00 8.38  ? 10  DG  A N1    1 
ATOM   203 C  C2    . DG  A 1 10 ? 1.956   6.064   4.090   1.00 9.42  ? 10  DG  A C2    1 
ATOM   204 N  N2    . DG  A 1 10 ? 3.277   6.000   4.253   1.00 9.17  ? 10  DG  A N2    1 
ATOM   205 N  N3    . DG  A 1 10 ? 1.178   6.204   5.139   1.00 8.94  ? 10  DG  A N3    1 
ATOM   206 C  C4    . DG  A 1 10 ? -0.120  6.261   4.803   1.00 7.98  ? 10  DG  A C4    1 
ATOM   207 P  P     . DC  A 1 11 ? -1.169  6.293   11.553  1.00 24.07 ? 11  DC  A P     1 
ATOM   208 O  OP1   . DC  A 1 11 ? -1.911  5.035   11.774  1.00 26.78 ? 11  DC  A OP1   1 
ATOM   209 O  OP2   . DC  A 1 11 ? -1.679  7.547   12.145  1.00 28.21 ? 11  DC  A OP2   1 
ATOM   210 O  "O5'" . DC  A 1 11 ? 0.332   6.105   12.029  1.00 27.39 ? 11  DC  A "O5'" 1 
ATOM   211 C  "C5'" . DC  A 1 11 ? 1.250   7.168   11.891  1.00 29.42 ? 11  DC  A "C5'" 1 
ATOM   212 C  "C4'" . DC  A 1 11 ? 2.620   6.739   12.369  1.00 36.19 ? 11  DC  A "C4'" 1 
ATOM   213 O  "O4'" . DC  A 1 11 ? 2.579   6.494   13.797  1.00 39.84 ? 11  DC  A "O4'" 1 
ATOM   214 C  "C3'" . DC  A 1 11 ? 3.138   5.459   11.736  1.00 33.78 ? 11  DC  A "C3'" 1 
ATOM   215 O  "O3'" . DC  A 1 11 ? 4.531   5.555   11.549  1.00 36.56 ? 11  DC  A "O3'" 1 
ATOM   216 C  "C2'" . DC  A 1 11 ? 2.772   4.383   12.757  1.00 38.12 ? 11  DC  A "C2'" 1 
ATOM   217 C  "C1'" . DC  A 1 11 ? 2.878   5.140   14.074  1.00 38.04 ? 11  DC  A "C1'" 1 
ATOM   218 N  N1    . DC  A 1 11 ? 1.926   4.661   15.116  1.00 50.64 ? 11  DC  A N1    1 
ATOM   219 C  C2    . DC  A 1 11 ? 2.413   4.012   16.256  1.00 56.11 ? 11  DC  A C2    1 
ATOM   220 O  O2    . DC  A 1 11 ? 3.633   3.842   16.380  1.00 55.20 ? 11  DC  A O2    1 
ATOM   221 N  N3    . DC  A 1 11 ? 1.531   3.589   17.197  1.00 48.84 ? 11  DC  A N3    1 
ATOM   222 C  C4    . DC  A 1 11 ? 0.223   3.792   17.027  1.00 46.14 ? 11  DC  A C4    1 
ATOM   223 N  N4    . DC  A 1 11 ? -0.607  3.356   17.979  1.00 52.92 ? 11  DC  A N4    1 
ATOM   224 C  C5    . DC  A 1 11 ? -0.292  4.452   15.872  1.00 38.38 ? 11  DC  A C5    1 
ATOM   225 C  C6    . DC  A 1 11 ? 0.586   4.866   14.953  1.00 43.91 ? 11  DC  A C6    1 
ATOM   226 P  P     . DG  A 1 12 ? 5.111   5.804   10.073  1.00 30.83 ? 12  DG  A P     1 
ATOM   227 O  OP1   . DG  A 1 12 ? 6.587   5.870   10.174  1.00 37.01 ? 12  DG  A OP1   1 
ATOM   228 O  OP2   . DG  A 1 12 ? 4.367   6.933   9.470   1.00 38.15 ? 12  DG  A OP2   1 
ATOM   229 O  "O5'" . DG  A 1 12 ? 4.716   4.470   9.290   1.00 28.58 ? 12  DG  A "O5'" 1 
ATOM   230 C  "C5'" . DG  A 1 12 ? 5.339   3.251   9.623   1.00 23.24 ? 12  DG  A "C5'" 1 
ATOM   231 C  "C4'" . DG  A 1 12 ? 6.113   2.720   8.438   1.00 13.75 ? 12  DG  A "C4'" 1 
ATOM   232 O  "O4'" . DG  A 1 12 ? 5.188   2.179   7.468   1.00 13.26 ? 12  DG  A "O4'" 1 
ATOM   233 C  "C3'" . DG  A 1 12 ? 6.953   3.755   7.694   1.00 13.52 ? 12  DG  A "C3'" 1 
ATOM   234 O  "O3'" . DG  A 1 12 ? 8.202   3.190   7.378   1.00 16.20 ? 12  DG  A "O3'" 1 
ATOM   235 C  "C2'" . DG  A 1 12 ? 6.132   4.032   6.436   1.00 14.67 ? 12  DG  A "C2'" 1 
ATOM   236 C  "C1'" . DG  A 1 12 ? 5.516   2.672   6.199   1.00 12.37 ? 12  DG  A "C1'" 1 
ATOM   237 N  N9    . DG  A 1 12 ? 4.310   2.693   5.389   1.00 10.43 ? 12  DG  A N9    1 
ATOM   238 C  C8    . DG  A 1 12 ? 3.025   2.971   5.793   1.00 10.95 ? 12  DG  A C8    1 
ATOM   239 N  N7    . DG  A 1 12 ? 2.149   2.895   4.824   1.00 8.80  ? 12  DG  A N7    1 
ATOM   240 C  C5    . DG  A 1 12 ? 2.914   2.541   3.708   1.00 7.21  ? 12  DG  A C5    1 
ATOM   241 C  C6    . DG  A 1 12 ? 2.525   2.316   2.360   1.00 7.09  ? 12  DG  A C6    1 
ATOM   242 O  O6    . DG  A 1 12 ? 1.388   2.386   1.871   1.00 7.57  ? 12  DG  A O6    1 
ATOM   243 N  N1    . DG  A 1 12 ? 3.613   1.974   1.557   1.00 7.59  ? 12  DG  A N1    1 
ATOM   244 C  C2    . DG  A 1 12 ? 4.911   1.887   2.000   1.00 8.44  ? 12  DG  A C2    1 
ATOM   245 N  N2    . DG  A 1 12 ? 5.831   1.539   1.085   1.00 9.75  ? 12  DG  A N2    1 
ATOM   246 N  N3    . DG  A 1 12 ? 5.280   2.084   3.255   1.00 7.01  ? 12  DG  A N3    1 
ATOM   247 C  C4    . DG  A 1 12 ? 4.236   2.417   4.043   1.00 8.21  ? 12  DG  A C4    1 
ATOM   248 P  P     . DG  A 1 13 ? 9.380   4.102   6.779   1.00 19.05 ? 13  DG  A P     1 
ATOM   249 O  OP1   . DG  A 1 13 ? 10.663  3.503   7.200   1.00 25.96 ? 13  DG  A OP1   1 
ATOM   250 O  OP2   . DG  A 1 13 ? 9.085   5.517   7.047   1.00 22.05 ? 13  DG  A OP2   1 
ATOM   251 O  "O5'" . DG  A 1 13 ? 9.215   3.959   5.193   1.00 16.20 ? 13  DG  A "O5'" 1 
ATOM   252 C  "C5'" . DG  A 1 13 ? 9.648   2.785   4.548   1.00 13.95 ? 13  DG  A "C5'" 1 
ATOM   253 C  "C4'" . DG  A 1 13 ? 10.001  3.059   3.097   1.00 11.91 ? 13  DG  A "C4'" 1 
ATOM   254 O  "O4'" . DG  A 1 13 ? 8.802   3.140   2.283   1.00 11.51 ? 13  DG  A "O4'" 1 
ATOM   255 C  "C3'" . DG  A 1 13 ? 10.769  4.345   2.822   1.00 12.26 ? 13  DG  A "C3'" 1 
ATOM   256 O  "O3'" . DG  A 1 13 ? 11.692  4.089   1.777   1.00 12.45 ? 13  DG  A "O3'" 1 
ATOM   257 C  "C2'" . DG  A 1 13 ? 9.657   5.319   2.391   1.00 11.80 ? 13  DG  A "C2'" 1 
ATOM   258 C  "C1'" . DG  A 1 13 ? 8.749   4.394   1.605   1.00 11.67 ? 13  DG  A "C1'" 1 
ATOM   259 N  N9    . DG  A 1 13 ? 7.336   4.765   1.571   1.00 9.70  ? 13  DG  A N9    1 
ATOM   260 C  C8    . DG  A 1 13 ? 6.557   5.161   2.630   1.00 9.71  ? 13  DG  A C8    1 
ATOM   261 N  N7    . DG  A 1 13 ? 5.303   5.339   2.314   1.00 9.37  ? 13  DG  A N7    1 
ATOM   262 C  C5    . DG  A 1 13 ? 5.237   5.000   0.974   1.00 8.44  ? 13  DG  A C5    1 
ATOM   263 C  C6    . DG  A 1 13 ? 4.129   4.975   0.100   1.00 7.16  ? 13  DG  A C6    1 
ATOM   264 O  O6    . DG  A 1 13 ? 2.958   5.262   0.350   1.00 8.52  ? 13  DG  A O6    1 
ATOM   265 N  N1    . DG  A 1 13 ? 4.487   4.577   -1.180  1.00 8.73  ? 13  DG  A N1    1 
ATOM   266 C  C2    . DG  A 1 13 ? 5.760   4.230   -1.565  1.00 9.09  ? 13  DG  A C2    1 
ATOM   267 N  N2    . DG  A 1 13 ? 5.916   3.878   -2.850  1.00 10.13 ? 13  DG  A N2    1 
ATOM   268 N  N3    . DG  A 1 13 ? 6.804   4.238   -0.751  1.00 9.35  ? 13  DG  A N3    1 
ATOM   269 C  C4    . DG  A 1 13 ? 6.471   4.632   0.500   1.00 8.57  ? 13  DG  A C4    1 
ATOM   270 P  P     A DA  A 1 14 ? 12.784  5.204   1.390   0.38 13.40 ? 14  DA  A P     1 
ATOM   271 P  P     B DA  A 1 14 ? 12.677  5.228   1.215   0.62 13.38 ? 14  DA  A P     1 
ATOM   272 O  OP1   A DA  A 1 14 ? 14.035  4.520   0.995   0.38 13.46 ? 14  DA  A OP1   1 
ATOM   273 O  OP1   B DA  A 1 14 ? 13.717  4.530   0.427   0.62 15.09 ? 14  DA  A OP1   1 
ATOM   274 O  OP2   A DA  A 1 14 ? 12.806  6.217   2.466   0.38 16.97 ? 14  DA  A OP2   1 
ATOM   275 O  OP2   B DA  A 1 14 ? 13.066  6.121   2.318   0.62 14.60 ? 14  DA  A OP2   1 
ATOM   276 O  "O5'" A DA  A 1 14 ? 12.157  5.904   0.110   0.38 11.80 ? 14  DA  A "O5'" 1 
ATOM   277 O  "O5'" B DA  A 1 14 ? 11.759  6.123   0.257   0.62 11.11 ? 14  DA  A "O5'" 1 
ATOM   278 C  "C5'" A DA  A 1 14 ? 11.689  5.119   -0.960  0.38 12.76 ? 14  DA  A "C5'" 1 
ATOM   279 C  "C5'" B DA  A 1 14 ? 11.244  5.614   -0.963  0.62 12.64 ? 14  DA  A "C5'" 1 
ATOM   280 C  "C4'" A DA  A 1 14 ? 10.867  5.968   -1.893  0.38 14.72 ? 14  DA  A "C4'" 1 
ATOM   281 C  "C4'" B DA  A 1 14 ? 10.234  6.592   -1.542  0.62 12.94 ? 14  DA  A "C4'" 1 
ATOM   282 O  "O4'" A DA  A 1 14 ? 9.574   6.223   -1.300  0.38 10.72 ? 14  DA  A "O4'" 1 
ATOM   283 O  "O4'" B DA  A 1 14 ? 9.113   6.731   -0.623  0.62 10.84 ? 14  DA  A "O4'" 1 
ATOM   284 C  "C3'" A DA  A 1 14 ? 11.477  7.335   -2.189  0.38 11.55 ? 14  DA  A "C3'" 1 
ATOM   285 C  "C3'" B DA  A 1 14 ? 10.774  8.016   -1.762  0.62 10.13 ? 14  DA  A "C3'" 1 
ATOM   286 O  "O3'" A DA  A 1 14 ? 11.469  7.546   -3.570  0.38 13.09 ? 14  DA  A "O3'" 1 
ATOM   287 O  "O3'" B DA  A 1 14 ? 10.357  8.526   -3.030  0.62 11.13 ? 14  DA  A "O3'" 1 
ATOM   288 C  "C2'" A DA  A 1 14 ? 10.561  8.321   -1.454  0.38 12.26 ? 14  DA  A "C2'" 1 
ATOM   289 C  "C2'" B DA  A 1 14 ? 10.140  8.805   -0.622  0.62 10.50 ? 14  DA  A "C2'" 1 
ATOM   290 C  "C1'" A DA  A 1 14 ? 9.240   7.577   -1.471  0.38 12.48 ? 14  DA  A "C1'" 1 
ATOM   291 C  "C1'" B DA  A 1 14 ? 8.803   8.098   -0.495  0.62 10.11 ? 14  DA  A "C1'" 1 
ATOM   292 N  N9    A DA  A 1 14 ? 8.330   7.953   -0.395  0.38 11.17 ? 14  DA  A N9    1 
ATOM   293 N  N9    B DA  A 1 14 ? 8.153   8.330   0.792   0.62 9.06  ? 14  DA  A N9    1 
ATOM   294 C  C8    A DA  A 1 14 ? 8.656   8.271   0.893   0.38 11.21 ? 14  DA  A C8    1 
ATOM   295 C  C8    B DA  A 1 14 ? 8.775   8.548   1.987   0.62 13.49 ? 14  DA  A C8    1 
ATOM   296 N  N7    A DA  A 1 14 ? 7.618   8.553   1.647   0.38 10.96 ? 14  DA  A N7    1 
ATOM   297 N  N7    B DA  A 1 14 ? 7.952   8.752   2.985   0.62 16.37 ? 14  DA  A N7    1 
ATOM   298 C  C5    A DA  A 1 14 ? 6.537   8.394   0.794   0.38 10.94 ? 14  DA  A C5    1 
ATOM   299 C  C5    B DA  A 1 14 ? 6.701   8.676   2.406   0.62 11.83 ? 14  DA  A C5    1 
ATOM   300 C  C6    A DA  A 1 14 ? 5.147   8.544   0.980   0.38 12.73 ? 14  DA  A C6    1 
ATOM   301 C  C6    B DA  A 1 14 ? 5.405   8.811   2.940   0.62 12.12 ? 14  DA  A C6    1 
ATOM   302 N  N6    A DA  A 1 14 ? 4.590   8.901   2.145   0.38 11.17 ? 14  DA  A N6    1 
ATOM   303 N  N6    B DA  A 1 14 ? 5.166   9.058   4.237   0.62 15.44 ? 14  DA  A N6    1 
ATOM   304 N  N1    A DA  A 1 14 ? 4.348   8.310   -0.081  0.38 11.75 ? 14  DA  A N1    1 
ATOM   305 N  N1    B DA  A 1 14 ? 4.361   8.685   2.092   0.62 10.03 ? 14  DA  A N1    1 
ATOM   306 C  C2    A DA  A 1 14 ? 4.907   7.956   -1.242  0.38 11.19 ? 14  DA  A C2    1 
ATOM   307 C  C2    B DA  A 1 14 ? 4.610   8.440   0.797   0.62 10.29 ? 14  DA  A C2    1 
ATOM   308 N  N3    A DA  A 1 14 ? 6.195   7.783   -1.535  0.38 10.07 ? 14  DA  A N3    1 
ATOM   309 N  N3    B DA  A 1 14 ? 5.787   8.296   0.177   0.62 9.22  ? 14  DA  A N3    1 
ATOM   310 C  C4    A DA  A 1 14 ? 6.962   8.021   -0.465  0.38 9.67  ? 14  DA  A C4    1 
ATOM   311 C  C4    B DA  A 1 14 ? 6.802   8.426   1.049   0.62 11.43 ? 14  DA  A C4    1 
ATOM   312 O  "O5'" . DG  B 1 1  ? -1.533  -1.601  -7.748  1.00 17.28 ? 1   DG  B "O5'" 1 
ATOM   313 C  "C5'" . DG  B 1 1  ? -0.677  -1.028  -8.724  1.00 16.34 ? 1   DG  B "C5'" 1 
ATOM   314 C  "C4'" . DG  B 1 1  ? 0.599   -1.841  -8.893  1.00 14.00 ? 1   DG  B "C4'" 1 
ATOM   315 O  "O4'" . DG  B 1 1  ? 1.434   -1.725  -7.710  1.00 14.19 ? 1   DG  B "O4'" 1 
ATOM   316 C  "C3'" . DG  B 1 1  ? 0.415   -3.333  -9.109  1.00 18.81 ? 1   DG  B "C3'" 1 
ATOM   317 O  "O3'" . DG  B 1 1  ? 1.465   -3.780  -9.955  1.00 22.07 ? 1   DG  B "O3'" 1 
ATOM   318 C  "C2'" . DG  B 1 1  ? 0.547   -3.891  -7.688  1.00 13.14 ? 1   DG  B "C2'" 1 
ATOM   319 C  "C1'" . DG  B 1 1  ? 1.657   -3.005  -7.150  1.00 15.25 ? 1   DG  B "C1'" 1 
ATOM   320 N  N9    . DG  B 1 1  ? 1.700   -2.815  -5.704  1.00 12.46 ? 1   DG  B N9    1 
ATOM   321 C  C8    . DG  B 1 1  ? 2.820   -2.889  -4.914  1.00 11.47 ? 1   DG  B C8    1 
ATOM   322 N  N7    . DG  B 1 1  ? 2.593   -2.610  -3.667  1.00 9.82  ? 1   DG  B N7    1 
ATOM   323 C  C5    . DG  B 1 1  ? 1.245   -2.299  -3.622  1.00 9.45  ? 1   DG  B C5    1 
ATOM   324 C  C6    . DG  B 1 1  ? 0.442   -1.900  -2.527  1.00 8.55  ? 1   DG  B C6    1 
ATOM   325 O  O6    . DG  B 1 1  ? 0.791   -1.724  -1.344  1.00 9.83  ? 1   DG  B O6    1 
ATOM   326 N  N1    . DG  B 1 1  ? -0.877  -1.678  -2.912  1.00 9.25  ? 1   DG  B N1    1 
ATOM   327 C  C2    . DG  B 1 1  ? -1.356  -1.826  -4.199  1.00 9.14  ? 1   DG  B C2    1 
ATOM   328 N  N2    . DG  B 1 1  ? -2.654  -1.570  -4.385  1.00 11.75 ? 1   DG  B N2    1 
ATOM   329 N  N3    . DG  B 1 1  ? -0.608  -2.186  -5.231  1.00 9.89  ? 1   DG  B N3    1 
ATOM   330 C  C4    . DG  B 1 1  ? 0.677   -2.406  -4.872  1.00 11.47 ? 1   DG  B C4    1 
ATOM   331 P  P     . DG  B 1 2  ? 1.465   -5.261  -10.567 1.00 21.98 ? 2   DG  B P     1 
ATOM   332 O  OP1   . DG  B 1 2  ? 2.384   -5.235  -11.727 1.00 31.67 ? 2   DG  B OP1   1 
ATOM   333 O  OP2   . DG  B 1 2  ? 0.069   -5.713  -10.724 1.00 23.29 ? 2   DG  B OP2   1 
ATOM   334 O  "O5'" . DG  B 1 2  ? 2.119   -6.137  -9.411  1.00 18.54 ? 2   DG  B "O5'" 1 
ATOM   335 C  "C5'" . DG  B 1 2  ? 3.465   -5.920  -9.054  1.00 21.95 ? 2   DG  B "C5'" 1 
ATOM   336 C  "C4'" . DG  B 1 2  ? 3.792   -6.653  -7.775  1.00 17.82 ? 2   DG  B "C4'" 1 
ATOM   337 O  "O4'" . DG  B 1 2  ? 3.124   -6.009  -6.660  1.00 17.59 ? 2   DG  B "O4'" 1 
ATOM   338 C  "C3'" . DG  B 1 2  ? 3.345   -8.123  -7.738  1.00 25.78 ? 2   DG  B "C3'" 1 
ATOM   339 O  "O3'" . DG  B 1 2  ? 4.455   -8.944  -7.401  1.00 27.08 ? 2   DG  B "O3'" 1 
ATOM   340 C  "C2'" . DG  B 1 2  ? 2.264   -8.150  -6.640  1.00 19.58 ? 2   DG  B "C2'" 1 
ATOM   341 C  "C1'" . DG  B 1 2  ? 2.732   -7.006  -5.759  1.00 16.41 ? 2   DG  B "C1'" 1 
ATOM   342 N  N9    . DG  B 1 2  ? 1.726   -6.466  -4.824  1.00 17.24 ? 2   DG  B N9    1 
ATOM   343 C  C8    . DG  B 1 2  ? 0.393   -6.220  -5.062  1.00 18.05 ? 2   DG  B C8    1 
ATOM   344 N  N7    . DG  B 1 2  ? -0.239  -5.728  -4.021  1.00 12.92 ? 2   DG  B N7    1 
ATOM   345 C  C5    . DG  B 1 2  ? 0.742   -5.640  -3.038  1.00 11.74 ? 2   DG  B C5    1 
ATOM   346 C  C6    . DG  B 1 2  ? 0.666   -5.179  -1.692  1.00 11.73 ? 2   DG  B C6    1 
ATOM   347 O  O6    . DG  B 1 2  ? -0.313  -4.726  -1.074  1.00 11.99 ? 2   DG  B O6    1 
ATOM   348 N  N1    . DG  B 1 2  ? 1.895   -5.259  -1.054  1.00 11.21 ? 2   DG  B N1    1 
ATOM   349 C  C2    . DG  B 1 2  ? 3.051   -5.725  -1.628  1.00 11.70 ? 2   DG  B C2    1 
ATOM   350 N  N2    . DG  B 1 2  ? 4.140   -5.735  -0.846  1.00 12.66 ? 2   DG  B N2    1 
ATOM   351 N  N3    . DG  B 1 2  ? 3.136   -6.156  -2.875  1.00 14.00 ? 2   DG  B N3    1 
ATOM   352 C  C4    . DG  B 1 2  ? 1.952   -6.087  -3.519  1.00 12.98 ? 2   DG  B C4    1 
ATOM   353 P  P     . DC  B 1 3  ? 5.418   -9.538  -8.547  1.00 27.91 ? 3   DC  B P     1 
ATOM   354 O  OP1   . DC  B 1 3  ? 6.376   -8.486  -8.950  1.00 35.18 ? 3   DC  B OP1   1 
ATOM   355 O  OP2   . DC  B 1 3  ? 4.560   -10.177 -9.568  1.00 29.85 ? 3   DC  B OP2   1 
ATOM   356 O  "O5'" . DC  B 1 3  ? 6.236   -10.679 -7.783  1.00 45.72 ? 3   DC  B "O5'" 1 
ATOM   357 C  "C5'" . DC  B 1 3  ? 5.541   -11.659 -7.018  1.00 38.72 ? 3   DC  B "C5'" 1 
ATOM   358 C  "C4'" . DC  B 1 3  ? 6.428   -12.215 -5.919  1.00 37.77 ? 3   DC  B "C4'" 1 
ATOM   359 O  "O4'" . DC  B 1 3  ? 7.723   -12.569 -6.475  1.00 38.96 ? 3   DC  B "O4'" 1 
ATOM   360 C  "C3'" . DC  B 1 3  ? 6.724   -11.248 -4.774  1.00 37.57 ? 3   DC  B "C3'" 1 
ATOM   361 O  "O3'" . DC  B 1 3  ? 6.848   -11.969 -3.559  1.00 42.13 ? 3   DC  B "O3'" 1 
ATOM   362 C  "C2'" . DC  B 1 3  ? 8.062   -10.656 -5.188  1.00 43.24 ? 3   DC  B "C2'" 1 
ATOM   363 C  "C1'" . DC  B 1 3  ? 8.735   -11.888 -5.765  1.00 40.93 ? 3   DC  B "C1'" 1 
ATOM   364 N  N1    . DC  B 1 3  ? 9.851   -11.578 -6.695  1.00 50.56 ? 3   DC  B N1    1 
ATOM   365 C  C2    . DC  B 1 3  ? 11.136  -12.051 -6.409  1.00 57.73 ? 3   DC  B C2    1 
ATOM   366 O  O2    . DC  B 1 3  ? 11.318  -12.725 -5.386  1.00 57.28 ? 3   DC  B O2    1 
ATOM   367 N  N3    . DC  B 1 3  ? 12.147  -11.760 -7.264  1.00 48.46 ? 3   DC  B N3    1 
ATOM   368 C  C4    . DC  B 1 3  ? 11.910  -11.033 -8.356  1.00 47.49 ? 3   DC  B C4    1 
ATOM   369 N  N4    . DC  B 1 3  ? 12.939  -10.771 -9.167  1.00 50.40 ? 3   DC  B N4    1 
ATOM   370 C  C5    . DC  B 1 3  ? 10.607  -10.538 -8.663  1.00 40.81 ? 3   DC  B C5    1 
ATOM   371 C  C6    . DC  B 1 3  ? 9.618   -10.832 -7.813  1.00 48.49 ? 3   DC  B C6    1 
HETATM 372 N  N1    . BRU B 1 4  ? 0.962   -9.709  -2.667  1.00 26.31 ? 4   BRU B N1    1 
HETATM 373 C  C2    . BRU B 1 4  ? -0.343  -9.004  -2.857  1.00 22.82 ? 4   BRU B C2    1 
HETATM 374 N  N3    . BRU B 1 4  ? -1.151  -9.262  -4.104  1.00 29.99 ? 4   BRU B N3    1 
HETATM 375 C  C4    . BRU B 1 4  ? -0.648  -10.191 -5.113  1.00 27.02 ? 4   BRU B C4    1 
HETATM 376 C  C5    . BRU B 1 4  ? 0.658   -10.879 -4.902  1.00 26.30 ? 4   BRU B C5    1 
HETATM 377 C  C6    . BRU B 1 4  ? 1.456   -10.627 -3.678  1.00 26.23 ? 4   BRU B C6    1 
HETATM 378 O  O2    . BRU B 1 4  ? -0.739  -8.257  -2.032  1.00 21.42 ? 4   BRU B O2    1 
HETATM 379 O  O4    . BRU B 1 4  ? -1.273  -10.401 -6.098  1.00 35.83 ? 4   BRU B O4    1 
HETATM 380 BR BR    . BRU B 1 4  ? 1.319   -12.113 -6.252  1.00 79.67 ? 4   BRU B BR    1 
HETATM 381 C  "C1'" . BRU B 1 4  ? 1.767   -9.449  -1.439  1.00 24.62 ? 4   BRU B "C1'" 1 
HETATM 382 C  "C2'" . BRU B 1 4  ? 2.327   -10.794 -0.812  1.00 23.10 ? 4   BRU B "C2'" 1 
HETATM 383 C  "C3'" . BRU B 1 4  ? 3.589   -10.329 -0.146  1.00 22.71 ? 4   BRU B "C3'" 1 
HETATM 384 C  "C4'" . BRU B 1 4  ? 4.057   -9.325  -0.890  1.00 29.86 ? 4   BRU B "C4'" 1 
HETATM 385 O  "O3'" . BRU B 1 4  ? 3.215   -9.721  1.153   1.00 22.51 ? 4   BRU B "O3'" 1 
HETATM 386 O  "O4'" . BRU B 1 4  ? 2.805   -8.784  -1.771  1.00 30.45 ? 4   BRU B "O4'" 1 
HETATM 387 C  "C5'" . BRU B 1 4  ? 5.188   -9.749  -1.769  1.00 32.40 ? 4   BRU B "C5'" 1 
HETATM 388 O  "O5'" . BRU B 1 4  ? 4.756   -10.761 -2.655  1.00 40.97 ? 4   BRU B "O5'" 1 
HETATM 389 P  P     . BRU B 1 4  ? 5.563   -12.213 -2.628  1.00 53.96 ? 4   BRU B P     1 
HETATM 390 O  OP1   . BRU B 1 4  ? 6.028   -12.553 -1.227  1.00 47.96 ? 4   BRU B OP1   1 
HETATM 391 O  OP2   . BRU B 1 4  ? 4.715   -13.321 -3.208  1.00 51.88 ? 4   BRU B OP2   1 
ATOM   392 P  P     . DC  B 1 5  ? 3.176   -10.613 2.482   1.00 27.27 ? 5   DC  B P     1 
ATOM   393 O  OP1   . DC  B 1 5  ? 4.544   -11.113 2.728   1.00 30.68 ? 5   DC  B OP1   1 
ATOM   394 O  OP2   . DC  B 1 5  ? 2.040   -11.556 2.365   1.00 30.31 ? 5   DC  B OP2   1 
ATOM   395 O  "O5'" . DC  B 1 5  ? 2.817   -9.563  3.617   1.00 21.29 ? 5   DC  B "O5'" 1 
ATOM   396 C  "C5'" . DC  B 1 5  ? 3.772   -8.631  4.043   1.00 20.73 ? 5   DC  B "C5'" 1 
ATOM   397 C  "C4'" . DC  B 1 5  ? 3.142   -7.649  5.004   1.00 16.75 ? 5   DC  B "C4'" 1 
ATOM   398 O  "O4'" . DC  B 1 5  ? 2.237   -6.784  4.282   1.00 13.66 ? 5   DC  B "O4'" 1 
ATOM   399 C  "C3'" . DC  B 1 5  ? 2.314   -8.270  6.118   1.00 15.37 ? 5   DC  B "C3'" 1 
ATOM   400 O  "O3'" . DC  B 1 5  ? 2.381   -7.453  7.255   1.00 17.11 ? 5   DC  B "O3'" 1 
ATOM   401 C  "C2'" . DC  B 1 5  ? 0.906   -8.285  5.528   1.00 16.53 ? 5   DC  B "C2'" 1 
ATOM   402 C  "C1'" . DC  B 1 5  ? 0.904   -7.012  4.684   1.00 14.97 ? 5   DC  B "C1'" 1 
ATOM   403 N  N1    . DC  B 1 5  ? 0.076   -7.099  3.459   1.00 13.22 ? 5   DC  B N1    1 
ATOM   404 C  C2    . DC  B 1 5  ? -1.299  -6.880  3.538   1.00 13.05 ? 5   DC  B C2    1 
ATOM   405 O  O2    . DC  B 1 5  ? -1.804  -6.639  4.639   1.00 14.21 ? 5   DC  B O2    1 
ATOM   406 N  N3    . DC  B 1 5  ? -2.038  -6.949  2.410   1.00 12.57 ? 5   DC  B N3    1 
ATOM   407 C  C4    . DC  B 1 5  ? -1.460  -7.220  1.240   1.00 14.37 ? 5   DC  B C4    1 
ATOM   408 N  N4    . DC  B 1 5  ? -2.236  -7.278  0.159   1.00 15.10 ? 5   DC  B N4    1 
ATOM   409 C  C5    . DC  B 1 5  ? -0.055  -7.440  1.133   1.00 14.35 ? 5   DC  B C5    1 
ATOM   410 C  C6    . DC  B 1 5  ? 0.668   -7.366  2.256   1.00 14.20 ? 5   DC  B C6    1 
ATOM   411 P  P     . DG  B 1 6  ? 3.475   -7.746  8.391   1.00 19.85 ? 6   DG  B P     1 
ATOM   412 O  OP1   . DG  B 1 6  ? 3.473   -9.208  8.625   1.00 23.38 ? 6   DG  B OP1   1 
ATOM   413 O  OP2   . DG  B 1 6  ? 3.206   -6.803  9.495   1.00 21.43 ? 6   DG  B OP2   1 
ATOM   414 O  "O5'" . DG  B 1 6  ? 4.874   -7.361  7.723   1.00 19.03 ? 6   DG  B "O5'" 1 
ATOM   415 C  "C5'" . DG  B 1 6  ? 5.328   -6.013  7.721   1.00 18.30 ? 6   DG  B "C5'" 1 
ATOM   416 C  "C4'" . DG  B 1 6  ? 6.643   -5.911  6.973   1.00 15.92 ? 6   DG  B "C4'" 1 
ATOM   417 O  "O4'" . DG  B 1 6  ? 6.417   -6.151  5.565   1.00 15.93 ? 6   DG  B "O4'" 1 
ATOM   418 C  "C3'" . DG  B 1 6  ? 7.344   -4.562  7.029   1.00 14.74 ? 6   DG  B "C3'" 1 
ATOM   419 O  "O3'" . DG  B 1 6  ? 8.730   -4.774  6.791   1.00 18.57 ? 6   DG  B "O3'" 1 
ATOM   420 C  "C2'" . DG  B 1 6  ? 6.691   -3.828  5.858   1.00 13.79 ? 6   DG  B "C2'" 1 
ATOM   421 C  "C1'" . DG  B 1 6  ? 6.649   -4.951  4.831   1.00 12.88 ? 6   DG  B "C1'" 1 
ATOM   422 N  N9    . DG  B 1 6  ? 5.593   -4.850  3.826   1.00 12.00 ? 6   DG  B N9    1 
ATOM   423 C  C8    . DG  B 1 6  ? 5.714   -5.131  2.488   1.00 11.79 ? 6   DG  B C8    1 
ATOM   424 N  N7    . DG  B 1 6  ? 4.603   -4.997  1.822   1.00 11.52 ? 6   DG  B N7    1 
ATOM   425 C  C5    . DG  B 1 6  ? 3.675   -4.605  2.782   1.00 10.78 ? 6   DG  B C5    1 
ATOM   426 C  C6    . DG  B 1 6  ? 2.294   -4.309  2.647   1.00 10.32 ? 6   DG  B C6    1 
ATOM   427 O  O6    . DG  B 1 6  ? 1.600   -4.343  1.622   1.00 10.78 ? 6   DG  B O6    1 
ATOM   428 N  N1    . DG  B 1 6  ? 1.725   -3.943  3.864   1.00 9.52  ? 6   DG  B N1    1 
ATOM   429 C  C2    . DG  B 1 6  ? 2.399   -3.899  5.061   1.00 10.34 ? 6   DG  B C2    1 
ATOM   430 N  N2    . DG  B 1 6  ? 1.681   -3.540  6.133   1.00 13.03 ? 6   DG  B N2    1 
ATOM   431 N  N3    . DG  B 1 6  ? 3.690   -4.174  5.198   1.00 12.40 ? 6   DG  B N3    1 
ATOM   432 C  C4    . DG  B 1 6  ? 4.265   -4.514  4.022   1.00 12.23 ? 6   DG  B C4    1 
ATOM   433 P  P     . DG  B 1 7  ? 9.793   -3.573  6.905   1.00 18.49 ? 7   DG  B P     1 
ATOM   434 O  OP1   . DG  B 1 7  ? 11.135  -4.184  6.994   1.00 26.08 ? 7   DG  B OP1   1 
ATOM   435 O  OP2   . DG  B 1 7  ? 9.333   -2.640  7.950   1.00 23.36 ? 7   DG  B OP2   1 
ATOM   436 O  "O5'" . DG  B 1 7  ? 9.677   -2.804  5.507   1.00 16.06 ? 7   DG  B "O5'" 1 
ATOM   437 C  "C5'" . DG  B 1 7  ? 10.136  -3.416  4.327   1.00 15.83 ? 7   DG  B "C5'" 1 
ATOM   438 C  "C4'" . DG  B 1 7  ? 9.658   -2.637  3.124   1.00 12.32 ? 7   DG  B "C4'" 1 
ATOM   439 O  "O4'" . DG  B 1 7  ? 8.223   -2.815  2.975   1.00 11.39 ? 7   DG  B "O4'" 1 
ATOM   440 C  "C3'" . DG  B 1 7  ? 9.884   -1.109  3.214   1.00 11.42 ? 7   DG  B "C3'" 1 
ATOM   441 O  "O3'" . DG  B 1 7  ? 10.577  -0.639  2.075   1.00 12.47 ? 7   DG  B "O3'" 1 
ATOM   442 C  "C2'" . DG  B 1 7  ? 8.470   -0.549  3.235   1.00 12.38 ? 7   DG  B "C2'" 1 
ATOM   443 C  "C1'" . DG  B 1 7  ? 7.741   -1.621  2.458   1.00 12.38 ? 7   DG  B "C1'" 1 
ATOM   444 N  N9    . DG  B 1 7  ? 6.299   -1.513  2.570   1.00 10.58 ? 7   DG  B N9    1 
ATOM   445 C  C8    . DG  B 1 7  ? 5.582   -1.068  3.651   1.00 11.12 ? 7   DG  B C8    1 
ATOM   446 N  N7    . DG  B 1 7  ? 4.303   -0.993  3.422   1.00 9.55  ? 7   DG  B N7    1 
ATOM   447 C  C5    . DG  B 1 7  ? 4.176   -1.361  2.097   1.00 10.26 ? 7   DG  B C5    1 
ATOM   448 C  C6    . DG  B 1 7  ? 3.025   -1.462  1.296   1.00 9.38  ? 7   DG  B C6    1 
ATOM   449 O  O6    . DG  B 1 7  ? 1.854   -1.204  1.596   1.00 10.25 ? 7   DG  B O6    1 
ATOM   450 N  N1    . DG  B 1 7  ? 3.333   -1.883  0.006   1.00 9.31  ? 7   DG  B N1    1 
ATOM   451 C  C2    . DG  B 1 7  ? 4.597   -2.178  -0.439  1.00 9.78  ? 7   DG  B C2    1 
ATOM   452 N  N2    . DG  B 1 7  ? 4.696   -2.570  -1.712  1.00 10.25 ? 7   DG  B N2    1 
ATOM   453 N  N3    . DG  B 1 7  ? 5.685   -2.084  0.303   1.00 10.32 ? 7   DG  B N3    1 
ATOM   454 C  C4    . DG  B 1 7  ? 5.394   -1.685  1.560   1.00 8.28  ? 7   DG  B C4    1 
ATOM   455 P  P     . DC  B 1 8  ? 12.170  -0.459  2.108   1.00 13.83 ? 8   DC  B P     1 
ATOM   456 O  OP1   . DC  B 1 8  ? 12.731  -1.813  2.356   1.00 15.23 ? 8   DC  B OP1   1 
ATOM   457 O  OP2   . DC  B 1 8  ? 12.523  0.640   3.013   1.00 13.75 ? 8   DC  B OP2   1 
ATOM   458 O  "O5'" . DC  B 1 8  ? 12.512  -0.066  0.603   1.00 13.43 ? 8   DC  B "O5'" 1 
ATOM   459 C  "C5'" . DC  B 1 8  ? 12.171  1.215   0.082   1.00 14.31 ? 8   DC  B "C5'" 1 
ATOM   460 C  "C4'" . DC  B 1 8  ? 12.813  1.409   -1.280  1.00 13.65 ? 8   DC  B "C4'" 1 
ATOM   461 O  "O4'" . DC  B 1 8  ? 14.254  1.416   -1.127  1.00 14.63 ? 8   DC  B "O4'" 1 
ATOM   462 C  "C3'" . DC  B 1 8  ? 12.510  0.302   -2.287  1.00 14.85 ? 8   DC  B "C3'" 1 
ATOM   463 O  "O3'" . DC  B 1 8  ? 12.474  0.829   -3.610  1.00 14.09 ? 8   DC  B "O3'" 1 
ATOM   464 C  "C2'" . DC  B 1 8  ? 13.694  -0.649  -2.116  1.00 14.01 ? 8   DC  B "C2'" 1 
ATOM   465 C  "C1'" . DC  B 1 8  ? 14.826  0.328   -1.824  1.00 13.40 ? 8   DC  B "C1'" 1 
ATOM   466 N  N1    . DC  B 1 8  ? 15.902  -0.225  -0.974  1.00 15.94 ? 8   DC  B N1    1 
ATOM   467 C  C2    . DC  B 1 8  ? 17.232  0.015   -1.311  1.00 21.25 ? 8   DC  B C2    1 
ATOM   468 O  O2    . DC  B 1 8  ? 17.486  0.665   -2.331  1.00 25.03 ? 8   DC  B O2    1 
ATOM   469 N  N3    . DC  B 1 8  ? 18.210  -0.481  -0.516  1.00 20.85 ? 8   DC  B N3    1 
ATOM   470 C  C4    . DC  B 1 8  ? 17.893  -1.175  0.577   1.00 18.68 ? 8   DC  B C4    1 
ATOM   471 N  N4    . DC  B 1 8  ? 18.893  -1.643  1.332   1.00 26.47 ? 8   DC  B N4    1 
ATOM   472 C  C5    . DC  B 1 8  ? 16.540  -1.424  0.943   1.00 16.80 ? 8   DC  B C5    1 
ATOM   473 C  C6    . DC  B 1 8  ? 15.586  -0.930  0.149   1.00 15.55 ? 8   DC  B C6    1 
ATOM   474 P  P     . DG  B 1 9  ? 11.139  1.513   -4.180  1.00 14.95 ? 9   DG  B P     1 
ATOM   475 O  OP1   . DG  B 1 9  ? 11.381  1.725   -5.626  1.00 17.65 ? 9   DG  B OP1   1 
ATOM   476 O  OP2   . DG  B 1 9  ? 10.803  2.649   -3.308  1.00 15.18 ? 9   DG  B OP2   1 
ATOM   477 O  "O5'" . DG  B 1 9  ? 9.993   0.421   -3.945  1.00 14.45 ? 9   DG  B "O5'" 1 
ATOM   478 C  "C5'" . DG  B 1 9  ? 10.009  -0.808  -4.634  1.00 12.55 ? 9   DG  B "C5'" 1 
ATOM   479 C  "C4'" . DG  B 1 9  ? 8.722   -0.969  -5.409  1.00 12.70 ? 9   DG  B "C4'" 1 
ATOM   480 O  "O4'" . DG  B 1 9  ? 7.613   -1.125  -4.475  1.00 11.75 ? 9   DG  B "O4'" 1 
ATOM   481 C  "C3'" . DG  B 1 9  ? 8.368   0.227   -6.295  1.00 12.51 ? 9   DG  B "C3'" 1 
ATOM   482 O  "O3'" . DG  B 1 9  ? 7.920   -0.229  -7.567  1.00 12.72 ? 9   DG  B "O3'" 1 
ATOM   483 C  "C2'" . DG  B 1 9  ? 7.250   0.910   -5.519  1.00 12.17 ? 9   DG  B "C2'" 1 
ATOM   484 C  "C1'" . DG  B 1 9  ? 6.571   -0.279  -4.871  1.00 10.88 ? 9   DG  B "C1'" 1 
ATOM   485 N  N9    . DG  B 1 9  ? 5.792   0.112   -3.708  1.00 9.73  ? 9   DG  B N9    1 
ATOM   486 C  C8    . DG  B 1 9  ? 6.250   0.354   -2.430  1.00 9.59  ? 9   DG  B C8    1 
ATOM   487 N  N7    . DG  B 1 9  ? 5.316   0.760   -1.618  1.00 8.18  ? 9   DG  B N7    1 
ATOM   488 C  C5    . DG  B 1 9  ? 4.173   0.799   -2.411  1.00 8.43  ? 9   DG  B C5    1 
ATOM   489 C  C6    . DG  B 1 9  ? 2.851   1.176   -2.084  1.00 9.29  ? 9   DG  B C6    1 
ATOM   490 O  O6    . DG  B 1 9  ? 2.411   1.544   -0.987  1.00 8.03  ? 9   DG  B O6    1 
ATOM   491 N  N1    . DG  B 1 9  ? 1.999   1.083   -3.180  1.00 8.58  ? 9   DG  B N1    1 
ATOM   492 C  C2    . DG  B 1 9  ? 2.383   0.700   -4.438  1.00 10.06 ? 9   DG  B C2    1 
ATOM   493 N  N2    . DG  B 1 9  ? 1.422   0.681   -5.365  1.00 11.04 ? 9   DG  B N2    1 
ATOM   494 N  N3    . DG  B 1 9  ? 3.620   0.346   -4.760  1.00 10.07 ? 9   DG  B N3    1 
ATOM   495 C  C4    . DG  B 1 9  ? 4.459   0.432   -3.702  1.00 8.54  ? 9   DG  B C4    1 
ATOM   496 P  P     . DG  B 1 10 ? 7.430   0.809   -8.692  1.00 16.10 ? 10  DG  B P     1 
ATOM   497 O  OP1   . DG  B 1 10 ? 7.558   0.077   -9.974  1.00 18.41 ? 10  DG  B OP1   1 
ATOM   498 O  OP2   . DG  B 1 10 ? 8.093   2.117   -8.512  1.00 15.90 ? 10  DG  B OP2   1 
ATOM   499 O  "O5'" . DG  B 1 10 ? 5.888   1.040   -8.350  1.00 14.97 ? 10  DG  B "O5'" 1 
ATOM   500 C  "C5'" . DG  B 1 10 ? 4.931   0.027   -8.602  1.00 15.61 ? 10  DG  B "C5'" 1 
ATOM   501 C  "C4'" . DG  B 1 10 ? 3.655   0.630   -9.171  1.00 10.73 ? 10  DG  B "C4'" 1 
ATOM   502 O  "O4'" . DG  B 1 10 ? 2.864   1.241   -8.116  1.00 12.62 ? 10  DG  B "O4'" 1 
ATOM   503 C  "C3'" . DG  B 1 10 ? 3.849   1.737   -10.186 1.00 15.86 ? 10  DG  B "C3'" 1 
ATOM   504 O  "O3'" . DG  B 1 10 ? 2.716   1.759   -11.022 1.00 15.85 ? 10  DG  B "O3'" 1 
ATOM   505 C  "C2'" . DG  B 1 10 ? 3.899   2.988   -9.302  1.00 14.39 ? 10  DG  B "C2'" 1 
ATOM   506 C  "C1'" . DG  B 1 10 ? 2.815   2.655   -8.292  1.00 12.84 ? 10  DG  B "C1'" 1 
ATOM   507 N  N9    . DG  B 1 10 ? 2.982   3.186   -6.959  1.00 10.56 ? 10  DG  B N9    1 
ATOM   508 C  C8    . DG  B 1 10 ? 4.103   3.104   -6.170  1.00 10.58 ? 10  DG  B C8    1 
ATOM   509 N  N7    . DG  B 1 10 ? 3.914   3.552   -4.965  1.00 8.87  ? 10  DG  B N7    1 
ATOM   510 C  C5    . DG  B 1 10 ? 2.573   3.917   -4.947  1.00 8.93  ? 10  DG  B C5    1 
ATOM   511 C  C6    . DG  B 1 10 ? 1.795   4.447   -3.903  1.00 9.49  ? 10  DG  B C6    1 
ATOM   512 O  O6    . DG  B 1 10 ? 2.151   4.710   -2.748  1.00 9.48  ? 10  DG  B O6    1 
ATOM   513 N  N1    . DG  B 1 10 ? 0.479   4.680   -4.301  1.00 8.97  ? 10  DG  B N1    1 
ATOM   514 C  C2    . DG  B 1 10 ? -0.021  4.411   -5.559  1.00 10.43 ? 10  DG  B C2    1 
ATOM   515 N  N2    . DG  B 1 10 ? -1.315  4.691   -5.766  1.00 9.67  ? 10  DG  B N2    1 
ATOM   516 N  N3    . DG  B 1 10 ? 0.701   3.893   -6.542  1.00 10.75 ? 10  DG  B N3    1 
ATOM   517 C  C4    . DG  B 1 10 ? 1.985   3.675   -6.163  1.00 9.59  ? 10  DG  B C4    1 
ATOM   518 P  P     . DC  B 1 11 ? 2.820   1.305   -12.556 1.00 20.03 ? 11  DC  B P     1 
ATOM   519 O  OP1   . DC  B 1 11 ? 3.274   -0.102  -12.623 1.00 25.20 ? 11  DC  B OP1   1 
ATOM   520 O  OP2   . DC  B 1 11 ? 3.593   2.367   -13.223 1.00 24.30 ? 11  DC  B OP2   1 
ATOM   521 O  "O5'" . DC  B 1 11 ? 1.324   1.403   -13.063 1.00 24.37 ? 11  DC  B "O5'" 1 
ATOM   522 C  "C5'" . DC  B 1 11 ? 0.589   2.594   -12.869 1.00 19.88 ? 11  DC  B "C5'" 1 
ATOM   523 C  "C4'" . DC  B 1 11 ? -0.874  2.369   -13.190 1.00 17.61 ? 11  DC  B "C4'" 1 
ATOM   524 O  "O4'" . DC  B 1 11 ? -1.015  1.943   -14.564 1.00 21.60 ? 11  DC  B "O4'" 1 
ATOM   525 C  "C3'" . DC  B 1 11 ? -1.558  1.298   -12.364 1.00 21.54 ? 11  DC  B "C3'" 1 
ATOM   526 O  "O3'" . DC  B 1 11 ? -2.926  1.625   -12.230 1.00 23.20 ? 11  DC  B "O3'" 1 
ATOM   527 C  "C2'" . DC  B 1 11 ? -1.358  0.031   -13.201 1.00 24.72 ? 11  DC  B "C2'" 1 
ATOM   528 C  "C1'" . DC  B 1 11 ? -1.378  0.575   -14.631 1.00 20.22 ? 11  DC  B "C1'" 1 
ATOM   529 N  N1    . DC  B 1 11 ? -0.409  -0.099  -15.552 1.00 21.06 ? 11  DC  B N1    1 
ATOM   530 C  C2    . DC  B 1 11 ? -0.696  -1.363  -16.078 1.00 29.51 ? 11  DC  B C2    1 
ATOM   531 O  O2    . DC  B 1 11 ? -1.753  -1.924  -15.767 1.00 31.08 ? 11  DC  B O2    1 
ATOM   532 N  N3    . DC  B 1 11 ? 0.202   -1.942  -16.917 1.00 24.52 ? 11  DC  B N3    1 
ATOM   533 C  C4    . DC  B 1 11 ? 1.332   -1.303  -17.230 1.00 17.15 ? 11  DC  B C4    1 
ATOM   534 N  N4    . DC  B 1 11 ? 2.187   -1.908  -18.061 1.00 15.97 ? 11  DC  B N4    1 
ATOM   535 C  C5    . DC  B 1 11 ? 1.635   -0.015  -16.709 1.00 17.26 ? 11  DC  B C5    1 
ATOM   536 C  C6    . DC  B 1 11 ? 0.746   0.544   -15.886 1.00 20.55 ? 11  DC  B C6    1 
ATOM   537 P  P     . DG  B 1 12 ? -3.413  2.574   -11.028 1.00 23.38 ? 12  DG  B P     1 
ATOM   538 O  OP1   . DG  B 1 12 ? -4.767  3.052   -11.382 1.00 31.88 ? 12  DG  B OP1   1 
ATOM   539 O  OP2   . DG  B 1 12 ? -2.368  3.574   -10.719 1.00 22.53 ? 12  DG  B OP2   1 
ATOM   540 O  "O5'" . DG  B 1 12 ? -3.536  1.575   -9.791  1.00 23.82 ? 12  DG  B "O5'" 1 
ATOM   541 C  "C5'" . DG  B 1 12 ? -4.642  0.703   -9.701  1.00 17.87 ? 12  DG  B "C5'" 1 
ATOM   542 C  "C4'" . DG  B 1 12 ? -5.453  1.010   -8.458  1.00 15.74 ? 12  DG  B "C4'" 1 
ATOM   543 O  "O4'" . DG  B 1 12 ? -4.675  0.657   -7.290  1.00 14.03 ? 12  DG  B "O4'" 1 
ATOM   544 C  "C3'" . DG  B 1 12 ? -5.845  2.482   -8.274  1.00 18.19 ? 12  DG  B "C3'" 1 
ATOM   545 O  "O3'" . DG  B 1 12 ? -7.193  2.562   -7.809  1.00 18.52 ? 12  DG  B "O3'" 1 
ATOM   546 C  "C2'" . DG  B 1 12 ? -4.860  2.967   -7.213  1.00 14.45 ? 12  DG  B "C2'" 1 
ATOM   547 C  "C1'" . DG  B 1 12 ? -4.719  1.718   -6.373  1.00 14.00 ? 12  DG  B "C1'" 1 
ATOM   548 N  N9    . DG  B 1 12 ? -3.508  1.679   -5.573  1.00 10.92 ? 12  DG  B N9    1 
ATOM   549 C  C8    . DG  B 1 12 ? -2.245  1.341   -5.985  1.00 10.99 ? 12  DG  B C8    1 
ATOM   550 N  N7    . DG  B 1 12 ? -1.358  1.405   -5.028  1.00 9.30  ? 12  DG  B N7    1 
ATOM   551 C  C5    . DG  B 1 12 ? -2.095  1.778   -3.914  1.00 8.56  ? 12  DG  B C5    1 
ATOM   552 C  C6    . DG  B 1 12 ? -1.683  1.995   -2.582  1.00 7.91  ? 12  DG  B C6    1 
ATOM   553 O  O6    . DG  B 1 12 ? -0.540  1.879   -2.102  1.00 8.12  ? 12  DG  B O6    1 
ATOM   554 N  N1    . DG  B 1 12 ? -2.754  2.377   -1.769  1.00 8.27  ? 12  DG  B N1    1 
ATOM   555 C  C2    . DG  B 1 12 ? -4.054  2.509   -2.200  1.00 7.88  ? 12  DG  B C2    1 
ATOM   556 N  N2    . DG  B 1 12 ? -4.954  2.889   -1.287  1.00 9.45  ? 12  DG  B N2    1 
ATOM   557 N  N3    . DG  B 1 12 ? -4.434  2.324   -3.444  1.00 8.64  ? 12  DG  B N3    1 
ATOM   558 C  C4    . DG  B 1 12 ? -3.413  1.947   -4.235  1.00 9.96  ? 12  DG  B C4    1 
ATOM   559 P  P     . DG  B 1 13 ? -7.966  3.968   -7.765  1.00 19.20 ? 13  DG  B P     1 
ATOM   560 O  OP1   . DG  B 1 13 ? -9.402  3.694   -7.988  1.00 21.79 ? 13  DG  B OP1   1 
ATOM   561 O  OP2   . DG  B 1 13 ? -7.262  4.945   -8.610  1.00 21.69 ? 13  DG  B OP2   1 
ATOM   562 O  "O5'" . DG  B 1 13 ? -7.754  4.486   -6.269  1.00 17.77 ? 13  DG  B "O5'" 1 
ATOM   563 C  "C5'" . DG  B 1 13 ? -8.470  3.899   -5.211  1.00 16.50 ? 13  DG  B "C5'" 1 
ATOM   564 C  "C4'" . DG  B 1 13 ? -8.543  4.843   -4.024  1.00 13.07 ? 13  DG  B "C4'" 1 
ATOM   565 O  "O4'" . DG  B 1 13 ? -7.306  4.798   -3.274  1.00 11.08 ? 13  DG  B "O4'" 1 
ATOM   566 C  "C3'" . DG  B 1 13 ? -8.770  6.307   -4.354  1.00 12.87 ? 13  DG  B "C3'" 1 
ATOM   567 O  "O3'" . DG  B 1 13 ? -9.639  6.834   -3.376  1.00 14.01 ? 13  DG  B "O3'" 1 
ATOM   568 C  "C2'" . DG  B 1 13 ? -7.361  6.914   -4.255  1.00 11.74 ? 13  DG  B "C2'" 1 
ATOM   569 C  "C1'" . DG  B 1 13 ? -6.784  6.111   -3.112  1.00 10.76 ? 13  DG  B "C1'" 1 
ATOM   570 N  N9    . DG  B 1 13 ? -5.338  5.971   -3.115  1.00 8.87  ? 13  DG  B N9    1 
ATOM   571 C  C8    . DG  B 1 13 ? -4.549  5.654   -4.192  1.00 10.18 ? 13  DG  B C8    1 
ATOM   572 N  N7    . DG  B 1 13 ? -3.290  5.522   -3.889  1.00 8.25  ? 13  DG  B N7    1 
ATOM   573 C  C5    . DG  B 1 13 ? -3.241  5.718   -2.512  1.00 8.49  ? 13  DG  B C5    1 
ATOM   574 C  C6    . DG  B 1 13 ? -2.137  5.697   -1.624  1.00 8.01  ? 13  DG  B C6    1 
ATOM   575 O  O6    . DG  B 1 13 ? -0.950  5.449   -1.883  1.00 8.69  ? 13  DG  B O6    1 
ATOM   576 N  N1    . DG  B 1 13 ? -2.527  5.950   -0.312  1.00 7.93  ? 13  DG  B N1    1 
ATOM   577 C  C2    . DG  B 1 13 ? -3.811  6.226   0.086   1.00 9.27  ? 13  DG  B C2    1 
ATOM   578 N  N2    . DG  B 1 13 ? -3.990  6.468   1.395   1.00 9.95  ? 13  DG  B N2    1 
ATOM   579 N  N3    . DG  B 1 13 ? -4.850  6.261   -0.741  1.00 8.29  ? 13  DG  B N3    1 
ATOM   580 C  C4    . DG  B 1 13 ? -4.494  5.996   -2.020  1.00 7.64  ? 13  DG  B C4    1 
ATOM   581 P  P     A DA  B 1 14 ? -10.054 8.390   -3.379  0.46 11.37 ? 14  DA  B P     1 
ATOM   582 P  P     B DA  B 1 14 ? -10.305 8.272   -3.586  0.54 22.31 ? 14  DA  B P     1 
ATOM   583 O  OP1   A DA  B 1 14 ? -11.251 8.522   -2.517  0.46 21.22 ? 14  DA  B OP1   1 
ATOM   584 O  OP1   B DA  B 1 14 ? -11.665 8.200   -3.001  0.54 19.44 ? 14  DA  B OP1   1 
ATOM   585 O  OP2   A DA  B 1 14 ? -10.098 8.888   -4.767  0.46 15.79 ? 14  DA  B OP2   1 
ATOM   586 O  OP2   B DA  B 1 14 ? -10.108 8.689   -4.992  0.54 21.17 ? 14  DA  B OP2   1 
ATOM   587 O  "O5'" A DA  B 1 14 ? -8.841  9.111   -2.676  0.46 14.60 ? 14  DA  B "O5'" 1 
ATOM   588 O  "O5'" B DA  B 1 14 ? -9.403  9.206   -2.674  0.54 14.85 ? 14  DA  B "O5'" 1 
ATOM   589 C  "C5'" A DA  B 1 14 ? -8.561  8.836   -1.345  0.46 14.73 ? 14  DA  B "C5'" 1 
ATOM   590 C  "C5'" B DA  B 1 14 ? -9.216  8.867   -1.312  0.54 14.41 ? 14  DA  B "C5'" 1 
ATOM   591 C  "C4'" A DA  B 1 14 ? -7.404  9.680   -0.916  0.46 17.68 ? 14  DA  B "C4'" 1 
ATOM   592 C  "C4'" B DA  B 1 14 ? -7.947  9.486   -0.760  0.54 13.56 ? 14  DA  B "C4'" 1 
ATOM   593 O  "O4'" A DA  B 1 14 ? -6.192  9.114   -1.429  0.46 18.57 ? 14  DA  B "O4'" 1 
ATOM   594 O  "O4'" B DA  B 1 14 ? -6.789  8.952   -1.441  0.54 13.32 ? 14  DA  B "O4'" 1 
ATOM   595 C  "C3'" A DA  B 1 14 ? -7.451  11.105  -1.463  0.46 17.22 ? 14  DA  B "C3'" 1 
ATOM   596 C  "C3'" B DA  B 1 14 ? -7.847  11.011  -0.894  0.54 10.76 ? 14  DA  B "C3'" 1 
ATOM   597 O  "O3'" A DA  B 1 14 ? -7.635  11.999  -0.405  0.46 24.89 ? 14  DA  B "O3'" 1 
ATOM   598 O  "O3'" B DA  B 1 14 ? -7.690  11.583  0.392   0.54 13.44 ? 14  DA  B "O3'" 1 
ATOM   599 C  "C2'" A DA  B 1 14 ? -6.089  11.304  -2.153  0.46 19.04 ? 14  DA  B "C2'" 1 
ATOM   600 C  "C2'" B DA  B 1 14 ? -6.592  11.225  -1.762  0.54 14.39 ? 14  DA  B "C2'" 1 
ATOM   601 C  "C1'" A DA  B 1 14 ? -5.280  10.155  -1.580  0.46 17.90 ? 14  DA  B "C1'" 1 
ATOM   602 C  "C1'" B DA  B 1 14 ? -5.813  9.957   -1.468  0.54 15.22 ? 14  DA  B "C1'" 1 
ATOM   603 N  N9    A DA  B 1 14 ? -4.197  9.690   -2.431  0.46 16.89 ? 14  DA  B N9    1 
ATOM   604 N  N9    B DA  B 1 14 ? -4.790  9.598   -2.459  0.54 11.24 ? 14  DA  B N9    1 
ATOM   605 C  C8    A DA  B 1 14 ? -2.910  9.468   -2.048  0.46 15.31 ? 14  DA  B C8    1 
ATOM   606 C  C8    B DA  B 1 14 ? -4.945  9.457   -3.808  0.54 10.26 ? 14  DA  B C8    1 
ATOM   607 N  N7    A DA  B 1 14 ? -2.138  9.032   -3.008  0.46 11.09 ? 14  DA  B N7    1 
ATOM   608 N  N7    B DA  B 1 14 ? -3.848  9.090   -4.436  0.54 11.71 ? 14  DA  B N7    1 
ATOM   609 C  C5    A DA  B 1 14 ? -2.981  8.956   -4.100  0.46 8.22  ? 14  DA  B C5    1 
ATOM   610 C  C5    B DA  B 1 14 ? -2.908  8.970   -3.428  0.54 9.61  ? 14  DA  B C5    1 
ATOM   611 C  C6    A DA  B 1 14 ? -2.766  8.564   -5.427  0.46 9.52  ? 14  DA  B C6    1 
ATOM   612 C  C6    B DA  B 1 14 ? -1.539  8.614   -3.437  0.54 10.81 ? 14  DA  B C6    1 
ATOM   613 N  N6    A DA  B 1 14 ? -1.579  8.160   -5.882  0.46 11.66 ? 14  DA  B N6    1 
ATOM   614 N  N6    B DA  B 1 14 ? -0.863  8.292   -4.550  0.54 11.41 ? 14  DA  B N6    1 
ATOM   615 N  N1    A DA  B 1 14 ? -3.813  8.603   -6.268  0.46 15.47 ? 14  DA  B N1    1 
ATOM   616 N  N1    B DA  B 1 14 ? -0.893  8.596   -2.253  0.54 15.34 ? 14  DA  B N1    1 
ATOM   617 C  C2    A DA  B 1 14 ? -4.996  9.004   -5.802  0.46 17.40 ? 14  DA  B C2    1 
ATOM   618 C  C2    B DA  B 1 14 ? -1.573  8.913   -1.141  0.54 13.11 ? 14  DA  B C2    1 
ATOM   619 N  N3    A DA  B 1 14 ? -5.322  9.403   -4.579  0.46 12.91 ? 14  DA  B N3    1 
ATOM   620 N  N3    B DA  B 1 14 ? -2.853  9.263   -1.009  0.54 11.65 ? 14  DA  B N3    1 
ATOM   621 C  C4    A DA  B 1 14 ? -4.259  9.352   -3.765  0.46 6.24  ? 14  DA  B C4    1 
ATOM   622 C  C4    B DA  B 1 14 ? -3.473  9.272   -2.200  0.54 12.09 ? 14  DA  B C4    1 
HETATM 623 K  K     . K   C 2 .  ? -0.490  -2.891  0.948   1.00 9.88  ? 101 K   A K     1 
HETATM 624 K  K     . K   D 2 .  ? 0.119   0.490   0.251   1.00 8.20  ? 102 K   A K     1 
HETATM 625 K  K     . K   E 2 .  ? 0.735   3.829   -0.446  1.00 8.10  ? 103 K   A K     1 
HETATM 626 CO CO    . NCO F 3 .  ? 16.663  5.208   -1.799  1.00 23.52 ? 104 NCO A CO    1 
HETATM 627 N  N1    . NCO F 3 .  ? 16.648  3.556   -0.708  1.00 24.54 ? 104 NCO A N1    1 
HETATM 628 N  N2    . NCO F 3 .  ? 16.662  6.867   -2.883  1.00 21.00 ? 104 NCO A N2    1 
HETATM 629 N  N3    . NCO F 3 .  ? 17.289  4.210   -3.389  1.00 34.02 ? 104 NCO A N3    1 
HETATM 630 N  N4    . NCO F 3 .  ? 18.540  5.524   -1.255  1.00 27.35 ? 104 NCO A N4    1 
HETATM 631 N  N5    . NCO F 3 .  ? 16.027  6.216   -0.217  1.00 30.03 ? 104 NCO A N5    1 
HETATM 632 N  N6    . NCO F 3 .  ? 14.785  4.859   -2.327  1.00 23.59 ? 104 NCO A N6    1 
HETATM 633 NA NA    . NA  G 4 .  ? 1.349   7.190   -1.142  1.00 16.19 ? 105 NA  A NA    1 
HETATM 634 CO CO    . NCO H 3 .  ? 7.498   4.790   -14.335 1.00 84.41 ? 101 NCO B CO    1 
HETATM 635 N  N1    . NCO H 3 .  ? 7.267   3.211   -15.507 1.00 37.78 ? 101 NCO B N1    1 
HETATM 636 N  N2    . NCO H 3 .  ? 7.736   6.372   -13.167 1.00 34.49 ? 101 NCO B N2    1 
HETATM 637 N  N3    . NCO H 3 .  ? 5.691   5.429   -14.837 1.00 40.42 ? 101 NCO B N3    1 
HETATM 638 N  N4    . NCO H 3 .  ? 8.275   5.809   -15.845 1.00 42.12 ? 101 NCO B N4    1 
HETATM 639 N  N5    . NCO H 3 .  ? 9.307   4.153   -13.838 1.00 41.43 ? 101 NCO B N5    1 
HETATM 640 N  N6    . NCO H 3 .  ? 6.716   3.770   -12.826 1.00 40.09 ? 101 NCO B N6    1 
HETATM 641 CO CO    . NCO I 3 .  ? 5.144   -6.539  -14.212 1.00 30.17 ? 102 NCO B CO    1 
HETATM 642 N  N1    . NCO I 3 .  ? 5.535   -8.284  -15.066 1.00 29.73 ? 102 NCO B N1    1 
HETATM 643 N  N2    . NCO I 3 .  ? 4.748   -4.792  -13.366 1.00 35.53 ? 102 NCO B N2    1 
HETATM 644 N  N3    . NCO I 3 .  ? 5.869   -5.603  -15.801 1.00 27.15 ? 102 NCO B N3    1 
HETATM 645 N  N4    . NCO I 3 .  ? 6.946   -6.535  -13.391 1.00 43.02 ? 102 NCO B N4    1 
HETATM 646 N  N5    . NCO I 3 .  ? 4.414   -7.472  -12.625 1.00 38.00 ? 102 NCO B N5    1 
HETATM 647 N  N6    . NCO I 3 .  ? 3.342   -6.543  -15.035 1.00 36.84 ? 102 NCO B N6    1 
HETATM 648 O  O     . HOH J 5 .  ? 13.230  6.319   -4.408  1.00 23.88 ? 201 HOH A O     1 
HETATM 649 O  O     . HOH J 5 .  ? 7.747   6.742   5.494   1.00 21.22 ? 202 HOH A O     1 
HETATM 650 O  O     . HOH J 5 .  ? 10.513  1.017   7.377   1.00 29.51 ? 203 HOH A O     1 
HETATM 651 O  O     . HOH J 5 .  ? 4.092   9.361   10.054  1.00 33.56 ? 204 HOH A O     1 
HETATM 652 O  O     . HOH J 5 .  ? -14.240 -0.835  -4.609  1.00 36.96 ? 205 HOH A O     1 
HETATM 653 O  O     . HOH J 5 .  ? 11.841  8.593   2.371   1.00 19.30 ? 206 HOH A O     1 
HETATM 654 O  O     . HOH J 5 .  ? -8.331  9.079   6.224   1.00 19.41 ? 207 HOH A O     1 
HETATM 655 O  O     . HOH J 5 .  ? -18.407 3.558   4.289   1.00 22.18 ? 208 HOH A O     1 
HETATM 656 O  O     . HOH J 5 .  ? -14.907 0.841   -2.403  1.00 22.09 ? 209 HOH A O     1 
HETATM 657 O  O     . HOH J 5 .  ? -9.759  0.259   -6.480  1.00 32.87 ? 210 HOH A O     1 
HETATM 658 O  O     . HOH J 5 .  ? -12.632 0.983   1.037   1.00 17.08 ? 211 HOH A O     1 
HETATM 659 O  O     . HOH J 5 .  ? -13.988 -2.857  10.913  1.00 28.00 ? 212 HOH A O     1 
HETATM 660 O  O     . HOH J 5 .  ? -5.508  -10.509 -4.570  1.00 42.55 ? 213 HOH A O     1 
HETATM 661 O  O     . HOH J 5 .  ? -7.411  5.970   0.308   1.00 14.15 ? 214 HOH A O     1 
HETATM 662 O  O     . HOH J 5 .  ? -13.248 5.859   -3.759  1.00 41.15 ? 215 HOH A O     1 
HETATM 663 O  O     . HOH J 5 .  ? -15.760 -10.625 5.982   1.00 38.79 ? 216 HOH A O     1 
HETATM 664 O  O     . HOH J 5 .  ? -18.816 2.304   -1.763  1.00 30.32 ? 217 HOH A O     1 
HETATM 665 O  O     . HOH J 5 .  ? 4.813   7.229   6.727   1.00 24.91 ? 218 HOH A O     1 
HETATM 666 O  O     . HOH J 5 .  ? -8.218  -5.001  7.068   1.00 18.29 ? 219 HOH A O     1 
HETATM 667 O  O     . HOH J 5 .  ? 3.533   -0.620  8.297   1.00 34.03 ? 220 HOH A O     1 
HETATM 668 O  O     . HOH J 5 .  ? -10.825 -2.484  12.451  1.00 39.60 ? 221 HOH A O     1 
HETATM 669 O  O     . HOH J 5 .  ? -8.479  -0.534  2.067   1.00 17.19 ? 222 HOH A O     1 
HETATM 670 O  O     . HOH J 5 .  ? -14.795 2.951   5.015   1.00 27.39 ? 223 HOH A O     1 
HETATM 671 O  O     . HOH J 5 .  ? 2.385   5.521   7.692   1.00 25.64 ? 224 HOH A O     1 
HETATM 672 O  O     . HOH J 5 .  ? -12.321 1.959   -5.535  1.00 29.14 ? 225 HOH A O     1 
HETATM 673 O  O     . HOH J 5 .  ? -7.441  0.445   4.602   1.00 17.46 ? 226 HOH A O     1 
HETATM 674 O  O     . HOH J 5 .  ? -5.533  -9.591  2.818   1.00 26.95 ? 227 HOH A O     1 
HETATM 675 O  O     . HOH J 5 .  ? -6.542  -1.220  6.615   1.00 18.40 ? 228 HOH A O     1 
HETATM 676 O  O     . HOH J 5 .  ? -8.318  3.377   0.310   1.00 16.29 ? 229 HOH A O     1 
HETATM 677 O  O     . HOH J 5 .  ? -8.343  -3.569  4.802   1.00 18.17 ? 230 HOH A O     1 
HETATM 678 O  O     . HOH J 5 .  ? -4.697  -1.671  15.183  1.00 40.39 ? 231 HOH A O     1 
HETATM 679 O  O     . HOH J 5 .  ? 9.635   8.001   5.363   1.00 36.36 ? 232 HOH A O     1 
HETATM 680 O  O     . HOH J 5 .  ? -8.126  -2.547  8.611   1.00 21.99 ? 233 HOH A O     1 
HETATM 681 O  O     . HOH J 5 .  ? -10.709 -0.407  -8.418  1.00 31.90 ? 234 HOH A O     1 
HETATM 682 O  O     . HOH J 5 .  ? -13.893 -12.002 5.970   1.00 43.02 ? 235 HOH A O     1 
HETATM 683 O  O     . HOH J 5 .  ? -18.978 1.002   3.199   1.00 19.45 ? 236 HOH A O     1 
HETATM 684 O  O     . HOH J 5 .  ? 3.367   9.696   12.681  1.00 45.75 ? 237 HOH A O     1 
HETATM 685 O  O     . HOH J 5 .  ? -14.300 -2.520  -1.375  1.00 23.85 ? 238 HOH A O     1 
HETATM 686 O  O     . HOH J 5 .  ? -14.718 1.558   2.753   1.00 22.39 ? 239 HOH A O     1 
HETATM 687 O  O     . HOH J 5 .  ? -6.056  1.409   7.681   1.00 21.20 ? 240 HOH A O     1 
HETATM 688 O  O     . HOH J 5 .  ? -16.864 0.084   1.917   1.00 17.54 ? 241 HOH A O     1 
HETATM 689 O  O     . HOH J 5 .  ? -10.032 1.788   2.001   1.00 16.71 ? 242 HOH A O     1 
HETATM 690 O  O     . HOH J 5 .  ? -8.960  1.526   7.756   1.00 36.17 ? 243 HOH A O     1 
HETATM 691 O  O     . HOH J 5 .  ? -10.578 1.151   5.001   1.00 30.35 ? 244 HOH A O     1 
HETATM 692 O  O     . HOH J 5 .  ? -10.048 -0.661  8.229   1.00 25.30 ? 245 HOH A O     1 
HETATM 693 O  O     . HOH J 5 .  ? -16.085 1.377   6.905   1.00 33.04 ? 246 HOH A O     1 
HETATM 694 O  O     . HOH J 5 .  ? -13.810 -0.351  4.669   0.50 30.50 ? 247 HOH A O     1 
HETATM 695 O  O     . HOH K 5 .  ? 3.452   4.434   -12.450 1.00 32.16 ? 201 HOH B O     1 
HETATM 696 O  O     . HOH K 5 .  ? 5.804   5.762   -11.467 1.00 38.87 ? 202 HOH B O     1 
HETATM 697 O  O     . HOH K 5 .  ? 10.666  2.294   -8.372  1.00 27.93 ? 203 HOH B O     1 
HETATM 698 O  O     . HOH K 5 .  ? -6.165  5.598   -10.877 1.00 35.62 ? 204 HOH B O     1 
HETATM 699 O  O     . HOH K 5 .  ? -0.173  3.922   -9.367  1.00 29.64 ? 205 HOH B O     1 
HETATM 700 O  O     . HOH K 5 .  ? 1.491   -10.887 8.477   1.00 34.11 ? 206 HOH B O     1 
HETATM 701 O  O     . HOH K 5 .  ? 8.102   -8.539  -14.695 1.00 41.94 ? 207 HOH B O     1 
HETATM 702 O  O     . HOH K 5 .  ? 4.339   2.326   -15.727 1.00 31.77 ? 208 HOH B O     1 
HETATM 703 O  O     . HOH K 5 .  ? 18.301  -3.212  3.342   1.00 41.83 ? 209 HOH B O     1 
HETATM 704 O  O     . HOH K 5 .  ? -3.364  -3.262  -8.689  1.00 31.52 ? 210 HOH B O     1 
HETATM 705 O  O     . HOH K 5 .  ? -5.174  6.168   -7.537  1.00 20.09 ? 211 HOH B O     1 
HETATM 706 O  O     . HOH K 5 .  ? 12.813  0.587   5.685   1.00 26.05 ? 212 HOH B O     1 
HETATM 707 O  O     . HOH K 5 .  ? 8.969   2.470   -1.340  1.00 19.02 ? 213 HOH B O     1 
HETATM 708 O  O     . HOH K 5 .  ? 9.023   8.426   -14.364 1.00 35.72 ? 214 HOH B O     1 
HETATM 709 O  O     . HOH K 5 .  ? 8.391   -2.516  -9.667  1.00 37.86 ? 215 HOH B O     1 
HETATM 710 O  O     . HOH K 5 .  ? -4.496  3.711   -14.033 1.00 30.45 ? 216 HOH B O     1 
HETATM 711 O  O     . HOH K 5 .  ? 6.439   -0.095  -12.490 1.00 36.05 ? 217 HOH B O     1 
HETATM 712 O  O     . HOH K 5 .  ? 14.517  -2.437  4.366   1.00 27.75 ? 218 HOH B O     1 
HETATM 713 O  O     . HOH K 5 .  ? -7.889  10.228  -5.742  1.00 21.18 ? 219 HOH B O     1 
HETATM 714 O  O     . HOH K 5 .  ? 7.084   -3.527  -3.138  1.00 18.11 ? 220 HOH B O     1 
HETATM 715 O  O     . HOH K 5 .  ? 12.436  -3.689  0.286   1.00 30.81 ? 221 HOH B O     1 
HETATM 716 O  O     . HOH K 5 .  ? 2.481   -4.120  8.853   1.00 26.52 ? 222 HOH B O     1 
HETATM 717 O  O     . HOH K 5 .  ? 7.783   -3.949  -0.242  1.00 17.83 ? 223 HOH B O     1 
HETATM 718 O  O     . HOH K 5 .  ? 13.383  -4.959  5.406   1.00 31.16 ? 224 HOH B O     1 
HETATM 719 O  O     . HOH K 5 .  ? 5.572   -5.571  -4.269  1.00 19.24 ? 225 HOH B O     1 
HETATM 720 O  O     . HOH K 5 .  ? -4.206  -2.222  -6.838  1.00 31.52 ? 226 HOH B O     1 
HETATM 721 O  O     . HOH K 5 .  ? 6.892   -6.623  -1.003  1.00 24.81 ? 227 HOH B O     1 
HETATM 722 O  O     . HOH K 5 .  ? 4.200   -2.596  -11.461 1.00 31.85 ? 228 HOH B O     1 
HETATM 723 O  O     . HOH K 5 .  ? 7.711   -8.670  4.861   1.00 35.19 ? 229 HOH B O     1 
HETATM 724 O  O     . HOH K 5 .  ? 8.900   0.051   -0.241  1.00 21.46 ? 230 HOH B O     1 
HETATM 725 O  O     . HOH K 5 .  ? -0.126  -9.961  -8.774  1.00 31.76 ? 231 HOH B O     1 
HETATM 726 O  O     . HOH K 5 .  ? 1.642   -2.226  -13.860 1.00 42.41 ? 232 HOH B O     1 
HETATM 727 O  O     . HOH K 5 .  ? -2.597  5.388   -8.396  1.00 17.55 ? 233 HOH B O     1 
HETATM 728 O  O     . HOH K 5 .  ? -1.000  -3.439  -12.344 1.00 37.48 ? 234 HOH B O     1 
HETATM 729 O  O     . HOH K 5 .  ? 6.868   -5.892  -10.363 1.00 34.02 ? 235 HOH B O     1 
HETATM 730 O  O     . HOH K 5 .  ? -2.133  -7.644  7.450   1.00 41.44 ? 236 HOH B O     1 
HETATM 731 O  O     . HOH K 5 .  ? 9.505   1.066   -13.763 1.00 24.09 ? 237 HOH B O     1 
HETATM 732 O  O     . HOH K 5 .  ? -3.863  -9.672  -1.153  1.00 35.96 ? 238 HOH B O     1 
HETATM 733 O  O     . HOH K 5 .  ? 21.902  -0.722  0.769   1.00 40.43 ? 239 HOH B O     1 
HETATM 734 O  O     . HOH K 5 .  ? -7.413  -0.489  -5.701  1.00 24.94 ? 240 HOH B O     1 
HETATM 735 O  O     . HOH K 5 .  ? -2.974  8.654   -9.586  1.00 29.97 ? 241 HOH B O     1 
HETATM 736 O  O     . HOH K 5 .  ? 9.060   -5.805  1.364   1.00 32.39 ? 242 HOH B O     1 
HETATM 737 O  O     . HOH K 5 .  ? 6.809   -7.715  -4.945  1.00 28.74 ? 243 HOH B O     1 
HETATM 738 O  O     . HOH K 5 .  ? 5.774   -3.517  -6.558  1.00 19.54 ? 244 HOH B O     1 
HETATM 739 O  O     . HOH K 5 .  ? 9.817   -2.488  -1.477  1.00 30.55 ? 245 HOH B O     1 
HETATM 740 O  O     . HOH K 5 .  ? 10.366  -3.182  -7.873  1.00 32.32 ? 246 HOH B O     1 
HETATM 741 O  O     . HOH K 5 .  ? 7.341   -8.234  0.977   1.00 34.65 ? 247 HOH B O     1 
HETATM 742 O  O     . HOH K 5 .  ? 9.755   -9.051  6.702   1.00 39.75 ? 248 HOH B O     1 
# 
loop_
_pdbx_poly_seq_scheme.asym_id 
_pdbx_poly_seq_scheme.entity_id 
_pdbx_poly_seq_scheme.seq_id 
_pdbx_poly_seq_scheme.mon_id 
_pdbx_poly_seq_scheme.ndb_seq_num 
_pdbx_poly_seq_scheme.pdb_seq_num 
_pdbx_poly_seq_scheme.auth_seq_num 
_pdbx_poly_seq_scheme.pdb_mon_id 
_pdbx_poly_seq_scheme.auth_mon_id 
_pdbx_poly_seq_scheme.pdb_strand_id 
_pdbx_poly_seq_scheme.pdb_ins_code 
_pdbx_poly_seq_scheme.hetero 
A 1 1  DG  1  1  1  DG  DG  A . n 
A 1 2  DG  2  2  2  DG  DG  A . n 
A 1 3  DC  3  3  3  DC  DC  A . n 
A 1 4  BRU 4  4  4  BRU BRU A . n 
A 1 5  DC  5  5  5  DC  DC  A . n 
A 1 6  DG  6  6  6  DG  DG  A . n 
A 1 7  DG  7  7  7  DG  DG  A . n 
A 1 8  DC  8  8  8  DC  DC  A . n 
A 1 9  DG  9  9  9  DG  DG  A . n 
A 1 10 DG  10 10 10 DG  DG  A . n 
A 1 11 DC  11 11 11 DC  DC  A . n 
A 1 12 DG  12 12 12 DG  DG  A . n 
A 1 13 DG  13 13 13 DG  DG  A . n 
A 1 14 DA  14 14 14 DA  DA  A . n 
B 1 1  DG  1  1  1  DG  DG  B . n 
B 1 2  DG  2  2  2  DG  DG  B . n 
B 1 3  DC  3  3  3  DC  DC  B . n 
B 1 4  BRU 4  4  4  BRU BRU B . n 
B 1 5  DC  5  5  5  DC  DC  B . n 
B 1 6  DG  6  6  6  DG  DG  B . n 
B 1 7  DG  7  7  7  DG  DG  B . n 
B 1 8  DC  8  8  8  DC  DC  B . n 
B 1 9  DG  9  9  9  DG  DG  B . n 
B 1 10 DG  10 10 10 DG  DG  B . n 
B 1 11 DC  11 11 11 DC  DC  B . n 
B 1 12 DG  12 12 12 DG  DG  B . n 
B 1 13 DG  13 13 13 DG  DG  B . n 
B 1 14 DA  14 14 14 DA  DA  B . n 
# 
loop_
_pdbx_nonpoly_scheme.asym_id 
_pdbx_nonpoly_scheme.entity_id 
_pdbx_nonpoly_scheme.mon_id 
_pdbx_nonpoly_scheme.ndb_seq_num 
_pdbx_nonpoly_scheme.pdb_seq_num 
_pdbx_nonpoly_scheme.auth_seq_num 
_pdbx_nonpoly_scheme.pdb_mon_id 
_pdbx_nonpoly_scheme.auth_mon_id 
_pdbx_nonpoly_scheme.pdb_strand_id 
_pdbx_nonpoly_scheme.pdb_ins_code 
C 2 K   1  101 1  K   K   A . 
D 2 K   1  102 2  K   K   A . 
E 2 K   1  103 3  K   K   A . 
F 3 NCO 1  104 1  NCO NCO A . 
G 4 NA  1  105 1  NA  NA  A . 
H 3 NCO 1  101 2  NCO NCO B . 
I 3 NCO 1  102 3  NCO NCO B . 
J 5 HOH 1  201 20 HOH HOH A . 
J 5 HOH 2  202 45 HOH HOH A . 
J 5 HOH 3  203 50 HOH HOH A . 
J 5 HOH 4  204 22 HOH HOH A . 
J 5 HOH 5  205 57 HOH HOH A . 
J 5 HOH 6  206 5  HOH HOH A . 
J 5 HOH 7  207 27 HOH HOH A . 
J 5 HOH 8  208 37 HOH HOH A . 
J 5 HOH 9  209 17 HOH HOH A . 
J 5 HOH 10 210 74 HOH HOH A . 
J 5 HOH 11 211 1  HOH HOH A . 
J 5 HOH 12 212 52 HOH HOH A . 
J 5 HOH 13 213 83 HOH HOH A . 
J 5 HOH 14 214 3  HOH HOH A . 
J 5 HOH 15 215 65 HOH HOH A . 
J 5 HOH 16 216 93 HOH HOH A . 
J 5 HOH 17 217 58 HOH HOH A . 
J 5 HOH 18 218 32 HOH HOH A . 
J 5 HOH 19 219 30 HOH HOH A . 
J 5 HOH 20 220 88 HOH HOH A . 
J 5 HOH 21 221 75 HOH HOH A . 
J 5 HOH 22 222 10 HOH HOH A . 
J 5 HOH 23 223 35 HOH HOH A . 
J 5 HOH 24 224 47 HOH HOH A . 
J 5 HOH 25 225 48 HOH HOH A . 
J 5 HOH 26 226 29 HOH HOH A . 
J 5 HOH 27 227 41 HOH HOH A . 
J 5 HOH 28 228 18 HOH HOH A . 
J 5 HOH 29 229 25 HOH HOH A . 
J 5 HOH 30 230 33 HOH HOH A . 
J 5 HOH 31 231 28 HOH HOH A . 
J 5 HOH 32 232 62 HOH HOH A . 
J 5 HOH 33 233 7  HOH HOH A . 
J 5 HOH 34 234 78 HOH HOH A . 
J 5 HOH 35 235 91 HOH HOH A . 
J 5 HOH 36 236 31 HOH HOH A . 
J 5 HOH 37 237 81 HOH HOH A . 
J 5 HOH 38 238 21 HOH HOH A . 
J 5 HOH 39 239 2  HOH HOH A . 
J 5 HOH 40 240 24 HOH HOH A . 
J 5 HOH 41 241 15 HOH HOH A . 
J 5 HOH 42 242 8  HOH HOH A . 
J 5 HOH 43 243 68 HOH HOH A . 
J 5 HOH 44 244 44 HOH HOH A . 
J 5 HOH 45 245 63 HOH HOH A . 
J 5 HOH 46 246 72 HOH HOH A . 
J 5 HOH 47 247 92 HOH HOH A . 
K 5 HOH 1  201 84 HOH HOH B . 
K 5 HOH 2  202 76 HOH HOH B . 
K 5 HOH 3  203 42 HOH HOH B . 
K 5 HOH 4  204 55 HOH HOH B . 
K 5 HOH 5  205 39 HOH HOH B . 
K 5 HOH 6  206 80 HOH HOH B . 
K 5 HOH 7  207 36 HOH HOH B . 
K 5 HOH 8  208 56 HOH HOH B . 
K 5 HOH 9  209 79 HOH HOH B . 
K 5 HOH 10 210 85 HOH HOH B . 
K 5 HOH 11 211 4  HOH HOH B . 
K 5 HOH 12 212 38 HOH HOH B . 
K 5 HOH 13 213 9  HOH HOH B . 
K 5 HOH 14 214 6  HOH HOH B . 
K 5 HOH 15 215 73 HOH HOH B . 
K 5 HOH 16 216 64 HOH HOH B . 
K 5 HOH 17 217 94 HOH HOH B . 
K 5 HOH 18 218 40 HOH HOH B . 
K 5 HOH 19 219 13 HOH HOH B . 
K 5 HOH 20 220 14 HOH HOH B . 
K 5 HOH 21 221 43 HOH HOH B . 
K 5 HOH 22 222 34 HOH HOH B . 
K 5 HOH 23 223 12 HOH HOH B . 
K 5 HOH 24 224 53 HOH HOH B . 
K 5 HOH 25 225 11 HOH HOH B . 
K 5 HOH 26 226 51 HOH HOH B . 
K 5 HOH 27 227 19 HOH HOH B . 
K 5 HOH 28 228 67 HOH HOH B . 
K 5 HOH 29 229 61 HOH HOH B . 
K 5 HOH 30 230 26 HOH HOH B . 
K 5 HOH 31 231 59 HOH HOH B . 
K 5 HOH 32 232 77 HOH HOH B . 
K 5 HOH 33 233 16 HOH HOH B . 
K 5 HOH 34 234 87 HOH HOH B . 
K 5 HOH 35 235 89 HOH HOH B . 
K 5 HOH 36 236 60 HOH HOH B . 
K 5 HOH 37 237 82 HOH HOH B . 
K 5 HOH 38 238 95 HOH HOH B . 
K 5 HOH 39 239 66 HOH HOH B . 
K 5 HOH 40 240 70 HOH HOH B . 
K 5 HOH 41 241 54 HOH HOH B . 
K 5 HOH 42 242 86 HOH HOH B . 
K 5 HOH 43 243 46 HOH HOH B . 
K 5 HOH 44 244 69 HOH HOH B . 
K 5 HOH 45 245 23 HOH HOH B . 
K 5 HOH 46 246 71 HOH HOH B . 
K 5 HOH 47 247 49 HOH HOH B . 
K 5 HOH 48 248 90 HOH HOH B . 
# 
_pdbx_struct_assembly.id                   1 
_pdbx_struct_assembly.details              author_and_software_defined_assembly 
_pdbx_struct_assembly.method_details       PISA 
_pdbx_struct_assembly.oligomeric_details   dimeric 
_pdbx_struct_assembly.oligomeric_count     2 
# 
_pdbx_struct_assembly_gen.assembly_id       1 
_pdbx_struct_assembly_gen.oper_expression   1 
_pdbx_struct_assembly_gen.asym_id_list      A,B,C,D,E,F,G,H,I,J,K 
# 
loop_
_pdbx_struct_assembly_prop.biol_id 
_pdbx_struct_assembly_prop.type 
_pdbx_struct_assembly_prop.value 
_pdbx_struct_assembly_prop.details 
1 'ABSA (A^2)' 2520 ? 
1 MORE         -0   ? 
1 'SSA (A^2)'  5190 ? 
# 
_pdbx_struct_oper_list.id                   1 
_pdbx_struct_oper_list.type                 'identity operation' 
_pdbx_struct_oper_list.name                 1_555 
_pdbx_struct_oper_list.symmetry_operation   x,y,z 
_pdbx_struct_oper_list.matrix[1][1]         1.0000000000 
_pdbx_struct_oper_list.matrix[1][2]         0.0000000000 
_pdbx_struct_oper_list.matrix[1][3]         0.0000000000 
_pdbx_struct_oper_list.vector[1]            0.0000000000 
_pdbx_struct_oper_list.matrix[2][1]         0.0000000000 
_pdbx_struct_oper_list.matrix[2][2]         1.0000000000 
_pdbx_struct_oper_list.matrix[2][3]         0.0000000000 
_pdbx_struct_oper_list.vector[2]            0.0000000000 
_pdbx_struct_oper_list.matrix[3][1]         0.0000000000 
_pdbx_struct_oper_list.matrix[3][2]         0.0000000000 
_pdbx_struct_oper_list.matrix[3][3]         1.0000000000 
_pdbx_struct_oper_list.vector[3]            0.0000000000 
# 
_pdbx_struct_special_symmetry.id              1 
_pdbx_struct_special_symmetry.PDB_model_num   1 
_pdbx_struct_special_symmetry.auth_asym_id    A 
_pdbx_struct_special_symmetry.auth_comp_id    HOH 
_pdbx_struct_special_symmetry.auth_seq_id     247 
_pdbx_struct_special_symmetry.PDB_ins_code    ? 
_pdbx_struct_special_symmetry.label_asym_id   J 
_pdbx_struct_special_symmetry.label_comp_id   HOH 
_pdbx_struct_special_symmetry.label_seq_id    . 
# 
loop_
_pdbx_struct_conn_angle.id 
_pdbx_struct_conn_angle.ptnr1_label_atom_id 
_pdbx_struct_conn_angle.ptnr1_label_alt_id 
_pdbx_struct_conn_angle.ptnr1_label_asym_id 
_pdbx_struct_conn_angle.ptnr1_label_comp_id 
_pdbx_struct_conn_angle.ptnr1_label_seq_id 
_pdbx_struct_conn_angle.ptnr1_auth_atom_id 
_pdbx_struct_conn_angle.ptnr1_auth_asym_id 
_pdbx_struct_conn_angle.ptnr1_auth_comp_id 
_pdbx_struct_conn_angle.ptnr1_auth_seq_id 
_pdbx_struct_conn_angle.ptnr1_PDB_ins_code 
_pdbx_struct_conn_angle.ptnr1_symmetry 
_pdbx_struct_conn_angle.ptnr2_label_atom_id 
_pdbx_struct_conn_angle.ptnr2_label_alt_id 
_pdbx_struct_conn_angle.ptnr2_label_asym_id 
_pdbx_struct_conn_angle.ptnr2_label_comp_id 
_pdbx_struct_conn_angle.ptnr2_label_seq_id 
_pdbx_struct_conn_angle.ptnr2_auth_atom_id 
_pdbx_struct_conn_angle.ptnr2_auth_asym_id 
_pdbx_struct_conn_angle.ptnr2_auth_comp_id 
_pdbx_struct_conn_angle.ptnr2_auth_seq_id 
_pdbx_struct_conn_angle.ptnr2_PDB_ins_code 
_pdbx_struct_conn_angle.ptnr2_symmetry 
_pdbx_struct_conn_angle.ptnr3_label_atom_id 
_pdbx_struct_conn_angle.ptnr3_label_alt_id 
_pdbx_struct_conn_angle.ptnr3_label_asym_id 
_pdbx_struct_conn_angle.ptnr3_label_comp_id 
_pdbx_struct_conn_angle.ptnr3_label_seq_id 
_pdbx_struct_conn_angle.ptnr3_auth_atom_id 
_pdbx_struct_conn_angle.ptnr3_auth_asym_id 
_pdbx_struct_conn_angle.ptnr3_auth_comp_id 
_pdbx_struct_conn_angle.ptnr3_auth_seq_id 
_pdbx_struct_conn_angle.ptnr3_PDB_ins_code 
_pdbx_struct_conn_angle.ptnr3_symmetry 
_pdbx_struct_conn_angle.value 
_pdbx_struct_conn_angle.value_esd 
1  O6 ? A DG 1  ? A DG 1  ? 1_555 K  ? C K  . ? A K  101 ? 1_555 O6 ? A DG 2  ? A DG 2  ? 1_555 70.0  ? 
2  O6 ? A DG 1  ? A DG 1  ? 1_555 K  ? C K  . ? A K  101 ? 1_555 O6 ? A DG 6  ? A DG 6  ? 1_555 98.7  ? 
3  O6 ? A DG 2  ? A DG 2  ? 1_555 K  ? C K  . ? A K  101 ? 1_555 O6 ? A DG 6  ? A DG 6  ? 1_555 75.3  ? 
4  O6 ? A DG 1  ? A DG 1  ? 1_555 K  ? C K  . ? A K  101 ? 1_555 O6 ? A DG 7  ? A DG 7  ? 1_555 67.9  ? 
5  O6 ? A DG 2  ? A DG 2  ? 1_555 K  ? C K  . ? A K  101 ? 1_555 O6 ? A DG 7  ? A DG 7  ? 1_555 120.0 ? 
6  O6 ? A DG 6  ? A DG 6  ? 1_555 K  ? C K  . ? A K  101 ? 1_555 O6 ? A DG 7  ? A DG 7  ? 1_555 71.2  ? 
7  O6 ? A DG 1  ? A DG 1  ? 1_555 K  ? C K  . ? A K  101 ? 1_555 O6 ? B DG 1  ? B DG 1  ? 1_555 101.5 ? 
8  O6 ? A DG 2  ? A DG 2  ? 1_555 K  ? C K  . ? A K  101 ? 1_555 O6 ? B DG 1  ? B DG 1  ? 1_555 162.8 ? 
9  O6 ? A DG 6  ? A DG 6  ? 1_555 K  ? C K  . ? A K  101 ? 1_555 O6 ? B DG 1  ? B DG 1  ? 1_555 121.6 ? 
10 O6 ? A DG 7  ? A DG 7  ? 1_555 K  ? C K  . ? A K  101 ? 1_555 O6 ? B DG 1  ? B DG 1  ? 1_555 67.2  ? 
11 O6 ? A DG 1  ? A DG 1  ? 1_555 K  ? C K  . ? A K  101 ? 1_555 O6 ? B DG 2  ? B DG 2  ? 1_555 163.7 ? 
12 O6 ? A DG 2  ? A DG 2  ? 1_555 K  ? C K  . ? A K  101 ? 1_555 O6 ? B DG 2  ? B DG 2  ? 1_555 122.0 ? 
13 O6 ? A DG 6  ? A DG 6  ? 1_555 K  ? C K  . ? A K  101 ? 1_555 O6 ? B DG 2  ? B DG 2  ? 1_555 75.8  ? 
14 O6 ? A DG 7  ? A DG 7  ? 1_555 K  ? C K  . ? A K  101 ? 1_555 O6 ? B DG 2  ? B DG 2  ? 1_555 95.8  ? 
15 O6 ? B DG 1  ? B DG 1  ? 1_555 K  ? C K  . ? A K  101 ? 1_555 O6 ? B DG 2  ? B DG 2  ? 1_555 69.8  ? 
16 O6 ? A DG 1  ? A DG 1  ? 1_555 K  ? C K  . ? A K  101 ? 1_555 O6 ? B DG 6  ? B DG 6  ? 1_555 118.6 ? 
17 O6 ? A DG 2  ? A DG 2  ? 1_555 K  ? C K  . ? A K  101 ? 1_555 O6 ? B DG 6  ? B DG 6  ? 1_555 77.8  ? 
18 O6 ? A DG 6  ? A DG 6  ? 1_555 K  ? C K  . ? A K  101 ? 1_555 O6 ? B DG 6  ? B DG 6  ? 1_555 121.9 ? 
19 O6 ? A DG 7  ? A DG 7  ? 1_555 K  ? C K  . ? A K  101 ? 1_555 O6 ? B DG 6  ? B DG 6  ? 1_555 161.4 ? 
20 O6 ? B DG 1  ? B DG 1  ? 1_555 K  ? C K  . ? A K  101 ? 1_555 O6 ? B DG 6  ? B DG 6  ? 1_555 94.3  ? 
21 O6 ? B DG 2  ? B DG 2  ? 1_555 K  ? C K  . ? A K  101 ? 1_555 O6 ? B DG 6  ? B DG 6  ? 1_555 76.6  ? 
22 O6 ? A DG 1  ? A DG 1  ? 1_555 K  ? C K  . ? A K  101 ? 1_555 O6 ? B DG 7  ? B DG 7  ? 1_555 65.7  ? 
23 O6 ? A DG 2  ? A DG 2  ? 1_555 K  ? C K  . ? A K  101 ? 1_555 O6 ? B DG 7  ? B DG 7  ? 1_555 97.0  ? 
24 O6 ? A DG 6  ? A DG 6  ? 1_555 K  ? C K  . ? A K  101 ? 1_555 O6 ? B DG 7  ? B DG 7  ? 1_555 164.4 ? 
25 O6 ? A DG 7  ? A DG 7  ? 1_555 K  ? C K  . ? A K  101 ? 1_555 O6 ? B DG 7  ? B DG 7  ? 1_555 102.3 ? 
26 O6 ? B DG 1  ? B DG 1  ? 1_555 K  ? C K  . ? A K  101 ? 1_555 O6 ? B DG 7  ? B DG 7  ? 1_555 65.8  ? 
27 O6 ? B DG 2  ? B DG 2  ? 1_555 K  ? C K  . ? A K  101 ? 1_555 O6 ? B DG 7  ? B DG 7  ? 1_555 119.5 ? 
28 O6 ? B DG 6  ? B DG 6  ? 1_555 K  ? C K  . ? A K  101 ? 1_555 O6 ? B DG 7  ? B DG 7  ? 1_555 68.2  ? 
29 O6 ? A DG 1  ? A DG 1  ? 1_555 K  ? D K  . ? A K  102 ? 1_555 O6 ? A DG 7  ? A DG 7  ? 1_555 68.7  ? 
30 O6 ? A DG 1  ? A DG 1  ? 1_555 K  ? D K  . ? A K  102 ? 1_555 O6 ? A DG 9  ? A DG 9  ? 1_555 81.7  ? 
31 O6 ? A DG 7  ? A DG 7  ? 1_555 K  ? D K  . ? A K  102 ? 1_555 O6 ? A DG 9  ? A DG 9  ? 1_555 88.2  ? 
32 O6 ? A DG 1  ? A DG 1  ? 1_555 K  ? D K  . ? A K  102 ? 1_555 O6 ? A DG 12 ? A DG 12 ? 1_555 89.5  ? 
33 O6 ? A DG 7  ? A DG 7  ? 1_555 K  ? D K  . ? A K  102 ? 1_555 O6 ? A DG 12 ? A DG 12 ? 1_555 151.1 ? 
34 O6 ? A DG 9  ? A DG 9  ? 1_555 K  ? D K  . ? A K  102 ? 1_555 O6 ? A DG 12 ? A DG 12 ? 1_555 69.5  ? 
35 O6 ? A DG 1  ? A DG 1  ? 1_555 K  ? D K  . ? A K  102 ? 1_555 O6 ? B DG 1  ? B DG 1  ? 1_555 105.2 ? 
36 O6 ? A DG 7  ? A DG 7  ? 1_555 K  ? D K  . ? A K  102 ? 1_555 O6 ? B DG 1  ? B DG 1  ? 1_555 67.8  ? 
37 O6 ? A DG 9  ? A DG 9  ? 1_555 K  ? D K  . ? A K  102 ? 1_555 O6 ? B DG 1  ? B DG 1  ? 1_555 149.3 ? 
38 O6 ? A DG 12 ? A DG 12 ? 1_555 K  ? D K  . ? A K  102 ? 1_555 O6 ? B DG 1  ? B DG 1  ? 1_555 139.0 ? 
39 O6 ? A DG 1  ? A DG 1  ? 1_555 K  ? D K  . ? A K  102 ? 1_555 O6 ? B DG 7  ? B DG 7  ? 1_555 69.3  ? 
40 O6 ? A DG 7  ? A DG 7  ? 1_555 K  ? D K  . ? A K  102 ? 1_555 O6 ? B DG 7  ? B DG 7  ? 1_555 106.7 ? 
41 O6 ? A DG 9  ? A DG 9  ? 1_555 K  ? D K  . ? A K  102 ? 1_555 O6 ? B DG 7  ? B DG 7  ? 1_555 138.9 ? 
42 O6 ? A DG 12 ? A DG 12 ? 1_555 K  ? D K  . ? A K  102 ? 1_555 O6 ? B DG 7  ? B DG 7  ? 1_555 81.4  ? 
43 O6 ? B DG 1  ? B DG 1  ? 1_555 K  ? D K  . ? A K  102 ? 1_555 O6 ? B DG 7  ? B DG 7  ? 1_555 69.2  ? 
44 O6 ? A DG 1  ? A DG 1  ? 1_555 K  ? D K  . ? A K  102 ? 1_555 O6 ? B DG 9  ? B DG 9  ? 1_555 149.4 ? 
45 O6 ? A DG 7  ? A DG 7  ? 1_555 K  ? D K  . ? A K  102 ? 1_555 O6 ? B DG 9  ? B DG 9  ? 1_555 138.6 ? 
46 O6 ? A DG 9  ? A DG 9  ? 1_555 K  ? D K  . ? A K  102 ? 1_555 O6 ? B DG 9  ? B DG 9  ? 1_555 108.0 ? 
47 O6 ? A DG 12 ? A DG 12 ? 1_555 K  ? D K  . ? A K  102 ? 1_555 O6 ? B DG 9  ? B DG 9  ? 1_555 68.4  ? 
48 O6 ? B DG 1  ? B DG 1  ? 1_555 K  ? D K  . ? A K  102 ? 1_555 O6 ? B DG 9  ? B DG 9  ? 1_555 81.4  ? 
49 O6 ? B DG 7  ? B DG 7  ? 1_555 K  ? D K  . ? A K  102 ? 1_555 O6 ? B DG 9  ? B DG 9  ? 1_555 86.1  ? 
50 O6 ? A DG 1  ? A DG 1  ? 1_555 K  ? D K  . ? A K  102 ? 1_555 O6 ? B DG 12 ? B DG 12 ? 1_555 140.0 ? 
51 O6 ? A DG 7  ? A DG 7  ? 1_555 K  ? D K  . ? A K  102 ? 1_555 O6 ? B DG 12 ? B DG 12 ? 1_555 82.9  ? 
52 O6 ? A DG 9  ? A DG 9  ? 1_555 K  ? D K  . ? A K  102 ? 1_555 O6 ? B DG 12 ? B DG 12 ? 1_555 69.4  ? 
53 O6 ? A DG 12 ? A DG 12 ? 1_555 K  ? D K  . ? A K  102 ? 1_555 O6 ? B DG 12 ? B DG 12 ? 1_555 104.8 ? 
54 O6 ? B DG 1  ? B DG 1  ? 1_555 K  ? D K  . ? A K  102 ? 1_555 O6 ? B DG 12 ? B DG 12 ? 1_555 88.3  ? 
55 O6 ? B DG 7  ? B DG 7  ? 1_555 K  ? D K  . ? A K  102 ? 1_555 O6 ? B DG 12 ? B DG 12 ? 1_555 148.7 ? 
56 O6 ? B DG 9  ? B DG 9  ? 1_555 K  ? D K  . ? A K  102 ? 1_555 O6 ? B DG 12 ? B DG 12 ? 1_555 68.7  ? 
57 O6 ? A DG 9  ? A DG 9  ? 1_555 K  ? E K  . ? A K  103 ? 1_555 O6 ? A DG 10 ? A DG 10 ? 1_555 78.1  ? 
58 O6 ? A DG 9  ? A DG 9  ? 1_555 K  ? E K  . ? A K  103 ? 1_555 O6 ? A DG 12 ? A DG 12 ? 1_555 67.4  ? 
59 O6 ? A DG 10 ? A DG 10 ? 1_555 K  ? E K  . ? A K  103 ? 1_555 O6 ? A DG 12 ? A DG 12 ? 1_555 87.4  ? 
60 O6 ? A DG 9  ? A DG 9  ? 1_555 K  ? E K  . ? A K  103 ? 1_555 O6 ? A DG 13 ? A DG 13 ? 1_555 137.5 ? 
61 O6 ? A DG 10 ? A DG 10 ? 1_555 K  ? E K  . ? A K  103 ? 1_555 O6 ? A DG 13 ? A DG 13 ? 1_555 72.7  ? 
62 O6 ? A DG 12 ? A DG 12 ? 1_555 K  ? E K  . ? A K  103 ? 1_555 O6 ? A DG 13 ? A DG 13 ? 1_555 80.9  ? 
63 O6 ? A DG 9  ? A DG 9  ? 1_555 K  ? E K  . ? A K  103 ? 1_555 O6 ? B DG 9  ? B DG 9  ? 1_555 102.3 ? 
64 O6 ? A DG 10 ? A DG 10 ? 1_555 K  ? E K  . ? A K  103 ? 1_555 O6 ? B DG 9  ? B DG 9  ? 1_555 151.5 ? 
65 O6 ? A DG 12 ? A DG 12 ? 1_555 K  ? E K  . ? A K  103 ? 1_555 O6 ? B DG 9  ? B DG 9  ? 1_555 67.2  ? 
66 O6 ? A DG 13 ? A DG 13 ? 1_555 K  ? E K  . ? A K  103 ? 1_555 O6 ? B DG 9  ? B DG 9  ? 1_555 89.9  ? 
67 O6 ? A DG 9  ? A DG 9  ? 1_555 K  ? E K  . ? A K  103 ? 1_555 O6 ? B DG 10 ? B DG 10 ? 1_555 151.2 ? 
68 O6 ? A DG 10 ? A DG 10 ? 1_555 K  ? E K  . ? A K  103 ? 1_555 O6 ? B DG 10 ? B DG 10 ? 1_555 114.7 ? 
69 O6 ? A DG 12 ? A DG 12 ? 1_555 K  ? E K  . ? A K  103 ? 1_555 O6 ? B DG 10 ? B DG 10 ? 1_555 135.4 ? 
70 O6 ? A DG 13 ? A DG 13 ? 1_555 K  ? E K  . ? A K  103 ? 1_555 O6 ? B DG 10 ? B DG 10 ? 1_555 70.8  ? 
71 O6 ? B DG 9  ? B DG 9  ? 1_555 K  ? E K  . ? A K  103 ? 1_555 O6 ? B DG 10 ? B DG 10 ? 1_555 78.7  ? 
72 O6 ? A DG 9  ? A DG 9  ? 1_555 K  ? E K  . ? A K  103 ? 1_555 O6 ? B DG 12 ? B DG 12 ? 1_555 66.8  ? 
73 O6 ? A DG 10 ? A DG 10 ? 1_555 K  ? E K  . ? A K  103 ? 1_555 O6 ? B DG 12 ? B DG 12 ? 1_555 134.9 ? 
74 O6 ? A DG 12 ? A DG 12 ? 1_555 K  ? E K  . ? A K  103 ? 1_555 O6 ? B DG 12 ? B DG 12 ? 1_555 103.4 ? 
75 O6 ? A DG 13 ? A DG 13 ? 1_555 K  ? E K  . ? A K  103 ? 1_555 O6 ? B DG 12 ? B DG 12 ? 1_555 151.6 ? 
76 O6 ? B DG 9  ? B DG 9  ? 1_555 K  ? E K  . ? A K  103 ? 1_555 O6 ? B DG 12 ? B DG 12 ? 1_555 67.1  ? 
77 O6 ? B DG 10 ? B DG 10 ? 1_555 K  ? E K  . ? A K  103 ? 1_555 O6 ? B DG 12 ? B DG 12 ? 1_555 88.0  ? 
78 O6 ? A DG 9  ? A DG 9  ? 1_555 K  ? E K  . ? A K  103 ? 1_555 O6 ? B DG 13 ? B DG 13 ? 1_555 88.9  ? 
79 O6 ? A DG 10 ? A DG 10 ? 1_555 K  ? E K  . ? A K  103 ? 1_555 O6 ? B DG 13 ? B DG 13 ? 1_555 71.7  ? 
80 O6 ? A DG 12 ? A DG 12 ? 1_555 K  ? E K  . ? A K  103 ? 1_555 O6 ? B DG 13 ? B DG 13 ? 1_555 151.5 ? 
81 O6 ? A DG 13 ? A DG 13 ? 1_555 K  ? E K  . ? A K  103 ? 1_555 O6 ? B DG 13 ? B DG 13 ? 1_555 109.8 ? 
82 O6 ? B DG 9  ? B DG 9  ? 1_555 K  ? E K  . ? A K  103 ? 1_555 O6 ? B DG 13 ? B DG 13 ? 1_555 136.6 ? 
83 O6 ? B DG 10 ? B DG 10 ? 1_555 K  ? E K  . ? A K  103 ? 1_555 O6 ? B DG 13 ? B DG 13 ? 1_555 72.5  ? 
84 O6 ? B DG 12 ? B DG 12 ? 1_555 K  ? E K  . ? A K  103 ? 1_555 O6 ? B DG 13 ? B DG 13 ? 1_555 79.9  ? 
85 O6 ? A DG 10 ? A DG 10 ? 1_555 NA ? G NA . ? A NA 105 ? 1_555 O6 ? A DG 13 ? A DG 13 ? 1_555 66.4  ? 
86 O6 ? A DG 10 ? A DG 10 ? 1_555 NA ? G NA . ? A NA 105 ? 1_555 O6 ? B DG 10 ? B DG 10 ? 1_555 101.0 ? 
87 O6 ? A DG 13 ? A DG 13 ? 1_555 NA ? G NA . ? A NA 105 ? 1_555 O6 ? B DG 10 ? B DG 10 ? 1_555 65.7  ? 
88 O6 ? A DG 10 ? A DG 10 ? 1_555 NA ? G NA . ? A NA 105 ? 1_555 O6 ? B DG 13 ? B DG 13 ? 1_555 64.6  ? 
89 O6 ? A DG 13 ? A DG 13 ? 1_555 NA ? G NA . ? A NA 105 ? 1_555 O6 ? B DG 13 ? B DG 13 ? 1_555 99.6  ? 
90 O6 ? B DG 10 ? B DG 10 ? 1_555 NA ? G NA . ? A NA 105 ? 1_555 O6 ? B DG 13 ? B DG 13 ? 1_555 66.3  ? 
# 
loop_
_pdbx_audit_revision_history.ordinal 
_pdbx_audit_revision_history.data_content_type 
_pdbx_audit_revision_history.major_revision 
_pdbx_audit_revision_history.minor_revision 
_pdbx_audit_revision_history.revision_date 
1 'Structure model' 1 0 2020-02-26 
2 'Structure model' 1 1 2023-11-22 
# 
_pdbx_audit_revision_details.ordinal             1 
_pdbx_audit_revision_details.revision_ordinal    1 
_pdbx_audit_revision_details.data_content_type   'Structure model' 
_pdbx_audit_revision_details.provider            repository 
_pdbx_audit_revision_details.type                'Initial release' 
_pdbx_audit_revision_details.description         ? 
_pdbx_audit_revision_details.details             ? 
# 
loop_
_pdbx_audit_revision_group.ordinal 
_pdbx_audit_revision_group.revision_ordinal 
_pdbx_audit_revision_group.data_content_type 
_pdbx_audit_revision_group.group 
1 2 'Structure model' 'Data collection'        
2 2 'Structure model' 'Database references'    
3 2 'Structure model' 'Derived calculations'   
4 2 'Structure model' 'Refinement description' 
# 
loop_
_pdbx_audit_revision_category.ordinal 
_pdbx_audit_revision_category.revision_ordinal 
_pdbx_audit_revision_category.data_content_type 
_pdbx_audit_revision_category.category 
1 2 'Structure model' chem_comp_atom                
2 2 'Structure model' chem_comp_bond                
3 2 'Structure model' database_2                    
4 2 'Structure model' pdbx_initial_refinement_model 
5 2 'Structure model' pdbx_struct_conn_angle        
6 2 'Structure model' struct_conn                   
7 2 'Structure model' struct_conn_type              
# 
loop_
_pdbx_audit_revision_item.ordinal 
_pdbx_audit_revision_item.revision_ordinal 
_pdbx_audit_revision_item.data_content_type 
_pdbx_audit_revision_item.item 
1  2 'Structure model' '_database_2.pdbx_DOI'                        
2  2 'Structure model' '_database_2.pdbx_database_accession'         
3  2 'Structure model' '_pdbx_struct_conn_angle.ptnr1_auth_seq_id'   
4  2 'Structure model' '_pdbx_struct_conn_angle.ptnr1_label_seq_id'  
5  2 'Structure model' '_pdbx_struct_conn_angle.ptnr2_auth_seq_id'   
6  2 'Structure model' '_pdbx_struct_conn_angle.ptnr2_label_asym_id' 
7  2 'Structure model' '_pdbx_struct_conn_angle.ptnr3_auth_seq_id'   
8  2 'Structure model' '_pdbx_struct_conn_angle.ptnr3_label_seq_id'  
9  2 'Structure model' '_pdbx_struct_conn_angle.value'               
10 2 'Structure model' '_struct_conn.conn_type_id'                   
11 2 'Structure model' '_struct_conn.id'                             
12 2 'Structure model' '_struct_conn.pdbx_dist_value'                
13 2 'Structure model' '_struct_conn.pdbx_leaving_atom_flag'         
14 2 'Structure model' '_struct_conn.ptnr1_auth_asym_id'             
15 2 'Structure model' '_struct_conn.ptnr1_auth_comp_id'             
16 2 'Structure model' '_struct_conn.ptnr1_auth_seq_id'              
17 2 'Structure model' '_struct_conn.ptnr1_label_asym_id'            
18 2 'Structure model' '_struct_conn.ptnr1_label_atom_id'            
19 2 'Structure model' '_struct_conn.ptnr1_label_comp_id'            
20 2 'Structure model' '_struct_conn.ptnr1_label_seq_id'             
21 2 'Structure model' '_struct_conn.ptnr2_auth_asym_id'             
22 2 'Structure model' '_struct_conn.ptnr2_auth_comp_id'             
23 2 'Structure model' '_struct_conn.ptnr2_auth_seq_id'              
24 2 'Structure model' '_struct_conn.ptnr2_label_asym_id'            
25 2 'Structure model' '_struct_conn.ptnr2_label_atom_id'            
26 2 'Structure model' '_struct_conn.ptnr2_label_comp_id'            
27 2 'Structure model' '_struct_conn.ptnr2_label_seq_id'             
28 2 'Structure model' '_struct_conn_type.id'                        
# 
loop_
_software.citation_id 
_software.classification 
_software.compiler_name 
_software.compiler_version 
_software.contact_author 
_software.contact_author_email 
_software.date 
_software.description 
_software.dependencies 
_software.hardware 
_software.language 
_software.location 
_software.mods 
_software.name 
_software.os 
_software.os_version 
_software.type 
_software.version 
_software.pdbx_ordinal 
? refinement        ? ? ? ? ? ? ? ? ? ? ? PHENIX      ? ? ? 1.13_2998 1 
? 'data extraction' ? ? ? ? ? ? ? ? ? ? ? PDB_EXTRACT ? ? ? 3.24      2 
? 'data reduction'  ? ? ? ? ? ? ? ? ? ? ? HKL-3000    ? ? ? .         3 
? 'data scaling'    ? ? ? ? ? ? ? ? ? ? ? HKL-3000    ? ? ? .         4 
? phasing           ? ? ? ? ? ? ? ? ? ? ? PHASER      ? ? ? .         5 
# 
loop_
_pdbx_validate_rmsd_angle.id 
_pdbx_validate_rmsd_angle.PDB_model_num 
_pdbx_validate_rmsd_angle.auth_atom_id_1 
_pdbx_validate_rmsd_angle.auth_asym_id_1 
_pdbx_validate_rmsd_angle.auth_comp_id_1 
_pdbx_validate_rmsd_angle.auth_seq_id_1 
_pdbx_validate_rmsd_angle.PDB_ins_code_1 
_pdbx_validate_rmsd_angle.label_alt_id_1 
_pdbx_validate_rmsd_angle.auth_atom_id_2 
_pdbx_validate_rmsd_angle.auth_asym_id_2 
_pdbx_validate_rmsd_angle.auth_comp_id_2 
_pdbx_validate_rmsd_angle.auth_seq_id_2 
_pdbx_validate_rmsd_angle.PDB_ins_code_2 
_pdbx_validate_rmsd_angle.label_alt_id_2 
_pdbx_validate_rmsd_angle.auth_atom_id_3 
_pdbx_validate_rmsd_angle.auth_asym_id_3 
_pdbx_validate_rmsd_angle.auth_comp_id_3 
_pdbx_validate_rmsd_angle.auth_seq_id_3 
_pdbx_validate_rmsd_angle.PDB_ins_code_3 
_pdbx_validate_rmsd_angle.label_alt_id_3 
_pdbx_validate_rmsd_angle.angle_value 
_pdbx_validate_rmsd_angle.angle_target_value 
_pdbx_validate_rmsd_angle.angle_deviation 
_pdbx_validate_rmsd_angle.angle_standard_deviation 
_pdbx_validate_rmsd_angle.linker_flag 
1 1 "O4'" A DG 7  ? ? "C1'" A DG 7  ? ? N9 A DG 7  ? ? 112.19 108.30 3.89  0.30 N 
2 1 "O4'" A DG 9  ? ? "C1'" A DG 9  ? ? N9 A DG 9  ? ? 110.16 108.30 1.86  0.30 N 
3 1 "O4'" A DG 10 ? ? "C1'" A DG 10 ? ? N9 A DG 10 ? ? 103.63 108.00 -4.37 0.70 N 
4 1 "O4'" B DG 7  ? ? "C1'" B DG 7  ? ? N9 B DG 7  ? ? 112.40 108.30 4.10  0.30 N 
# 
_pdbx_distant_solvent_atoms.id                                1 
_pdbx_distant_solvent_atoms.PDB_model_num                     1 
_pdbx_distant_solvent_atoms.auth_atom_id                      O 
_pdbx_distant_solvent_atoms.label_alt_id                      ? 
_pdbx_distant_solvent_atoms.auth_asym_id                      A 
_pdbx_distant_solvent_atoms.auth_comp_id                      HOH 
_pdbx_distant_solvent_atoms.auth_seq_id                       247 
_pdbx_distant_solvent_atoms.PDB_ins_code                      ? 
_pdbx_distant_solvent_atoms.neighbor_macromolecule_distance   6.05 
_pdbx_distant_solvent_atoms.neighbor_ligand_distance          . 
# 
loop_
_chem_comp_atom.comp_id 
_chem_comp_atom.atom_id 
_chem_comp_atom.type_symbol 
_chem_comp_atom.pdbx_aromatic_flag 
_chem_comp_atom.pdbx_stereo_config 
_chem_comp_atom.pdbx_ordinal 
BRU N1     N  N N 1   
BRU C2     C  N N 2   
BRU N3     N  N N 3   
BRU C4     C  N N 4   
BRU C5     C  N N 5   
BRU C6     C  N N 6   
BRU O2     O  N N 7   
BRU O4     O  N N 8   
BRU BR     BR N N 9   
BRU "C1'"  C  N R 10  
BRU "C2'"  C  N N 11  
BRU "C3'"  C  N S 12  
BRU "C4'"  C  N R 13  
BRU "O3'"  O  N N 14  
BRU "O4'"  O  N N 15  
BRU "C5'"  C  N N 16  
BRU "O5'"  O  N N 17  
BRU P      P  N N 18  
BRU OP1    O  N N 19  
BRU OP2    O  N N 20  
BRU OP3    O  N N 21  
BRU HN3    H  N N 22  
BRU H6     H  N N 23  
BRU "H1'"  H  N N 24  
BRU "H2'"  H  N N 25  
BRU "H2''" H  N N 26  
BRU "H3'"  H  N N 27  
BRU "H4'"  H  N N 28  
BRU "HO3'" H  N N 29  
BRU "H5'"  H  N N 30  
BRU "H5''" H  N N 31  
BRU HOP2   H  N N 32  
BRU HOP3   H  N N 33  
DA  OP3    O  N N 34  
DA  P      P  N N 35  
DA  OP1    O  N N 36  
DA  OP2    O  N N 37  
DA  "O5'"  O  N N 38  
DA  "C5'"  C  N N 39  
DA  "C4'"  C  N R 40  
DA  "O4'"  O  N N 41  
DA  "C3'"  C  N S 42  
DA  "O3'"  O  N N 43  
DA  "C2'"  C  N N 44  
DA  "C1'"  C  N R 45  
DA  N9     N  Y N 46  
DA  C8     C  Y N 47  
DA  N7     N  Y N 48  
DA  C5     C  Y N 49  
DA  C6     C  Y N 50  
DA  N6     N  N N 51  
DA  N1     N  Y N 52  
DA  C2     C  Y N 53  
DA  N3     N  Y N 54  
DA  C4     C  Y N 55  
DA  HOP3   H  N N 56  
DA  HOP2   H  N N 57  
DA  "H5'"  H  N N 58  
DA  "H5''" H  N N 59  
DA  "H4'"  H  N N 60  
DA  "H3'"  H  N N 61  
DA  "HO3'" H  N N 62  
DA  "H2'"  H  N N 63  
DA  "H2''" H  N N 64  
DA  "H1'"  H  N N 65  
DA  H8     H  N N 66  
DA  H61    H  N N 67  
DA  H62    H  N N 68  
DA  H2     H  N N 69  
DC  OP3    O  N N 70  
DC  P      P  N N 71  
DC  OP1    O  N N 72  
DC  OP2    O  N N 73  
DC  "O5'"  O  N N 74  
DC  "C5'"  C  N N 75  
DC  "C4'"  C  N R 76  
DC  "O4'"  O  N N 77  
DC  "C3'"  C  N S 78  
DC  "O3'"  O  N N 79  
DC  "C2'"  C  N N 80  
DC  "C1'"  C  N R 81  
DC  N1     N  N N 82  
DC  C2     C  N N 83  
DC  O2     O  N N 84  
DC  N3     N  N N 85  
DC  C4     C  N N 86  
DC  N4     N  N N 87  
DC  C5     C  N N 88  
DC  C6     C  N N 89  
DC  HOP3   H  N N 90  
DC  HOP2   H  N N 91  
DC  "H5'"  H  N N 92  
DC  "H5''" H  N N 93  
DC  "H4'"  H  N N 94  
DC  "H3'"  H  N N 95  
DC  "HO3'" H  N N 96  
DC  "H2'"  H  N N 97  
DC  "H2''" H  N N 98  
DC  "H1'"  H  N N 99  
DC  H41    H  N N 100 
DC  H42    H  N N 101 
DC  H5     H  N N 102 
DC  H6     H  N N 103 
DG  OP3    O  N N 104 
DG  P      P  N N 105 
DG  OP1    O  N N 106 
DG  OP2    O  N N 107 
DG  "O5'"  O  N N 108 
DG  "C5'"  C  N N 109 
DG  "C4'"  C  N R 110 
DG  "O4'"  O  N N 111 
DG  "C3'"  C  N S 112 
DG  "O3'"  O  N N 113 
DG  "C2'"  C  N N 114 
DG  "C1'"  C  N R 115 
DG  N9     N  Y N 116 
DG  C8     C  Y N 117 
DG  N7     N  Y N 118 
DG  C5     C  Y N 119 
DG  C6     C  N N 120 
DG  O6     O  N N 121 
DG  N1     N  N N 122 
DG  C2     C  N N 123 
DG  N2     N  N N 124 
DG  N3     N  N N 125 
DG  C4     C  Y N 126 
DG  HOP3   H  N N 127 
DG  HOP2   H  N N 128 
DG  "H5'"  H  N N 129 
DG  "H5''" H  N N 130 
DG  "H4'"  H  N N 131 
DG  "H3'"  H  N N 132 
DG  "HO3'" H  N N 133 
DG  "H2'"  H  N N 134 
DG  "H2''" H  N N 135 
DG  "H1'"  H  N N 136 
DG  H8     H  N N 137 
DG  H1     H  N N 138 
DG  H21    H  N N 139 
DG  H22    H  N N 140 
HOH O      O  N N 141 
HOH H1     H  N N 142 
HOH H2     H  N N 143 
K   K      K  N N 144 
NA  NA     NA N N 145 
NCO CO     CO N N 146 
NCO N1     N  N N 147 
NCO N2     N  N N 148 
NCO N3     N  N N 149 
NCO N4     N  N N 150 
NCO N5     N  N N 151 
NCO N6     N  N N 152 
NCO HN11   H  N N 153 
NCO HN12   H  N N 154 
NCO HN13   H  N N 155 
NCO HN21   H  N N 156 
NCO HN22   H  N N 157 
NCO HN23   H  N N 158 
NCO HN31   H  N N 159 
NCO HN32   H  N N 160 
NCO HN33   H  N N 161 
NCO HN41   H  N N 162 
NCO HN42   H  N N 163 
NCO HN43   H  N N 164 
NCO HN51   H  N N 165 
NCO HN52   H  N N 166 
NCO HN53   H  N N 167 
NCO HN61   H  N N 168 
NCO HN62   H  N N 169 
NCO HN63   H  N N 170 
# 
loop_
_chem_comp_bond.comp_id 
_chem_comp_bond.atom_id_1 
_chem_comp_bond.atom_id_2 
_chem_comp_bond.value_order 
_chem_comp_bond.pdbx_aromatic_flag 
_chem_comp_bond.pdbx_stereo_config 
_chem_comp_bond.pdbx_ordinal 
BRU N1    C2     sing N N 1   
BRU N1    C6     sing N N 2   
BRU N1    "C1'"  sing N N 3   
BRU C2    N3     sing N N 4   
BRU C2    O2     doub N N 5   
BRU N3    C4     sing N N 6   
BRU N3    HN3    sing N N 7   
BRU C4    C5     sing N N 8   
BRU C4    O4     doub N N 9   
BRU C5    C6     doub N N 10  
BRU C5    BR     sing N N 11  
BRU C6    H6     sing N N 12  
BRU "C1'" "C2'"  sing N N 13  
BRU "C1'" "O4'"  sing N N 14  
BRU "C1'" "H1'"  sing N N 15  
BRU "C2'" "C3'"  sing N N 16  
BRU "C2'" "H2'"  sing N N 17  
BRU "C2'" "H2''" sing N N 18  
BRU "C3'" "C4'"  sing N N 19  
BRU "C3'" "O3'"  sing N N 20  
BRU "C3'" "H3'"  sing N N 21  
BRU "C4'" "O4'"  sing N N 22  
BRU "C4'" "C5'"  sing N N 23  
BRU "C4'" "H4'"  sing N N 24  
BRU "O3'" "HO3'" sing N N 25  
BRU "C5'" "O5'"  sing N N 26  
BRU "C5'" "H5'"  sing N N 27  
BRU "C5'" "H5''" sing N N 28  
BRU "O5'" P      sing N N 29  
BRU P     OP1    doub N N 30  
BRU P     OP2    sing N N 31  
BRU P     OP3    sing N N 32  
BRU OP2   HOP2   sing N N 33  
BRU OP3   HOP3   sing N N 34  
DA  OP3   P      sing N N 35  
DA  OP3   HOP3   sing N N 36  
DA  P     OP1    doub N N 37  
DA  P     OP2    sing N N 38  
DA  P     "O5'"  sing N N 39  
DA  OP2   HOP2   sing N N 40  
DA  "O5'" "C5'"  sing N N 41  
DA  "C5'" "C4'"  sing N N 42  
DA  "C5'" "H5'"  sing N N 43  
DA  "C5'" "H5''" sing N N 44  
DA  "C4'" "O4'"  sing N N 45  
DA  "C4'" "C3'"  sing N N 46  
DA  "C4'" "H4'"  sing N N 47  
DA  "O4'" "C1'"  sing N N 48  
DA  "C3'" "O3'"  sing N N 49  
DA  "C3'" "C2'"  sing N N 50  
DA  "C3'" "H3'"  sing N N 51  
DA  "O3'" "HO3'" sing N N 52  
DA  "C2'" "C1'"  sing N N 53  
DA  "C2'" "H2'"  sing N N 54  
DA  "C2'" "H2''" sing N N 55  
DA  "C1'" N9     sing N N 56  
DA  "C1'" "H1'"  sing N N 57  
DA  N9    C8     sing Y N 58  
DA  N9    C4     sing Y N 59  
DA  C8    N7     doub Y N 60  
DA  C8    H8     sing N N 61  
DA  N7    C5     sing Y N 62  
DA  C5    C6     sing Y N 63  
DA  C5    C4     doub Y N 64  
DA  C6    N6     sing N N 65  
DA  C6    N1     doub Y N 66  
DA  N6    H61    sing N N 67  
DA  N6    H62    sing N N 68  
DA  N1    C2     sing Y N 69  
DA  C2    N3     doub Y N 70  
DA  C2    H2     sing N N 71  
DA  N3    C4     sing Y N 72  
DC  OP3   P      sing N N 73  
DC  OP3   HOP3   sing N N 74  
DC  P     OP1    doub N N 75  
DC  P     OP2    sing N N 76  
DC  P     "O5'"  sing N N 77  
DC  OP2   HOP2   sing N N 78  
DC  "O5'" "C5'"  sing N N 79  
DC  "C5'" "C4'"  sing N N 80  
DC  "C5'" "H5'"  sing N N 81  
DC  "C5'" "H5''" sing N N 82  
DC  "C4'" "O4'"  sing N N 83  
DC  "C4'" "C3'"  sing N N 84  
DC  "C4'" "H4'"  sing N N 85  
DC  "O4'" "C1'"  sing N N 86  
DC  "C3'" "O3'"  sing N N 87  
DC  "C3'" "C2'"  sing N N 88  
DC  "C3'" "H3'"  sing N N 89  
DC  "O3'" "HO3'" sing N N 90  
DC  "C2'" "C1'"  sing N N 91  
DC  "C2'" "H2'"  sing N N 92  
DC  "C2'" "H2''" sing N N 93  
DC  "C1'" N1     sing N N 94  
DC  "C1'" "H1'"  sing N N 95  
DC  N1    C2     sing N N 96  
DC  N1    C6     sing N N 97  
DC  C2    O2     doub N N 98  
DC  C2    N3     sing N N 99  
DC  N3    C4     doub N N 100 
DC  C4    N4     sing N N 101 
DC  C4    C5     sing N N 102 
DC  N4    H41    sing N N 103 
DC  N4    H42    sing N N 104 
DC  C5    C6     doub N N 105 
DC  C5    H5     sing N N 106 
DC  C6    H6     sing N N 107 
DG  OP3   P      sing N N 108 
DG  OP3   HOP3   sing N N 109 
DG  P     OP1    doub N N 110 
DG  P     OP2    sing N N 111 
DG  P     "O5'"  sing N N 112 
DG  OP2   HOP2   sing N N 113 
DG  "O5'" "C5'"  sing N N 114 
DG  "C5'" "C4'"  sing N N 115 
DG  "C5'" "H5'"  sing N N 116 
DG  "C5'" "H5''" sing N N 117 
DG  "C4'" "O4'"  sing N N 118 
DG  "C4'" "C3'"  sing N N 119 
DG  "C4'" "H4'"  sing N N 120 
DG  "O4'" "C1'"  sing N N 121 
DG  "C3'" "O3'"  sing N N 122 
DG  "C3'" "C2'"  sing N N 123 
DG  "C3'" "H3'"  sing N N 124 
DG  "O3'" "HO3'" sing N N 125 
DG  "C2'" "C1'"  sing N N 126 
DG  "C2'" "H2'"  sing N N 127 
DG  "C2'" "H2''" sing N N 128 
DG  "C1'" N9     sing N N 129 
DG  "C1'" "H1'"  sing N N 130 
DG  N9    C8     sing Y N 131 
DG  N9    C4     sing Y N 132 
DG  C8    N7     doub Y N 133 
DG  C8    H8     sing N N 134 
DG  N7    C5     sing Y N 135 
DG  C5    C6     sing N N 136 
DG  C5    C4     doub Y N 137 
DG  C6    O6     doub N N 138 
DG  C6    N1     sing N N 139 
DG  N1    C2     sing N N 140 
DG  N1    H1     sing N N 141 
DG  C2    N2     sing N N 142 
DG  C2    N3     doub N N 143 
DG  N2    H21    sing N N 144 
DG  N2    H22    sing N N 145 
DG  N3    C4     sing N N 146 
HOH O     H1     sing N N 147 
HOH O     H2     sing N N 148 
NCO CO    N1     sing N N 149 
NCO CO    N2     sing N N 150 
NCO CO    N3     sing N N 151 
NCO CO    N4     sing N N 152 
NCO CO    N5     sing N N 153 
NCO CO    N6     sing N N 154 
NCO N1    HN11   sing N N 155 
NCO N1    HN12   sing N N 156 
NCO N1    HN13   sing N N 157 
NCO N2    HN21   sing N N 158 
NCO N2    HN22   sing N N 159 
NCO N2    HN23   sing N N 160 
NCO N3    HN31   sing N N 161 
NCO N3    HN32   sing N N 162 
NCO N3    HN33   sing N N 163 
NCO N4    HN41   sing N N 164 
NCO N4    HN42   sing N N 165 
NCO N4    HN43   sing N N 166 
NCO N5    HN51   sing N N 167 
NCO N5    HN52   sing N N 168 
NCO N5    HN53   sing N N 169 
NCO N6    HN61   sing N N 170 
NCO N6    HN62   sing N N 171 
NCO N6    HN63   sing N N 172 
# 
loop_
_ndb_struct_conf_na.entry_id 
_ndb_struct_conf_na.feature 
6JJE 'double helix'        
6JJE 'z-form double helix' 
6JJE 'parallel strands'    
6JJE 'hairpin loop'        
# 
loop_
_ndb_struct_na_base_pair.model_number 
_ndb_struct_na_base_pair.i_label_asym_id 
_ndb_struct_na_base_pair.i_label_comp_id 
_ndb_struct_na_base_pair.i_label_seq_id 
_ndb_struct_na_base_pair.i_symmetry 
_ndb_struct_na_base_pair.j_label_asym_id 
_ndb_struct_na_base_pair.j_label_comp_id 
_ndb_struct_na_base_pair.j_label_seq_id 
_ndb_struct_na_base_pair.j_symmetry 
_ndb_struct_na_base_pair.shear 
_ndb_struct_na_base_pair.stretch 
_ndb_struct_na_base_pair.stagger 
_ndb_struct_na_base_pair.buckle 
_ndb_struct_na_base_pair.propeller 
_ndb_struct_na_base_pair.opening 
_ndb_struct_na_base_pair.pair_number 
_ndb_struct_na_base_pair.pair_name 
_ndb_struct_na_base_pair.i_auth_asym_id 
_ndb_struct_na_base_pair.i_auth_seq_id 
_ndb_struct_na_base_pair.i_PDB_ins_code 
_ndb_struct_na_base_pair.j_auth_asym_id 
_ndb_struct_na_base_pair.j_auth_seq_id 
_ndb_struct_na_base_pair.j_PDB_ins_code 
_ndb_struct_na_base_pair.hbond_type_28 
_ndb_struct_na_base_pair.hbond_type_12 
1 A DC 5  1_555 B DC 5  1_555 -1.887 -1.266 -0.085 -3.498 -9.323 -178.871 1 A_DC5:DC5_B   A 5  ? B 5  ? 15 2 
1 B DG 2  1_555 B DG 6  1_555 1.797  3.363  0.002  6.381  -4.376 -87.909  2 B_DG2:DG6_B   B 2  ? B 6  ? 6  3 
1 A DG 7  1_555 B DG 1  1_555 -1.498 -3.474 -0.178 3.531  1.977  91.099   3 A_DG7:DG1_B   A 7  ? B 1  ? 6  3 
1 B DG 12 1_555 B DG 9  1_555 -1.526 -3.508 -0.022 2.311  -0.273 90.619   4 B_DG12:DG9_B  B 12 ? B 9  ? 6  3 
1 A DG 13 1_555 B DG 10 1_555 1.632  3.394  -0.138 3.436  3.212  -91.682  5 A_DG13:DG10_B A 13 ? B 10 ? 6  3 
1 B DG 13 1_555 A DG 10 1_555 -1.653 3.389  0.109  -4.969 3.764  91.817   6 B_DG13:DG10_A B 13 ? A 10 ? 6  3 
1 A DG 12 1_555 A DG 9  1_555 1.528  -3.528 -0.017 -3.361 2.309  -89.598  7 A_DG12:DG9_A  A 12 ? A 9  ? 6  3 
1 B DG 7  1_555 A DG 1  1_555 1.517  -3.479 0.184  -6.238 -1.510 -90.070  8 B_DG7:DG1_A   B 7  ? A 1  ? 6  3 
# 
loop_
_ndb_struct_na_base_pair_step.model_number 
_ndb_struct_na_base_pair_step.i_label_asym_id_1 
_ndb_struct_na_base_pair_step.i_label_comp_id_1 
_ndb_struct_na_base_pair_step.i_label_seq_id_1 
_ndb_struct_na_base_pair_step.i_symmetry_1 
_ndb_struct_na_base_pair_step.j_label_asym_id_1 
_ndb_struct_na_base_pair_step.j_label_comp_id_1 
_ndb_struct_na_base_pair_step.j_label_seq_id_1 
_ndb_struct_na_base_pair_step.j_symmetry_1 
_ndb_struct_na_base_pair_step.i_label_asym_id_2 
_ndb_struct_na_base_pair_step.i_label_comp_id_2 
_ndb_struct_na_base_pair_step.i_label_seq_id_2 
_ndb_struct_na_base_pair_step.i_symmetry_2 
_ndb_struct_na_base_pair_step.j_label_asym_id_2 
_ndb_struct_na_base_pair_step.j_label_comp_id_2 
_ndb_struct_na_base_pair_step.j_label_seq_id_2 
_ndb_struct_na_base_pair_step.j_symmetry_2 
_ndb_struct_na_base_pair_step.shift 
_ndb_struct_na_base_pair_step.slide 
_ndb_struct_na_base_pair_step.rise 
_ndb_struct_na_base_pair_step.tilt 
_ndb_struct_na_base_pair_step.roll 
_ndb_struct_na_base_pair_step.twist 
_ndb_struct_na_base_pair_step.x_displacement 
_ndb_struct_na_base_pair_step.y_displacement 
_ndb_struct_na_base_pair_step.helical_rise 
_ndb_struct_na_base_pair_step.inclination 
_ndb_struct_na_base_pair_step.tip 
_ndb_struct_na_base_pair_step.helical_twist 
_ndb_struct_na_base_pair_step.step_number 
_ndb_struct_na_base_pair_step.step_name 
_ndb_struct_na_base_pair_step.i_auth_asym_id_1 
_ndb_struct_na_base_pair_step.i_auth_seq_id_1 
_ndb_struct_na_base_pair_step.i_PDB_ins_code_1 
_ndb_struct_na_base_pair_step.j_auth_asym_id_1 
_ndb_struct_na_base_pair_step.j_auth_seq_id_1 
_ndb_struct_na_base_pair_step.j_PDB_ins_code_1 
_ndb_struct_na_base_pair_step.i_auth_asym_id_2 
_ndb_struct_na_base_pair_step.i_auth_seq_id_2 
_ndb_struct_na_base_pair_step.i_PDB_ins_code_2 
_ndb_struct_na_base_pair_step.j_auth_asym_id_2 
_ndb_struct_na_base_pair_step.j_auth_seq_id_2 
_ndb_struct_na_base_pair_step.j_PDB_ins_code_2 
1 A DC 5  1_555 B DC 5  1_555 B DG 2  1_555 B DG 6  1_555 -3.780 1.973  -3.021 9.417   6.714    30.789  4.676  5.021 -3.501 12.123 
-17.002 32.840  1 AB_DC5DG2:DG6DC5_BB    A 5  ? B 5  ? B 2  ? B 6  ? 
1 B DG 2  1_555 B DG 6  1_555 A DG 7  1_555 B DG 1  1_555 -3.654 -2.774 -1.436 -44.736 -169.172 131.269 -1.518 1.862 0.182  
-84.801 22.425  177.932 2 BA_DG2DG7:DG1DG6_BB    B 2  ? B 6  ? A 7  ? B 1  ? 
1 A DG 7  1_555 B DG 1  1_555 B DG 12 1_555 B DG 9  1_555 0.386  1.100  3.460  -2.747  -3.579   -38.126 -1.192 0.218 3.563  5.455 
-4.187  -38.383 3 AB_DG7DG12:DG9DG1_BB   A 7  ? B 1  ? B 12 ? B 9  ? 
1 B DG 12 1_555 B DG 9  1_555 A DG 13 1_555 B DG 10 1_555 0.823  1.462  3.407  -2.197  -2.245   -53.653 -1.470 0.766 3.489  2.485 
-2.431  -53.738 4 BA_DG12DG13:DG10DG9_BB B 12 ? B 9  ? A 13 ? B 10 ? 
1 B DG 13 1_555 A DG 10 1_555 A DG 12 1_555 A DG 9  1_555 0.801  -1.417 3.432  -2.599  1.824    -53.251 1.456  0.717 3.508  -2.032 
-2.897  -53.338 5 BA_DG13DG12:DG9DG10_AA B 13 ? A 10 ? A 12 ? A 9  ? 
1 A DG 12 1_555 A DG 9  1_555 B DG 7  1_555 A DG 1  1_555 0.369  -1.079 3.363  -2.375  3.309    -38.356 1.206  0.251 3.456  -5.019 
-3.603  -38.564 6 AB_DG12DG7:DG1DG9_AA   A 12 ? A 9  ? B 7  ? A 1  ? 
# 
_pdbx_audit_support.funding_organization   'National Natural Science Foundation of China' 
_pdbx_audit_support.country                China 
_pdbx_audit_support.grant_number           31672558 
_pdbx_audit_support.ordinal                1 
# 
loop_
_pdbx_entity_instance_feature.ordinal 
_pdbx_entity_instance_feature.comp_id 
_pdbx_entity_instance_feature.asym_id 
_pdbx_entity_instance_feature.seq_num 
_pdbx_entity_instance_feature.auth_comp_id 
_pdbx_entity_instance_feature.auth_asym_id 
_pdbx_entity_instance_feature.auth_seq_num 
_pdbx_entity_instance_feature.feature_type 
_pdbx_entity_instance_feature.details 
1 BRU ? ? BRU ? ? 'SUBJECT OF INVESTIGATION' ? 
2 K   ? ? K   ? ? 'SUBJECT OF INVESTIGATION' ? 
3 NA  ? ? NA  ? ? 'SUBJECT OF INVESTIGATION' ? 
4 NCO ? ? NCO ? ? 'SUBJECT OF INVESTIGATION' ? 
# 
loop_
_pdbx_entity_nonpoly.entity_id 
_pdbx_entity_nonpoly.name 
_pdbx_entity_nonpoly.comp_id 
2 'POTASSIUM ION'         K   
3 'COBALT HEXAMMINE(III)' NCO 
4 'SODIUM ION'            NA  
5 water                   HOH 
# 
_pdbx_initial_refinement_model.id               1 
_pdbx_initial_refinement_model.entity_id_list   ? 
_pdbx_initial_refinement_model.type             'experimental model' 
_pdbx_initial_refinement_model.source_name      PDB 
_pdbx_initial_refinement_model.accession_code   6JJF 
_pdbx_initial_refinement_model.details          ? 
# 
_pdbx_struct_assembly_auth_evidence.id                     1 
_pdbx_struct_assembly_auth_evidence.assembly_id            1 
_pdbx_struct_assembly_auth_evidence.experimental_support   'native gel electrophoresis' 
_pdbx_struct_assembly_auth_evidence.details                dimer 
# 
